data_9UU3
#
_entry.id   9UU3
#
_cell.length_a   1.00
_cell.length_b   1.00
_cell.length_c   1.00
_cell.angle_alpha   90.00
_cell.angle_beta   90.00
_cell.angle_gamma   90.00
#
_symmetry.space_group_name_H-M   'P 1'
#
loop_
_entity.id
_entity.type
_entity.pdbx_description
1 polymer 'Protein ECERIFERUM 26-like'
2 polymer '3-ketoacyl-CoA synthase'
3 non-polymer 'COENZYME A'
#
loop_
_entity_poly.entity_id
_entity_poly.type
_entity_poly.pdbx_seq_one_letter_code
_entity_poly.pdbx_strand_id
1 'polypeptide(L)'
;DYKDDDDKMVFEQHEEEAVAPGAVHGHRLSTVVPSSVTGEVDYALADADLAFKLHYLRGVYYYRSGDGLATKVLKDPMFP
WLDDHFPVAGRVRRAEAEGDGAPRRPYIKCNDCGVRIVEARCDRDMAEWIRDAAPGRIRQLCYDKVLGPELFFSPLLYVQ
ITNFKCGGLALGFSWAHLIGDIPSAATCFNKWAQILSGKKPEATVLTPPNQPLQGQSPAAPRSVKQVGPMEDLWLVPAGR
DMACYSFHVSDAVLKKLHQQQNGRQDAAAGTFELVSALVWQAVAKIRGDVDTVTVVRADAAARSGKSLANEMKVGYVESA
GSSPAKTDVAELAALLAKNVVDETAAVAAFQGDVLVYGGANLTLVDMEQVDLYGLEIKGQRPVYVEYGMDGVGDEGAVLV
QPDADGRGRLVTVVLPGDEIDSLRAALGSALHVA
;
A,D
2 'polypeptide(L)'
;HHHHHHMPSGGVFSGSVNLKHVKLGYQYLVNHFLTLLLVPVMAATALELARLGPGELLSLWRSLELDLVHILCSAFLVVF
VGTVYVMSRPRPVYLVDYACYKPPASCRVPFATFMEHTRLISDDDKSVRFQTRILERSGLGEDTCLPPANHYIPPNPSME
ASRAEAQLVIFSAIDDLVRRTGLKPKDIDILVVNCSLFSPTPSLSAMIINKYKLRSNIRSFNLSGMGCSAGLISIDLARD
MLQVHPNSNALVVSTEIITPNFYQGSRRDMLLPNCLFRMGAAAILLSNRRREARRAKYRLVHVVRTHKGADDRAYRCVYE
EEDEQGFSGISLSKELMAIAGDALKSNITTIGPLVLPMSEQLLFFFRLVGRKLVNKGWRPYIPDFKLAFEHFCIHAGGRA
VIDELQKNLQLSPRHVEASRMTLHRFGNTSSSSLWYELAYIEAKGRMRRGDRVWQIGFGSGFKCNSAVWKCLRSIKTPTN
GPWDDCIHRYPVDVPEVVKL
;
C,B
#
# COMPACT_ATOMS: atom_id res chain seq x y z
N GLY A 22 8.98 24.79 19.54
CA GLY A 22 9.40 24.40 20.88
C GLY A 22 8.29 23.76 21.69
N ALA A 23 7.25 23.29 20.99
CA ALA A 23 6.12 22.65 21.62
C ALA A 23 6.20 21.14 21.44
N VAL A 24 5.26 20.42 22.06
CA VAL A 24 5.21 18.98 21.94
C VAL A 24 4.46 18.59 20.68
N HIS A 25 4.84 17.46 20.10
CA HIS A 25 4.27 17.01 18.85
C HIS A 25 4.41 15.50 18.74
N GLY A 26 3.74 14.93 17.75
CA GLY A 26 3.76 13.51 17.53
C GLY A 26 2.94 12.75 18.56
N HIS A 27 1.70 13.18 18.77
CA HIS A 27 0.85 12.59 19.79
C HIS A 27 0.33 11.22 19.35
N ARG A 28 1.14 10.17 19.56
CA ARG A 28 0.71 8.82 19.25
C ARG A 28 -0.14 8.29 20.40
N LEU A 29 -1.43 8.07 20.13
CA LEU A 29 -2.34 7.58 21.14
C LEU A 29 -2.34 6.06 21.18
N SER A 30 -2.65 5.51 22.35
CA SER A 30 -2.71 4.07 22.53
C SER A 30 -3.74 3.77 23.60
N THR A 31 -3.76 2.52 24.07
CA THR A 31 -4.70 2.09 25.10
C THR A 31 -4.13 0.88 25.80
N VAL A 32 -4.00 0.95 27.13
CA VAL A 32 -3.66 -0.20 27.96
C VAL A 32 -4.89 -0.63 28.72
N VAL A 33 -5.13 -1.94 28.75
CA VAL A 33 -6.37 -2.52 29.29
C VAL A 33 -6.01 -3.34 30.51
N PRO A 34 -6.97 -3.73 31.36
CA PRO A 34 -6.67 -4.73 32.39
C PRO A 34 -6.28 -6.06 31.76
N SER A 35 -5.32 -6.74 32.40
CA SER A 35 -4.81 -7.99 31.86
C SER A 35 -5.76 -9.15 32.05
N SER A 36 -6.79 -8.99 32.89
CA SER A 36 -7.76 -10.05 33.11
C SER A 36 -9.17 -9.50 32.90
N VAL A 37 -10.06 -10.37 32.44
CA VAL A 37 -11.44 -10.00 32.22
C VAL A 37 -12.14 -9.85 33.57
N THR A 38 -12.83 -8.73 33.74
CA THR A 38 -13.53 -8.47 34.99
C THR A 38 -15.00 -8.86 34.95
N GLY A 39 -15.56 -9.15 33.78
CA GLY A 39 -16.96 -9.46 33.68
C GLY A 39 -17.82 -8.23 33.83
N GLU A 40 -19.12 -8.45 33.99
CA GLU A 40 -20.05 -7.34 34.19
C GLU A 40 -19.94 -6.89 35.65
N VAL A 41 -19.46 -5.67 35.85
CA VAL A 41 -19.31 -5.06 37.17
C VAL A 41 -19.85 -3.65 37.08
N ASP A 42 -20.63 -3.25 38.09
CA ASP A 42 -21.09 -1.88 38.20
C ASP A 42 -20.46 -1.29 39.46
N TYR A 43 -19.31 -0.63 39.28
CA TYR A 43 -18.71 0.11 40.38
C TYR A 43 -19.54 1.34 40.66
N ALA A 44 -20.46 1.25 41.62
CA ALA A 44 -21.38 2.34 41.88
C ALA A 44 -20.66 3.49 42.57
N LEU A 45 -20.80 4.68 42.01
CA LEU A 45 -20.13 5.85 42.55
C LEU A 45 -20.88 6.37 43.75
N ALA A 46 -20.12 6.92 44.71
CA ALA A 46 -20.69 7.46 45.91
C ALA A 46 -21.27 8.85 45.65
N ASP A 47 -21.88 9.43 46.68
CA ASP A 47 -22.41 10.78 46.57
C ASP A 47 -21.30 11.81 46.46
N ALA A 48 -20.24 11.64 47.26
CA ALA A 48 -19.07 12.51 47.14
C ALA A 48 -18.28 12.23 45.88
N ASP A 49 -18.46 11.04 45.27
CA ASP A 49 -17.85 10.79 43.97
C ASP A 49 -18.49 11.65 42.89
N LEU A 50 -19.82 11.77 42.91
CA LEU A 50 -20.52 12.58 41.92
C LEU A 50 -20.51 14.06 42.27
N ALA A 51 -20.19 14.41 43.52
CA ALA A 51 -20.09 15.82 43.87
C ALA A 51 -18.84 16.48 43.31
N PHE A 52 -17.85 15.70 42.89
CA PHE A 52 -16.57 16.21 42.41
C PHE A 52 -16.32 15.86 40.95
N LYS A 53 -17.38 15.70 40.16
CA LYS A 53 -17.22 15.15 38.82
C LYS A 53 -16.75 16.17 37.80
N LEU A 54 -16.93 17.46 38.07
CA LEU A 54 -16.64 18.50 37.08
C LEU A 54 -15.19 18.96 37.12
N HIS A 55 -14.33 18.32 37.91
CA HIS A 55 -12.94 18.71 38.04
C HIS A 55 -12.02 17.62 37.51
N TYR A 56 -10.80 18.00 37.16
CA TYR A 56 -9.86 17.10 36.51
C TYR A 56 -8.46 17.38 37.01
N LEU A 57 -7.82 16.37 37.60
CA LEU A 57 -6.42 16.50 37.98
C LEU A 57 -5.54 16.45 36.75
N ARG A 58 -4.57 17.37 36.70
CA ARG A 58 -3.60 17.44 35.60
C ARG A 58 -2.22 17.38 36.23
N GLY A 59 -1.65 16.18 36.32
CA GLY A 59 -0.39 16.03 37.01
C GLY A 59 0.77 15.49 36.20
N VAL A 60 1.89 16.19 36.22
CA VAL A 60 3.07 15.76 35.49
C VAL A 60 4.18 15.42 36.49
N TYR A 61 5.11 14.57 36.05
CA TYR A 61 6.23 14.10 36.87
C TYR A 61 7.48 14.16 36.01
N TYR A 62 8.39 15.07 36.31
CA TYR A 62 9.60 15.22 35.52
C TYR A 62 10.71 14.32 36.04
N TYR A 63 11.60 13.91 35.12
CA TYR A 63 12.72 13.06 35.46
C TYR A 63 13.96 13.53 34.72
N ARG A 64 15.13 13.41 35.37
CA ARG A 64 16.36 13.92 34.78
C ARG A 64 16.87 13.03 33.65
N SER A 65 16.45 11.78 33.59
CA SER A 65 16.92 10.87 32.55
C SER A 65 15.86 9.81 32.31
N GLY A 66 15.65 9.46 31.04
CA GLY A 66 14.70 8.44 30.68
C GLY A 66 15.34 7.29 29.92
N ASP A 67 16.58 6.95 30.29
CA ASP A 67 17.30 5.89 29.62
C ASP A 67 16.75 4.53 30.02
N GLY A 68 16.63 3.64 29.03
CA GLY A 68 16.04 2.34 29.27
C GLY A 68 14.57 2.38 29.57
N LEU A 69 13.88 3.44 29.17
CA LEU A 69 12.48 3.67 29.50
C LEU A 69 11.68 3.97 28.25
N ALA A 70 11.83 3.13 27.23
CA ALA A 70 11.01 3.22 26.04
C ALA A 70 9.57 2.87 26.37
N THR A 71 8.65 3.28 25.48
CA THR A 71 7.24 3.13 25.79
C THR A 71 6.69 1.74 25.49
N LYS A 72 7.38 0.71 25.96
CA LYS A 72 6.79 -0.62 26.08
C LYS A 72 7.08 -1.10 27.50
N VAL A 73 8.19 -0.66 28.08
CA VAL A 73 8.51 -0.97 29.47
C VAL A 73 7.84 0.01 30.42
N LEU A 74 7.29 1.11 29.91
CA LEU A 74 6.41 1.96 30.69
C LEU A 74 4.95 1.57 30.56
N LYS A 75 4.61 0.77 29.55
CA LYS A 75 3.23 0.34 29.32
C LYS A 75 2.96 -1.06 29.83
N ASP A 76 3.95 -1.95 29.82
CA ASP A 76 3.77 -3.32 30.28
C ASP A 76 3.43 -3.47 31.77
N PRO A 77 3.95 -2.65 32.71
CA PRO A 77 3.39 -2.72 34.08
C PRO A 77 1.98 -2.20 34.22
N MET A 78 1.42 -1.49 33.23
CA MET A 78 0.08 -0.96 33.38
C MET A 78 -0.98 -2.04 33.24
N PHE A 79 -0.65 -3.18 32.64
CA PHE A 79 -1.63 -4.27 32.57
C PHE A 79 -1.84 -4.97 33.90
N PRO A 80 -0.82 -5.31 34.72
CA PRO A 80 -1.13 -5.78 36.07
C PRO A 80 -1.54 -4.67 37.03
N TRP A 81 -1.20 -3.42 36.75
CA TRP A 81 -1.62 -2.32 37.61
C TRP A 81 -3.12 -2.08 37.49
N LEU A 82 -3.67 -2.23 36.28
CA LEU A 82 -5.09 -2.01 36.08
C LEU A 82 -5.94 -3.20 36.52
N ASP A 83 -5.32 -4.32 36.87
CA ASP A 83 -6.07 -5.41 37.49
C ASP A 83 -6.60 -5.01 38.86
N ASP A 84 -5.78 -4.32 39.65
CA ASP A 84 -6.18 -3.90 40.98
C ASP A 84 -7.03 -2.64 40.95
N HIS A 85 -6.91 -1.83 39.90
CA HIS A 85 -7.66 -0.59 39.79
C HIS A 85 -8.55 -0.61 38.55
N PHE A 86 -9.30 -1.68 38.34
CA PHE A 86 -10.18 -1.81 37.18
C PHE A 86 -11.31 -0.78 37.02
N PRO A 87 -11.80 -0.06 38.04
CA PRO A 87 -12.70 1.06 37.71
C PRO A 87 -12.03 2.23 37.02
N VAL A 88 -10.69 2.33 37.04
CA VAL A 88 -10.03 3.40 36.30
C VAL A 88 -10.13 3.15 34.81
N ALA A 89 -10.13 1.88 34.39
CA ALA A 89 -10.30 1.54 32.99
C ALA A 89 -11.75 1.36 32.60
N GLY A 90 -12.69 1.71 33.47
CA GLY A 90 -14.09 1.62 33.15
C GLY A 90 -14.59 2.85 32.43
N ARG A 91 -15.89 2.86 32.16
CA ARG A 91 -16.53 3.97 31.47
C ARG A 91 -17.82 4.32 32.19
N VAL A 92 -18.19 5.59 32.08
CA VAL A 92 -19.40 6.09 32.73
C VAL A 92 -20.62 5.63 31.94
N ARG A 93 -21.61 5.10 32.64
CA ARG A 93 -22.91 4.84 32.05
C ARG A 93 -23.96 5.50 32.94
N ARG A 94 -25.24 5.28 32.65
CA ARG A 94 -26.30 5.82 33.47
C ARG A 94 -27.41 4.78 33.61
N ALA A 95 -27.96 4.69 34.82
CA ALA A 95 -29.05 3.77 35.10
C ALA A 95 -30.39 4.50 34.91
N GLU A 96 -31.47 3.87 35.32
CA GLU A 96 -32.81 4.43 35.23
C GLU A 96 -33.35 4.68 36.64
N ALA A 97 -34.08 5.79 36.79
CA ALA A 97 -34.67 6.15 38.07
C ALA A 97 -35.87 5.24 38.39
N GLU A 98 -36.44 5.45 39.58
CA GLU A 98 -37.55 4.63 40.02
C GLU A 98 -38.85 5.02 39.30
N GLY A 99 -39.29 6.25 39.48
CA GLY A 99 -40.50 6.71 38.80
C GLY A 99 -40.18 7.42 37.51
N ASP A 100 -40.50 8.71 37.43
CA ASP A 100 -40.09 9.52 36.29
C ASP A 100 -38.63 9.90 36.46
N GLY A 101 -37.89 9.90 35.35
CA GLY A 101 -36.46 10.04 35.39
C GLY A 101 -35.93 11.44 35.64
N ALA A 102 -36.28 12.03 36.79
CA ALA A 102 -35.71 13.32 37.14
C ALA A 102 -34.27 13.18 37.63
N PRO A 103 -33.88 12.14 38.44
CA PRO A 103 -32.44 11.82 38.50
C PRO A 103 -32.06 10.69 37.57
N ARG A 104 -30.76 10.56 37.29
CA ARG A 104 -30.23 9.40 36.59
C ARG A 104 -28.83 9.17 37.14
N ARG A 105 -28.73 8.28 38.12
CA ARG A 105 -27.48 8.09 38.85
C ARG A 105 -26.45 7.38 37.99
N PRO A 106 -25.29 7.97 37.74
CA PRO A 106 -24.27 7.30 36.94
C PRO A 106 -23.55 6.22 37.74
N TYR A 107 -22.81 5.39 37.01
CA TYR A 107 -21.97 4.36 37.60
C TYR A 107 -20.87 4.01 36.61
N ILE A 108 -19.71 3.65 37.14
CA ILE A 108 -18.56 3.29 36.30
C ILE A 108 -18.77 1.84 35.85
N LYS A 109 -19.16 1.65 34.60
CA LYS A 109 -19.27 0.31 34.06
C LYS A 109 -17.88 -0.25 33.81
N CYS A 110 -17.53 -1.32 34.51
CA CYS A 110 -16.17 -1.84 34.47
C CYS A 110 -15.95 -2.80 33.31
N ASN A 111 -16.25 -2.35 32.10
CA ASN A 111 -15.69 -3.01 30.94
C ASN A 111 -14.23 -2.60 30.80
N ASP A 112 -13.43 -3.46 30.20
CA ASP A 112 -11.99 -3.23 30.11
C ASP A 112 -11.67 -2.31 28.93
N CYS A 113 -12.18 -1.09 29.02
CA CYS A 113 -12.15 -0.15 27.90
C CYS A 113 -10.84 0.62 27.85
N GLY A 114 -10.11 0.69 28.96
CA GLY A 114 -8.73 1.12 28.94
C GLY A 114 -8.56 2.62 29.16
N VAL A 115 -7.30 3.03 29.19
CA VAL A 115 -6.91 4.41 29.39
C VAL A 115 -5.92 4.80 28.30
N ARG A 116 -5.98 6.06 27.87
CA ARG A 116 -5.15 6.51 26.76
C ARG A 116 -3.71 6.70 27.20
N ILE A 117 -2.79 6.29 26.33
CA ILE A 117 -1.35 6.48 26.53
C ILE A 117 -0.85 7.32 25.37
N VAL A 118 -0.73 8.62 25.58
CA VAL A 118 -0.18 9.51 24.56
C VAL A 118 1.33 9.48 24.67
N GLU A 119 2.01 9.38 23.53
CA GLU A 119 3.47 9.29 23.50
C GLU A 119 4.00 10.46 22.67
N ALA A 120 4.17 11.60 23.32
CA ALA A 120 4.63 12.80 22.63
C ALA A 120 6.16 12.92 22.75
N ARG A 121 6.70 13.99 22.19
CA ARG A 121 8.11 14.30 22.32
C ARG A 121 8.27 15.81 22.21
N CYS A 122 9.28 16.33 22.91
CA CYS A 122 9.59 17.75 22.89
C CYS A 122 11.03 17.95 22.43
N ASP A 123 11.27 19.07 21.76
CA ASP A 123 12.61 19.40 21.27
C ASP A 123 13.31 20.43 22.13
N ARG A 124 12.62 21.03 23.10
CA ARG A 124 13.24 21.98 23.99
C ARG A 124 13.99 21.25 25.10
N ASP A 125 14.87 21.99 25.76
CA ASP A 125 15.55 21.46 26.93
C ASP A 125 14.57 21.43 28.10
N MET A 126 14.66 20.37 28.91
CA MET A 126 13.69 20.18 29.99
C MET A 126 13.97 21.12 31.16
N ALA A 127 15.25 21.33 31.49
CA ALA A 127 15.59 22.14 32.65
C ALA A 127 15.25 23.61 32.44
N GLU A 128 15.38 24.11 31.21
CA GLU A 128 14.95 25.48 30.93
C GLU A 128 13.43 25.59 30.86
N TRP A 129 12.71 24.49 30.63
CA TRP A 129 11.27 24.51 30.74
C TRP A 129 10.80 24.41 32.18
N ILE A 130 11.64 23.87 33.07
CA ILE A 130 11.35 23.96 34.50
C ILE A 130 11.45 25.41 34.96
N ARG A 131 12.48 26.12 34.49
CA ARG A 131 12.65 27.54 34.79
C ARG A 131 11.80 28.35 33.81
N ASP A 132 10.51 28.43 34.10
CA ASP A 132 9.55 29.10 33.23
C ASP A 132 8.54 29.84 34.09
N ALA A 133 8.08 30.99 33.57
CA ALA A 133 7.02 31.76 34.21
C ALA A 133 5.74 31.80 33.41
N ALA A 134 5.78 31.47 32.12
CA ALA A 134 4.57 31.47 31.31
C ALA A 134 3.71 30.27 31.65
N PRO A 135 2.44 30.46 32.01
CA PRO A 135 1.61 29.33 32.44
C PRO A 135 1.16 28.46 31.28
N GLY A 136 2.08 27.67 30.72
CA GLY A 136 1.76 26.79 29.63
C GLY A 136 2.46 25.45 29.73
N ARG A 137 2.82 25.05 30.96
CA ARG A 137 3.50 23.78 31.17
C ARG A 137 2.51 22.63 31.29
N ILE A 138 1.53 22.77 32.19
CA ILE A 138 0.64 21.66 32.47
C ILE A 138 -0.37 21.47 31.35
N ARG A 139 -0.72 22.55 30.63
CA ARG A 139 -1.59 22.40 29.47
C ARG A 139 -0.90 21.71 28.31
N GLN A 140 0.42 21.87 28.20
CA GLN A 140 1.15 21.26 27.10
C GLN A 140 1.58 19.83 27.43
N LEU A 141 2.21 19.64 28.59
CA LEU A 141 2.91 18.40 28.88
C LEU A 141 1.99 17.27 29.31
N CYS A 142 0.74 17.54 29.66
CA CYS A 142 -0.21 16.48 29.91
C CYS A 142 -1.42 16.68 29.02
N TYR A 143 -2.05 15.57 28.66
CA TYR A 143 -3.04 15.55 27.59
C TYR A 143 -4.34 16.18 28.06
N ASP A 144 -4.85 17.15 27.31
CA ASP A 144 -5.95 18.00 27.76
C ASP A 144 -7.26 17.51 27.16
N LYS A 145 -7.80 16.47 27.78
CA LYS A 145 -9.16 16.03 27.49
C LYS A 145 -9.91 15.85 28.80
N VAL A 146 -11.23 15.88 28.70
CA VAL A 146 -12.12 15.81 29.85
C VAL A 146 -13.07 14.65 29.62
N LEU A 147 -14.04 14.47 30.53
CA LEU A 147 -15.16 13.58 30.26
C LEU A 147 -16.07 14.31 29.29
N GLY A 148 -15.73 14.21 28.00
CA GLY A 148 -16.13 15.17 27.01
C GLY A 148 -17.53 14.99 26.46
N PRO A 149 -17.72 15.36 25.19
CA PRO A 149 -19.06 15.27 24.59
C PRO A 149 -19.55 13.84 24.42
N GLU A 150 -18.65 12.89 24.19
CA GLU A 150 -18.99 11.47 24.23
C GLU A 150 -18.69 10.96 25.65
N LEU A 151 -19.66 11.19 26.53
CA LEU A 151 -19.50 10.86 27.94
C LEU A 151 -19.42 9.35 28.16
N PHE A 152 -20.09 8.58 27.32
CA PHE A 152 -20.06 7.13 27.46
C PHE A 152 -18.78 6.52 26.89
N PHE A 153 -17.95 7.32 26.21
CA PHE A 153 -16.71 6.86 25.59
C PHE A 153 -15.57 7.82 25.90
N SER A 154 -15.51 8.33 27.13
CA SER A 154 -14.43 9.21 27.55
C SER A 154 -13.61 8.51 28.62
N PRO A 155 -12.29 8.38 28.43
CA PRO A 155 -11.47 7.69 29.43
C PRO A 155 -11.31 8.51 30.70
N LEU A 156 -11.15 7.79 31.81
CA LEU A 156 -11.01 8.41 33.12
C LEU A 156 -9.57 8.76 33.46
N LEU A 157 -8.61 8.39 32.63
CA LEU A 157 -7.20 8.66 32.87
C LEU A 157 -6.47 8.73 31.54
N TYR A 158 -5.49 9.63 31.45
CA TYR A 158 -4.64 9.77 30.28
C TYR A 158 -3.20 9.90 30.76
N VAL A 159 -2.27 9.30 30.04
CA VAL A 159 -0.84 9.42 30.34
C VAL A 159 -0.14 9.99 29.12
N GLN A 160 0.59 11.08 29.31
CA GLN A 160 1.43 11.65 28.26
C GLN A 160 2.89 11.43 28.64
N ILE A 161 3.63 10.78 27.75
CA ILE A 161 5.01 10.40 27.98
C ILE A 161 5.86 11.15 26.97
N THR A 162 6.41 12.30 27.37
CA THR A 162 7.21 13.11 26.47
C THR A 162 8.70 12.83 26.67
N ASN A 163 9.45 12.96 25.58
CA ASN A 163 10.91 12.82 25.59
C ASN A 163 11.53 14.10 25.08
N PHE A 164 12.50 14.62 25.82
CA PHE A 164 13.10 15.90 25.53
C PHE A 164 14.39 15.72 24.74
N LYS A 165 14.98 16.86 24.34
CA LYS A 165 16.21 16.84 23.56
C LYS A 165 17.39 16.36 24.40
N CYS A 166 17.45 16.82 25.65
CA CYS A 166 18.53 16.39 26.54
C CYS A 166 18.39 14.93 26.93
N GLY A 167 17.15 14.46 27.09
CA GLY A 167 16.90 13.07 27.44
C GLY A 167 16.03 12.89 28.65
N GLY A 168 15.32 13.94 29.04
CA GLY A 168 14.43 13.86 30.19
C GLY A 168 13.16 13.09 29.89
N LEU A 169 12.37 12.90 30.93
CA LEU A 169 11.10 12.20 30.84
C LEU A 169 10.07 12.92 31.68
N ALA A 170 8.85 13.06 31.13
CA ALA A 170 7.79 13.80 31.81
C ALA A 170 6.50 12.98 31.70
N LEU A 171 6.26 12.14 32.71
CA LEU A 171 5.02 11.39 32.78
C LEU A 171 3.91 12.31 33.25
N GLY A 172 2.98 12.62 32.34
CA GLY A 172 1.89 13.52 32.65
C GLY A 172 0.55 12.83 32.75
N PHE A 173 -0.02 12.82 33.95
CA PHE A 173 -1.26 12.11 34.22
C PHE A 173 -2.45 13.07 34.17
N SER A 174 -3.47 12.70 33.42
CA SER A 174 -4.70 13.49 33.31
C SER A 174 -5.80 12.71 34.01
N TRP A 175 -5.91 12.91 35.32
CA TRP A 175 -6.82 12.14 36.15
C TRP A 175 -8.15 12.87 36.26
N ALA A 176 -9.24 12.10 36.25
CA ALA A 176 -10.58 12.63 36.42
C ALA A 176 -10.96 12.55 37.88
N HIS A 177 -11.39 13.68 38.46
CA HIS A 177 -11.74 13.75 39.87
C HIS A 177 -13.04 13.02 40.21
N LEU A 178 -13.74 12.48 39.22
CA LEU A 178 -14.94 11.67 39.48
C LEU A 178 -14.59 10.40 40.23
N ILE A 179 -13.59 9.68 39.75
CA ILE A 179 -13.35 8.33 40.26
C ILE A 179 -12.56 8.34 41.57
N GLY A 180 -11.60 9.25 41.73
CA GLY A 180 -10.84 9.32 42.96
C GLY A 180 -10.16 10.67 43.09
N ASP A 181 -9.83 11.03 44.33
CA ASP A 181 -9.25 12.33 44.60
C ASP A 181 -7.72 12.26 44.53
N ILE A 182 -7.05 13.30 45.00
CA ILE A 182 -5.61 13.46 44.87
C ILE A 182 -4.78 12.45 45.67
N PRO A 183 -5.11 12.06 46.93
CA PRO A 183 -4.40 10.92 47.52
C PRO A 183 -4.63 9.63 46.78
N SER A 184 -5.86 9.37 46.37
CA SER A 184 -6.20 8.16 45.62
C SER A 184 -5.70 8.20 44.19
N ALA A 185 -5.20 9.34 43.71
CA ALA A 185 -4.51 9.39 42.42
C ALA A 185 -3.01 9.20 42.59
N ALA A 186 -2.42 9.90 43.57
CA ALA A 186 -0.98 9.82 43.77
C ALA A 186 -0.55 8.43 44.24
N THR A 187 -1.32 7.82 45.16
CA THR A 187 -0.97 6.47 45.59
C THR A 187 -1.27 5.45 44.50
N CYS A 188 -2.26 5.71 43.65
CA CYS A 188 -2.51 4.82 42.52
C CYS A 188 -1.40 4.89 41.49
N PHE A 189 -0.73 6.02 41.37
CA PHE A 189 0.43 6.09 40.47
C PHE A 189 1.67 5.49 41.15
N ASN A 190 1.76 5.61 42.47
CA ASN A 190 2.79 4.90 43.22
C ASN A 190 2.66 3.39 43.06
N LYS A 191 1.43 2.89 43.02
CA LYS A 191 1.21 1.46 42.86
C LYS A 191 1.56 0.96 41.46
N TRP A 192 1.71 1.85 40.49
CA TRP A 192 2.23 1.46 39.18
C TRP A 192 3.74 1.60 39.13
N ALA A 193 4.28 2.64 39.77
CA ALA A 193 5.74 2.79 39.82
C ALA A 193 6.40 1.69 40.64
N GLN A 194 5.70 1.11 41.60
CA GLN A 194 6.26 0.01 42.37
C GLN A 194 6.33 -1.27 41.53
N ILE A 195 5.32 -1.51 40.69
CA ILE A 195 5.37 -2.64 39.78
C ILE A 195 6.45 -2.42 38.71
N LEU A 196 6.64 -1.16 38.30
CA LEU A 196 7.70 -0.84 37.36
C LEU A 196 9.08 -1.01 38.00
N SER A 197 9.20 -0.76 39.31
CA SER A 197 10.46 -0.93 40.00
C SER A 197 10.73 -2.37 40.41
N GLY A 198 9.81 -3.29 40.15
CA GLY A 198 9.95 -4.68 40.52
C GLY A 198 9.38 -5.03 41.87
N LYS A 199 8.95 -4.05 42.65
CA LYS A 199 8.40 -4.31 43.96
C LYS A 199 7.00 -4.88 43.85
N LYS A 200 6.44 -5.27 44.99
CA LYS A 200 5.06 -5.70 45.05
C LYS A 200 4.25 -4.63 45.77
N PRO A 201 3.26 -4.02 45.13
CA PRO A 201 2.50 -2.96 45.78
C PRO A 201 1.50 -3.53 46.78
N GLU A 202 0.94 -2.63 47.58
CA GLU A 202 -0.10 -3.02 48.52
C GLU A 202 -1.39 -3.33 47.77
N ALA A 203 -2.07 -4.39 48.21
CA ALA A 203 -3.33 -4.76 47.59
C ALA A 203 -4.39 -3.74 47.96
N THR A 204 -4.93 -3.06 46.95
CA THR A 204 -5.90 -2.00 47.19
C THR A 204 -7.28 -2.58 47.42
N VAL A 205 -7.93 -2.12 48.49
CA VAL A 205 -9.34 -2.44 48.69
C VAL A 205 -10.14 -1.60 47.71
N LEU A 206 -11.23 -2.18 47.19
CA LEU A 206 -12.34 -1.40 46.66
C LEU A 206 -13.66 -2.10 46.96
N THR A 207 -13.68 -2.95 47.97
CA THR A 207 -14.74 -3.94 48.21
C THR A 207 -16.07 -3.44 48.79
N PRO A 208 -16.16 -2.51 49.75
CA PRO A 208 -17.50 -2.13 50.23
C PRO A 208 -18.20 -1.23 49.24
N PRO A 209 -19.33 -1.68 48.68
CA PRO A 209 -19.96 -0.94 47.58
C PRO A 209 -20.70 0.30 48.08
N ASN A 210 -20.58 1.38 47.32
CA ASN A 210 -21.21 2.63 47.71
C ASN A 210 -22.72 2.56 47.50
N GLN A 211 -23.44 3.26 48.37
CA GLN A 211 -24.89 3.28 48.33
C GLN A 211 -25.39 4.71 48.40
N PRO A 212 -26.49 5.02 47.70
CA PRO A 212 -27.05 6.38 47.78
C PRO A 212 -27.66 6.66 49.13
N LEU A 213 -27.25 7.76 49.74
CA LEU A 213 -27.74 8.15 51.04
C LEU A 213 -28.99 9.01 50.90
N GLN A 214 -29.93 8.85 51.82
CA GLN A 214 -31.18 9.61 51.81
C GLN A 214 -30.91 11.04 52.25
N GLY A 215 -30.47 11.85 51.29
CA GLY A 215 -30.05 13.21 51.53
C GLY A 215 -30.96 14.25 50.91
N GLN A 216 -30.58 14.69 49.71
CA GLN A 216 -31.12 15.69 48.79
C GLN A 216 -30.78 17.12 49.23
N SER A 217 -30.27 17.32 50.48
CA SER A 217 -29.61 18.49 51.09
C SER A 217 -30.10 19.85 50.61
N PRO A 218 -31.34 20.24 50.92
CA PRO A 218 -31.89 21.49 50.36
C PRO A 218 -31.20 22.75 50.87
N ALA A 219 -30.58 22.70 52.04
CA ALA A 219 -29.71 23.79 52.48
C ALA A 219 -28.42 23.73 51.69
N ALA A 220 -28.26 24.66 50.75
CA ALA A 220 -27.10 24.64 49.87
C ALA A 220 -25.84 25.05 50.63
N PRO A 221 -24.70 24.42 50.34
CA PRO A 221 -23.44 24.85 50.96
C PRO A 221 -23.00 26.22 50.48
N ARG A 222 -22.19 26.87 51.31
CA ARG A 222 -21.60 28.16 50.96
C ARG A 222 -20.26 28.00 50.27
N SER A 223 -19.90 26.78 49.87
CA SER A 223 -18.66 26.52 49.16
C SER A 223 -18.89 26.19 47.69
N VAL A 224 -20.14 26.16 47.26
CA VAL A 224 -20.49 25.56 45.98
C VAL A 224 -21.16 26.60 45.10
N LYS A 225 -21.46 26.22 43.86
CA LYS A 225 -22.35 27.00 43.01
C LYS A 225 -23.07 26.02 42.12
N GLN A 226 -24.37 25.82 42.37
CA GLN A 226 -25.16 24.84 41.64
C GLN A 226 -25.32 25.30 40.19
N VAL A 227 -24.56 24.68 39.30
CA VAL A 227 -24.61 24.99 37.88
C VAL A 227 -25.81 24.26 37.27
N GLY A 228 -26.16 24.61 36.05
CA GLY A 228 -27.25 23.96 35.36
C GLY A 228 -26.95 22.50 35.08
N PRO A 229 -27.97 21.65 35.11
CA PRO A 229 -27.75 20.21 34.96
C PRO A 229 -27.42 19.82 33.53
N MET A 230 -26.14 19.96 33.15
CA MET A 230 -25.71 19.59 31.81
C MET A 230 -25.76 18.07 31.62
N GLU A 231 -25.90 17.67 30.36
CA GLU A 231 -26.22 16.28 30.06
C GLU A 231 -24.97 15.45 29.83
N ASP A 232 -24.19 15.77 28.79
CA ASP A 232 -23.07 14.94 28.38
C ASP A 232 -21.83 15.78 28.13
N LEU A 233 -21.57 16.75 29.00
CA LEU A 233 -20.29 17.46 28.97
C LEU A 233 -19.98 17.87 30.40
N TRP A 234 -19.24 17.02 31.12
CA TRP A 234 -18.93 17.26 32.53
C TRP A 234 -17.71 18.15 32.67
N LEU A 235 -17.87 19.38 32.14
CA LEU A 235 -16.83 20.39 32.18
C LEU A 235 -17.55 21.73 32.10
N VAL A 236 -17.66 22.41 33.22
CA VAL A 236 -18.24 23.76 33.21
C VAL A 236 -17.29 24.69 32.46
N PRO A 237 -17.77 25.41 31.43
CA PRO A 237 -16.87 26.13 30.54
C PRO A 237 -16.18 27.30 31.24
N ALA A 238 -15.17 27.84 30.56
CA ALA A 238 -14.24 28.76 31.19
C ALA A 238 -14.87 30.12 31.43
N GLY A 239 -15.25 30.81 30.35
CA GLY A 239 -15.68 32.19 30.47
C GLY A 239 -14.51 33.14 30.53
N ARG A 240 -13.70 33.00 31.58
CA ARG A 240 -12.42 33.67 31.70
C ARG A 240 -11.35 32.83 30.99
N ASP A 241 -10.08 33.12 31.26
CA ASP A 241 -8.98 32.52 30.51
C ASP A 241 -8.00 31.80 31.44
N MET A 242 -8.53 30.89 32.26
CA MET A 242 -7.79 30.22 33.33
C MET A 242 -6.52 29.53 32.84
N ALA A 243 -5.42 29.79 33.55
CA ALA A 243 -4.12 29.25 33.21
C ALA A 243 -3.41 28.81 34.48
N CYS A 244 -2.55 27.79 34.34
CA CYS A 244 -1.92 27.12 35.47
C CYS A 244 -0.48 27.59 35.59
N TYR A 245 -0.25 28.56 36.48
CA TYR A 245 1.08 29.08 36.74
C TYR A 245 1.66 28.43 37.99
N SER A 246 2.93 28.05 37.92
CA SER A 246 3.62 27.38 39.01
C SER A 246 4.75 28.24 39.54
N PHE A 247 4.89 28.30 40.86
CA PHE A 247 6.00 28.98 41.49
C PHE A 247 6.43 28.23 42.74
N HIS A 248 7.74 28.14 42.94
CA HIS A 248 8.31 27.40 44.06
C HIS A 248 8.67 28.36 45.19
N VAL A 249 8.31 27.98 46.41
CA VAL A 249 8.63 28.77 47.60
C VAL A 249 9.67 27.99 48.42
N SER A 250 10.71 28.69 48.86
CA SER A 250 11.85 28.05 49.49
C SER A 250 11.58 27.78 50.97
N ASP A 251 12.56 27.17 51.62
CA ASP A 251 12.45 26.86 53.04
C ASP A 251 12.69 28.09 53.91
N ALA A 252 13.45 29.07 53.41
CA ALA A 252 13.72 30.26 54.18
C ALA A 252 12.53 31.20 54.23
N VAL A 253 11.59 31.08 53.29
CA VAL A 253 10.45 31.99 53.27
C VAL A 253 9.44 31.62 54.35
N LEU A 254 9.27 30.34 54.63
CA LEU A 254 8.39 29.94 55.73
C LEU A 254 9.03 30.21 57.08
N LYS A 255 10.36 30.33 57.14
CA LYS A 255 11.00 30.84 58.34
C LYS A 255 10.63 32.31 58.55
N LYS A 256 10.57 33.09 57.47
CA LYS A 256 10.06 34.45 57.54
C LYS A 256 8.57 34.48 57.83
N LEU A 257 7.84 33.42 57.50
CA LEU A 257 6.46 33.29 57.93
C LEU A 257 6.33 32.83 59.37
N HIS A 258 7.44 32.46 60.01
CA HIS A 258 7.41 32.06 61.42
C HIS A 258 7.87 33.16 62.37
N GLN A 259 8.46 34.23 61.86
CA GLN A 259 8.95 35.32 62.70
C GLN A 259 8.00 36.50 62.71
N GLN A 260 6.70 36.25 62.56
CA GLN A 260 5.68 37.31 62.58
C GLN A 260 4.62 37.12 63.65
N GLN A 261 4.42 35.91 64.17
CA GLN A 261 3.36 35.61 65.13
C GLN A 261 3.86 35.64 66.56
N ASN A 262 4.81 36.53 66.86
CA ASN A 262 5.38 36.60 68.19
C ASN A 262 4.42 37.24 69.18
N GLY A 263 4.55 36.87 70.45
CA GLY A 263 3.74 37.44 71.50
C GLY A 263 2.33 36.91 71.59
N ARG A 264 2.01 35.84 70.87
CA ARG A 264 0.67 35.27 70.90
C ARG A 264 0.76 33.77 70.65
N GLN A 265 -0.36 33.10 70.88
CA GLN A 265 -0.40 31.65 70.68
C GLN A 265 -0.41 31.31 69.19
N ASP A 266 0.04 30.10 68.88
CA ASP A 266 0.17 29.65 67.50
C ASP A 266 -0.68 28.41 67.29
N ALA A 267 -1.72 28.54 66.46
CA ALA A 267 -2.53 27.41 66.03
C ALA A 267 -2.45 27.17 64.54
N ALA A 268 -1.64 27.96 63.83
CA ALA A 268 -1.50 27.81 62.39
C ALA A 268 -0.47 26.73 62.08
N ALA A 269 -0.87 25.74 61.27
CA ALA A 269 0.05 24.71 60.81
C ALA A 269 0.99 25.32 59.79
N GLY A 270 2.25 25.55 60.20
CA GLY A 270 3.23 26.27 59.41
C GLY A 270 3.62 25.62 58.10
N THR A 271 3.29 24.35 57.91
CA THR A 271 3.61 23.69 56.65
C THR A 271 2.65 24.08 55.53
N PHE A 272 1.42 24.47 55.87
CA PHE A 272 0.44 24.82 54.83
C PHE A 272 -0.22 26.16 55.05
N GLU A 273 -0.54 26.52 56.30
CA GLU A 273 -1.53 27.54 56.57
C GLU A 273 -1.05 28.93 56.21
N LEU A 274 0.19 29.28 56.60
CA LEU A 274 0.73 30.57 56.22
C LEU A 274 1.07 30.63 54.73
N VAL A 275 1.35 29.47 54.12
CA VAL A 275 1.59 29.41 52.68
C VAL A 275 0.31 29.72 51.92
N SER A 276 -0.83 29.27 52.46
CA SER A 276 -2.12 29.62 51.86
C SER A 276 -2.46 31.08 52.11
N ALA A 277 -2.17 31.58 53.32
CA ALA A 277 -2.49 32.97 53.64
C ALA A 277 -1.62 33.96 52.88
N LEU A 278 -0.42 33.55 52.46
CA LEU A 278 0.44 34.44 51.67
C LEU A 278 -0.15 34.67 50.28
N VAL A 279 -0.59 33.61 49.61
CA VAL A 279 -1.20 33.79 48.30
C VAL A 279 -2.62 34.35 48.43
N TRP A 280 -3.28 34.16 49.59
CA TRP A 280 -4.53 34.86 49.85
C TRP A 280 -4.30 36.36 49.96
N GLN A 281 -3.21 36.78 50.62
CA GLN A 281 -2.87 38.20 50.67
C GLN A 281 -2.41 38.72 49.32
N ALA A 282 -1.80 37.87 48.49
CA ALA A 282 -1.41 38.28 47.15
C ALA A 282 -2.62 38.50 46.25
N VAL A 283 -3.63 37.63 46.35
CA VAL A 283 -4.87 37.81 45.61
C VAL A 283 -5.68 38.97 46.21
N ALA A 284 -5.50 39.24 47.49
CA ALA A 284 -6.13 40.39 48.13
C ALA A 284 -5.26 41.64 48.03
N LYS A 285 -4.73 41.88 46.84
CA LYS A 285 -4.26 43.18 46.38
C LYS A 285 -4.64 43.41 44.94
N ILE A 286 -5.05 42.35 44.24
CA ILE A 286 -5.48 42.44 42.85
C ILE A 286 -6.99 42.36 42.73
N ARG A 287 -7.63 41.46 43.46
CA ARG A 287 -9.08 41.33 43.46
C ARG A 287 -9.62 41.78 44.80
N GLY A 288 -10.68 42.57 44.78
CA GLY A 288 -11.24 43.12 46.00
C GLY A 288 -12.09 42.15 46.79
N ASP A 289 -13.09 41.55 46.14
CA ASP A 289 -14.03 40.66 46.82
C ASP A 289 -13.43 39.26 46.86
N VAL A 290 -12.67 39.00 47.92
CA VAL A 290 -12.03 37.71 48.15
C VAL A 290 -12.35 37.30 49.59
N ASP A 291 -13.46 37.84 50.10
CA ASP A 291 -13.81 37.76 51.51
C ASP A 291 -14.02 36.31 51.97
N THR A 292 -15.02 35.64 51.42
CA THR A 292 -15.24 34.23 51.74
C THR A 292 -14.25 33.37 50.95
N VAL A 293 -13.67 32.38 51.62
CA VAL A 293 -12.66 31.50 51.05
C VAL A 293 -12.87 30.10 51.61
N THR A 294 -12.91 29.11 50.73
CA THR A 294 -13.07 27.72 51.14
C THR A 294 -11.74 26.98 51.10
N VAL A 295 -11.67 25.90 51.88
CA VAL A 295 -10.56 24.95 51.83
C VAL A 295 -11.14 23.55 51.66
N VAL A 296 -10.34 22.67 51.10
CA VAL A 296 -10.68 21.25 50.97
C VAL A 296 -9.54 20.45 51.58
N ARG A 297 -9.77 19.92 52.78
CA ARG A 297 -8.70 19.30 53.56
C ARG A 297 -8.41 17.91 53.01
N ALA A 298 -7.19 17.73 52.48
CA ALA A 298 -6.72 16.41 52.05
C ALA A 298 -6.08 15.73 53.25
N ASP A 299 -6.94 15.26 54.15
CA ASP A 299 -6.50 14.66 55.41
C ASP A 299 -6.33 13.16 55.25
N ALA A 300 -5.29 12.63 55.88
CA ALA A 300 -5.06 11.18 55.89
C ALA A 300 -5.84 10.47 56.98
N ALA A 301 -6.22 11.18 58.05
CA ALA A 301 -6.98 10.57 59.13
C ALA A 301 -8.45 10.37 58.77
N ALA A 302 -8.98 11.15 57.83
CA ALA A 302 -10.35 11.00 57.36
C ALA A 302 -10.48 10.04 56.18
N ARG A 303 -9.51 9.16 55.99
CA ARG A 303 -9.56 8.17 54.92
C ARG A 303 -10.14 6.86 55.47
N SER A 304 -11.41 6.95 55.86
CA SER A 304 -12.13 5.80 56.41
C SER A 304 -12.42 4.82 55.29
N GLY A 305 -11.66 3.73 55.25
CA GLY A 305 -11.76 2.79 54.15
C GLY A 305 -11.19 3.39 52.88
N LYS A 306 -9.87 3.60 52.86
CA LYS A 306 -9.19 4.24 51.75
C LYS A 306 -9.18 3.28 50.57
N SER A 307 -10.16 3.40 49.67
CA SER A 307 -10.23 2.50 48.53
C SER A 307 -10.06 3.21 47.20
N LEU A 308 -11.05 3.99 46.76
CA LEU A 308 -10.93 5.00 45.71
C LEU A 308 -12.14 5.92 45.92
N ALA A 309 -11.94 7.03 46.62
CA ALA A 309 -13.09 7.83 47.00
C ALA A 309 -12.65 9.24 47.31
N ASN A 310 -13.52 10.20 46.98
CA ASN A 310 -13.26 11.61 47.23
C ASN A 310 -13.46 11.88 48.71
N GLU A 311 -12.43 11.53 49.49
CA GLU A 311 -12.44 11.77 50.94
C GLU A 311 -11.73 13.09 51.25
N MET A 312 -12.23 14.15 50.64
CA MET A 312 -11.82 15.50 50.98
C MET A 312 -12.79 16.08 52.01
N LYS A 313 -12.29 17.04 52.77
CA LYS A 313 -13.08 17.70 53.80
C LYS A 313 -13.33 19.14 53.36
N VAL A 314 -14.51 19.38 52.81
CA VAL A 314 -14.87 20.68 52.25
C VAL A 314 -15.30 21.59 53.39
N GLY A 315 -14.64 22.74 53.50
CA GLY A 315 -15.02 23.73 54.50
C GLY A 315 -14.75 25.15 54.07
N TYR A 316 -15.68 26.06 54.36
CA TYR A 316 -15.53 27.47 54.01
C TYR A 316 -15.13 28.28 55.24
N VAL A 317 -14.51 29.44 54.98
CA VAL A 317 -14.05 30.34 56.02
C VAL A 317 -14.51 31.75 55.69
N GLU A 318 -15.24 32.37 56.60
CA GLU A 318 -15.71 33.73 56.46
C GLU A 318 -14.84 34.69 57.26
N SER A 319 -14.58 35.87 56.69
CA SER A 319 -13.86 36.93 57.37
C SER A 319 -14.86 38.06 57.65
N ALA A 320 -15.55 37.94 58.79
CA ALA A 320 -16.65 38.85 59.08
C ALA A 320 -16.17 40.23 59.51
N GLY A 321 -15.10 40.28 60.30
CA GLY A 321 -14.64 41.56 60.81
C GLY A 321 -13.44 42.15 60.09
N SER A 322 -12.45 41.33 59.79
CA SER A 322 -11.21 41.79 59.19
C SER A 322 -11.21 41.49 57.70
N SER A 323 -11.10 42.53 56.89
CA SER A 323 -10.97 42.32 55.45
C SER A 323 -9.56 41.83 55.11
N PRO A 324 -9.44 40.84 54.23
CA PRO A 324 -8.12 40.24 53.96
C PRO A 324 -7.20 41.09 53.11
N ALA A 325 -7.65 42.25 52.63
CA ALA A 325 -6.81 43.06 51.75
C ALA A 325 -5.75 43.85 52.49
N LYS A 326 -5.99 44.19 53.76
CA LYS A 326 -5.08 45.03 54.52
C LYS A 326 -4.68 44.37 55.84
N THR A 327 -4.87 43.07 55.96
CA THR A 327 -4.64 42.34 57.20
C THR A 327 -3.40 41.48 57.03
N ASP A 328 -2.62 41.34 58.11
CA ASP A 328 -1.38 40.58 58.08
C ASP A 328 -1.64 39.10 57.82
N VAL A 329 -0.60 38.42 57.30
CA VAL A 329 -0.75 37.04 56.86
C VAL A 329 -0.88 36.07 58.01
N ALA A 330 -0.32 36.38 59.18
CA ALA A 330 -0.48 35.50 60.34
C ALA A 330 -1.90 35.58 60.89
N GLU A 331 -2.54 36.75 60.78
CA GLU A 331 -3.92 36.88 61.22
C GLU A 331 -4.87 36.13 60.30
N LEU A 332 -4.63 36.20 58.98
CA LEU A 332 -5.39 35.38 58.04
C LEU A 332 -5.10 33.90 58.22
N ALA A 333 -3.88 33.55 58.65
CA ALA A 333 -3.55 32.17 58.94
C ALA A 333 -4.34 31.65 60.14
N ALA A 334 -4.39 32.44 61.22
CA ALA A 334 -5.17 32.06 62.39
C ALA A 334 -6.67 32.10 62.09
N LEU A 335 -7.10 32.93 61.14
CA LEU A 335 -8.51 32.96 60.77
C LEU A 335 -8.89 31.72 59.96
N LEU A 336 -7.99 31.26 59.10
CA LEU A 336 -8.35 30.13 58.24
C LEU A 336 -8.16 28.80 58.96
N ALA A 337 -7.18 28.70 59.85
CA ALA A 337 -6.85 27.41 60.47
C ALA A 337 -7.86 27.03 61.56
N LYS A 338 -7.94 27.83 62.61
CA LYS A 338 -8.73 27.46 63.77
C LYS A 338 -10.21 27.81 63.63
N ASN A 339 -10.59 28.59 62.62
CA ASN A 339 -11.99 28.99 62.42
C ASN A 339 -12.42 28.51 61.04
N VAL A 340 -12.89 27.27 60.98
CA VAL A 340 -13.39 26.68 59.75
C VAL A 340 -14.73 26.03 60.04
N VAL A 341 -15.62 26.05 59.04
CA VAL A 341 -16.94 25.45 59.15
C VAL A 341 -16.98 24.32 58.13
N ASP A 342 -16.82 23.09 58.60
CA ASP A 342 -16.72 21.94 57.71
C ASP A 342 -18.11 21.50 57.26
N GLU A 343 -18.27 21.28 55.96
CA GLU A 343 -19.54 20.88 55.38
C GLU A 343 -19.33 19.79 54.32
N THR A 344 -18.42 18.86 54.60
CA THR A 344 -18.04 17.83 53.64
C THR A 344 -19.15 16.81 53.40
N ALA A 345 -20.13 16.71 54.29
CA ALA A 345 -21.27 15.85 54.06
C ALA A 345 -22.41 16.56 53.33
N ALA A 346 -22.50 17.88 53.50
CA ALA A 346 -23.55 18.64 52.82
C ALA A 346 -23.27 18.76 51.33
N VAL A 347 -22.00 18.80 50.93
CA VAL A 347 -21.66 18.82 49.52
C VAL A 347 -21.88 17.45 48.90
N ALA A 348 -21.74 16.38 49.70
CA ALA A 348 -21.99 15.04 49.20
C ALA A 348 -23.49 14.80 49.04
N ALA A 349 -24.28 15.22 50.02
CA ALA A 349 -25.73 15.01 49.98
C ALA A 349 -26.45 15.92 49.00
N PHE A 350 -25.78 16.93 48.46
CA PHE A 350 -26.36 17.77 47.44
C PHE A 350 -26.57 17.00 46.15
N GLN A 351 -27.51 17.46 45.32
CA GLN A 351 -27.94 16.70 44.15
C GLN A 351 -27.16 17.13 42.89
N GLY A 352 -25.85 16.90 42.95
CA GLY A 352 -24.99 17.01 41.79
C GLY A 352 -24.78 18.40 41.22
N ASP A 353 -23.93 18.49 40.20
CA ASP A 353 -23.62 19.70 39.44
C ASP A 353 -23.11 20.81 40.36
N VAL A 354 -21.94 20.55 40.94
CA VAL A 354 -21.54 21.22 42.18
C VAL A 354 -20.49 22.29 41.94
N LEU A 355 -19.37 21.91 41.31
CA LEU A 355 -18.24 22.79 40.96
C LEU A 355 -17.65 23.48 42.19
N VAL A 356 -17.05 22.66 43.07
CA VAL A 356 -16.49 23.17 44.31
C VAL A 356 -15.14 23.87 44.16
N TYR A 357 -14.47 23.73 43.03
CA TYR A 357 -13.13 24.33 42.88
C TYR A 357 -13.23 25.75 42.33
N GLY A 358 -13.97 26.61 43.01
CA GLY A 358 -14.11 27.98 42.55
C GLY A 358 -15.54 28.31 42.17
N GLY A 359 -16.49 27.68 42.85
CA GLY A 359 -17.89 27.97 42.62
C GLY A 359 -18.26 29.37 43.06
N ALA A 360 -18.18 29.63 44.36
CA ALA A 360 -18.45 30.95 44.88
C ALA A 360 -17.20 31.64 45.42
N ASN A 361 -16.26 30.88 45.96
CA ASN A 361 -15.13 31.42 46.70
C ASN A 361 -13.82 30.90 46.12
N LEU A 362 -12.73 31.52 46.55
CA LEU A 362 -11.39 31.07 46.18
C LEU A 362 -11.00 29.88 47.04
N THR A 363 -10.57 28.79 46.40
CA THR A 363 -10.34 27.54 47.09
C THR A 363 -8.85 27.34 47.37
N LEU A 364 -8.57 26.70 48.51
CA LEU A 364 -7.21 26.42 48.93
C LEU A 364 -7.11 24.93 49.21
N VAL A 365 -6.28 24.23 48.43
CA VAL A 365 -6.11 22.79 48.54
C VAL A 365 -4.81 22.51 49.28
N ASP A 366 -4.86 21.58 50.24
CA ASP A 366 -3.74 21.33 51.14
C ASP A 366 -3.03 20.02 50.87
N MET A 367 -2.90 19.62 49.61
CA MET A 367 -2.41 18.29 49.24
C MET A 367 -0.89 18.15 49.41
N GLU A 368 -0.43 18.33 50.64
CA GLU A 368 0.98 18.25 50.97
C GLU A 368 1.35 16.94 51.65
N GLN A 369 0.40 16.26 52.28
CA GLN A 369 0.67 15.03 53.00
C GLN A 369 0.88 13.83 52.08
N VAL A 370 0.54 13.95 50.80
CA VAL A 370 0.63 12.81 49.89
C VAL A 370 2.09 12.55 49.54
N ASP A 371 2.39 11.28 49.25
CA ASP A 371 3.75 10.88 48.89
C ASP A 371 3.92 11.19 47.40
N LEU A 372 4.13 12.48 47.13
CA LEU A 372 4.08 12.96 45.76
C LEU A 372 5.31 12.58 44.95
N TYR A 373 6.47 12.48 45.59
CA TYR A 373 7.71 12.11 44.91
C TYR A 373 8.01 10.63 45.04
N GLY A 374 6.99 9.81 45.25
CA GLY A 374 7.15 8.37 45.35
C GLY A 374 7.02 7.65 44.03
N LEU A 375 7.24 8.38 42.94
CA LEU A 375 7.23 7.81 41.60
C LEU A 375 8.64 7.39 41.20
N GLU A 376 9.21 6.50 42.01
CA GLU A 376 10.49 5.88 41.68
C GLU A 376 10.29 4.91 40.53
N ILE A 377 10.94 5.16 39.40
CA ILE A 377 10.78 4.30 38.24
C ILE A 377 11.63 3.05 38.38
N LYS A 378 12.94 3.22 38.46
CA LYS A 378 13.84 2.14 38.83
C LYS A 378 14.50 2.42 40.17
N GLY A 379 15.21 3.54 40.26
CA GLY A 379 15.69 4.08 41.52
C GLY A 379 15.67 5.58 41.43
N GLN A 380 14.92 6.09 40.45
CA GLN A 380 15.00 7.50 40.06
C GLN A 380 13.93 8.30 40.79
N ARG A 381 14.37 9.12 41.73
CA ARG A 381 13.49 10.13 42.31
C ARG A 381 13.16 11.18 41.25
N PRO A 382 11.92 11.64 41.16
CA PRO A 382 11.61 12.74 40.25
C PRO A 382 12.26 14.04 40.70
N VAL A 383 12.60 14.88 39.71
CA VAL A 383 13.29 16.13 40.00
C VAL A 383 12.33 17.31 40.12
N TYR A 384 11.08 17.16 39.68
CA TYR A 384 10.07 18.20 39.77
C TYR A 384 8.71 17.55 39.57
N VAL A 385 7.79 17.79 40.50
CA VAL A 385 6.44 17.24 40.42
C VAL A 385 5.48 18.38 40.69
N GLU A 386 4.69 18.76 39.69
CA GLU A 386 3.67 19.79 39.84
C GLU A 386 2.31 19.24 39.43
N TYR A 387 1.28 19.73 40.11
CA TYR A 387 -0.09 19.40 39.76
C TYR A 387 -0.83 20.64 39.26
N GLY A 388 -1.77 20.41 38.35
CA GLY A 388 -2.67 21.45 37.91
C GLY A 388 -4.07 20.89 37.83
N MET A 389 -5.03 21.79 37.64
CA MET A 389 -6.43 21.39 37.58
C MET A 389 -7.09 21.94 36.32
N ASP A 390 -8.03 21.18 35.79
CA ASP A 390 -8.88 21.61 34.68
C ASP A 390 -10.32 21.59 35.14
N GLY A 391 -11.11 22.51 34.60
CA GLY A 391 -12.44 22.70 35.10
C GLY A 391 -12.50 23.47 36.40
N VAL A 392 -11.52 24.34 36.63
CA VAL A 392 -11.51 25.16 37.83
C VAL A 392 -12.59 26.24 37.70
N GLY A 393 -13.16 26.64 38.83
CA GLY A 393 -14.23 27.60 38.84
C GLY A 393 -13.76 29.01 38.55
N ASP A 394 -14.68 29.96 38.75
CA ASP A 394 -14.52 31.33 38.29
C ASP A 394 -13.82 32.23 39.30
N GLU A 395 -13.24 31.67 40.36
CA GLU A 395 -12.42 32.47 41.27
C GLU A 395 -10.98 32.02 41.38
N GLY A 396 -10.69 30.76 41.12
CA GLY A 396 -9.32 30.28 41.11
C GLY A 396 -9.07 29.24 42.18
N ALA A 397 -7.84 28.73 42.18
CA ALA A 397 -7.42 27.69 43.10
C ALA A 397 -5.91 27.73 43.25
N VAL A 398 -5.43 27.36 44.43
CA VAL A 398 -4.01 27.13 44.65
C VAL A 398 -3.83 25.67 45.04
N LEU A 399 -2.64 25.15 44.78
CA LEU A 399 -2.34 23.73 44.97
C LEU A 399 -0.98 23.63 45.66
N VAL A 400 -0.96 23.64 46.99
CA VAL A 400 0.32 23.50 47.66
C VAL A 400 0.71 22.03 47.68
N GLN A 401 2.01 21.78 47.58
CA GLN A 401 2.56 20.43 47.44
C GLN A 401 4.04 20.49 47.76
N PRO A 402 4.62 19.44 48.31
CA PRO A 402 6.02 19.50 48.72
C PRO A 402 6.98 19.40 47.53
N ASP A 403 8.16 19.96 47.72
CA ASP A 403 9.22 19.89 46.72
C ASP A 403 9.98 18.58 46.88
N ALA A 404 11.13 18.48 46.23
CA ALA A 404 11.86 17.21 46.17
C ALA A 404 12.46 16.83 47.53
N ASP A 405 13.04 17.79 48.23
CA ASP A 405 13.64 17.53 49.52
C ASP A 405 12.65 17.65 50.67
N GLY A 406 11.46 18.19 50.44
CA GLY A 406 10.46 18.31 51.47
C GLY A 406 10.66 19.47 52.42
N ARG A 407 11.63 20.35 52.17
CA ARG A 407 11.88 21.48 53.06
C ARG A 407 10.90 22.61 52.78
N GLY A 408 10.92 23.13 51.55
CA GLY A 408 9.97 24.15 51.15
C GLY A 408 8.68 23.53 50.64
N ARG A 409 7.91 24.37 49.94
CA ARG A 409 6.66 23.94 49.31
C ARG A 409 6.70 24.32 47.84
N LEU A 410 5.68 23.87 47.11
CA LEU A 410 5.48 24.26 45.72
C LEU A 410 4.01 24.61 45.56
N VAL A 411 3.73 25.78 45.00
CA VAL A 411 2.37 26.25 44.84
C VAL A 411 2.12 26.50 43.36
N THR A 412 1.20 25.75 42.78
CA THR A 412 0.72 26.00 41.43
C THR A 412 -0.65 26.65 41.54
N VAL A 413 -0.73 27.93 41.25
CA VAL A 413 -1.97 28.69 41.37
C VAL A 413 -2.62 28.78 40.00
N VAL A 414 -3.93 28.57 39.95
CA VAL A 414 -4.69 28.57 38.71
C VAL A 414 -5.59 29.79 38.77
N LEU A 415 -5.14 30.90 38.22
CA LEU A 415 -5.87 32.16 38.24
C LEU A 415 -6.67 32.33 36.97
N PRO A 416 -7.60 33.29 36.93
CA PRO A 416 -8.31 33.59 35.67
C PRO A 416 -7.43 34.09 34.51
N GLY A 417 -6.13 34.35 34.72
CA GLY A 417 -5.22 34.66 33.65
C GLY A 417 -4.92 36.14 33.49
N ASP A 418 -5.89 37.00 33.83
CA ASP A 418 -5.65 38.43 33.85
C ASP A 418 -4.79 38.84 35.04
N GLU A 419 -4.81 38.06 36.12
CA GLU A 419 -4.14 38.40 37.36
C GLU A 419 -2.80 37.69 37.52
N ILE A 420 -2.29 37.08 36.45
CA ILE A 420 -1.07 36.27 36.57
C ILE A 420 0.16 37.16 36.66
N ASP A 421 0.32 38.09 35.70
CA ASP A 421 1.51 38.93 35.66
C ASP A 421 1.52 39.96 36.78
N SER A 422 0.34 40.37 37.25
CA SER A 422 0.26 41.26 38.39
C SER A 422 0.61 40.54 39.68
N LEU A 423 0.35 39.23 39.74
CA LEU A 423 0.79 38.44 40.90
C LEU A 423 2.30 38.27 40.91
N ARG A 424 2.94 38.33 39.74
CA ARG A 424 4.40 38.25 39.66
C ARG A 424 5.06 39.46 40.31
N ALA A 425 4.39 40.60 40.32
CA ALA A 425 4.90 41.78 41.00
C ALA A 425 4.42 41.86 42.44
N ALA A 426 3.17 41.49 42.70
CA ALA A 426 2.60 41.55 44.04
C ALA A 426 3.00 40.39 44.92
N LEU A 427 3.77 39.43 44.41
CA LEU A 427 4.22 38.28 45.18
C LEU A 427 5.74 38.19 45.29
N GLY A 428 6.48 38.68 44.30
CA GLY A 428 7.93 38.58 44.27
C GLY A 428 8.65 39.40 45.32
N SER A 429 7.96 40.34 45.98
CA SER A 429 8.59 41.10 47.05
C SER A 429 8.81 40.23 48.29
N ALA A 430 7.83 39.37 48.61
CA ALA A 430 7.96 38.50 49.77
C ALA A 430 8.90 37.33 49.51
N LEU A 431 9.03 36.90 48.25
CA LEU A 431 9.90 35.79 47.90
C LEU A 431 11.33 36.26 47.64
N HIS A 432 11.51 37.13 46.65
CA HIS A 432 12.78 37.72 46.17
C HIS A 432 13.99 36.76 46.11
N SER B 74 13.40 -73.36 -10.61
CA SER B 74 12.34 -72.37 -10.55
C SER B 74 12.75 -71.08 -11.26
N ALA B 75 11.81 -70.48 -11.99
CA ALA B 75 12.05 -69.23 -12.70
C ALA B 75 11.58 -68.00 -11.93
N PHE B 76 11.47 -68.10 -10.61
CA PHE B 76 10.98 -67.01 -9.77
C PHE B 76 12.11 -66.31 -9.03
N LEU B 77 13.29 -66.22 -9.65
CA LEU B 77 14.39 -65.45 -9.11
C LEU B 77 14.70 -64.20 -9.93
N VAL B 78 14.21 -64.12 -11.16
CA VAL B 78 14.36 -62.92 -11.97
C VAL B 78 13.13 -62.02 -11.83
N VAL B 79 12.01 -62.54 -11.35
CA VAL B 79 10.83 -61.71 -11.14
C VAL B 79 10.92 -60.89 -9.85
N PHE B 80 11.80 -61.27 -8.92
CA PHE B 80 12.01 -60.50 -7.71
C PHE B 80 13.05 -59.40 -7.88
N VAL B 81 13.96 -59.53 -8.84
CA VAL B 81 14.71 -58.40 -9.36
C VAL B 81 13.98 -57.72 -10.50
N GLY B 82 12.74 -58.13 -10.76
CA GLY B 82 11.85 -57.62 -11.78
C GLY B 82 10.82 -56.70 -11.17
N THR B 83 9.65 -57.25 -10.83
CA THR B 83 8.49 -56.45 -10.42
C THR B 83 8.72 -55.69 -9.12
N VAL B 84 9.63 -56.14 -8.26
CA VAL B 84 9.99 -55.34 -7.09
C VAL B 84 10.78 -54.11 -7.51
N TYR B 85 11.69 -54.27 -8.48
CA TYR B 85 12.44 -53.13 -9.01
C TYR B 85 11.54 -52.18 -9.80
N VAL B 86 10.52 -52.72 -10.47
CA VAL B 86 9.61 -51.87 -11.24
C VAL B 86 8.76 -51.02 -10.32
N MET B 87 8.28 -51.59 -9.21
CA MET B 87 7.48 -50.84 -8.25
C MET B 87 8.32 -49.93 -7.34
N SER B 88 9.63 -49.91 -7.52
CA SER B 88 10.49 -48.97 -6.81
C SER B 88 11.02 -47.87 -7.71
N ARG B 89 10.63 -47.86 -8.99
CA ARG B 89 11.04 -46.82 -9.91
C ARG B 89 10.03 -45.66 -9.90
N PRO B 90 10.50 -44.43 -9.98
CA PRO B 90 9.58 -43.30 -9.98
C PRO B 90 8.89 -43.13 -11.33
N ARG B 91 7.74 -42.46 -11.29
CA ARG B 91 7.02 -42.17 -12.52
C ARG B 91 7.76 -41.08 -13.30
N PRO B 92 7.76 -41.15 -14.63
CA PRO B 92 8.40 -40.09 -15.41
C PRO B 92 7.49 -38.88 -15.53
N VAL B 93 8.11 -37.71 -15.51
CA VAL B 93 7.39 -36.45 -15.63
C VAL B 93 7.70 -35.87 -17.00
N TYR B 94 6.67 -35.65 -17.80
CA TYR B 94 6.80 -35.28 -19.20
C TYR B 94 6.32 -33.86 -19.40
N LEU B 95 7.20 -33.00 -19.93
CA LEU B 95 6.80 -31.67 -20.38
C LEU B 95 6.11 -31.82 -21.73
N VAL B 96 4.78 -31.65 -21.74
CA VAL B 96 4.02 -31.83 -22.97
C VAL B 96 4.31 -30.69 -23.95
N ASP B 97 4.04 -29.45 -23.52
CA ASP B 97 4.49 -28.25 -24.22
C ASP B 97 4.44 -27.09 -23.24
N TYR B 98 4.82 -25.91 -23.71
CA TYR B 98 4.78 -24.69 -22.90
C TYR B 98 4.57 -23.51 -23.81
N ALA B 99 3.85 -22.50 -23.30
CA ALA B 99 3.42 -21.35 -24.10
C ALA B 99 3.86 -20.07 -23.38
N CYS B 100 4.98 -19.52 -23.82
CA CYS B 100 5.48 -18.27 -23.25
C CYS B 100 4.70 -17.09 -23.81
N TYR B 101 4.28 -16.19 -22.93
CA TYR B 101 3.51 -15.03 -23.36
C TYR B 101 4.43 -14.02 -24.05
N LYS B 102 4.06 -13.65 -25.27
CA LYS B 102 4.79 -12.62 -25.99
C LYS B 102 4.06 -11.30 -25.86
N PRO B 103 4.68 -10.27 -25.31
CA PRO B 103 3.97 -9.01 -25.09
C PRO B 103 3.88 -8.22 -26.38
N PRO B 104 2.82 -7.44 -26.57
CA PRO B 104 2.67 -6.69 -27.81
C PRO B 104 3.65 -5.52 -27.88
N ALA B 105 3.83 -5.01 -29.10
CA ALA B 105 4.67 -3.84 -29.28
C ALA B 105 3.97 -2.55 -28.88
N SER B 106 2.69 -2.61 -28.53
CA SER B 106 1.94 -1.48 -28.01
C SER B 106 2.24 -1.20 -26.54
N CYS B 107 3.06 -2.04 -25.89
CA CYS B 107 3.42 -1.83 -24.51
C CYS B 107 4.93 -1.79 -24.30
N ARG B 108 5.71 -1.61 -25.36
CA ARG B 108 7.17 -1.61 -25.22
C ARG B 108 7.64 -0.32 -24.58
N VAL B 109 8.77 -0.39 -23.90
CA VAL B 109 9.40 0.78 -23.32
C VAL B 109 10.83 0.86 -23.83
N PRO B 110 11.12 1.78 -24.73
CA PRO B 110 12.51 2.04 -25.11
C PRO B 110 13.32 2.62 -23.96
N PHE B 111 14.63 2.68 -24.19
CA PHE B 111 15.54 3.24 -23.21
C PHE B 111 15.29 4.73 -23.03
N ALA B 112 14.99 5.43 -24.12
CA ALA B 112 14.85 6.89 -24.07
C ALA B 112 13.57 7.31 -23.37
N THR B 113 12.47 6.58 -23.59
CA THR B 113 11.24 6.96 -22.89
C THR B 113 11.28 6.55 -21.42
N PHE B 114 12.07 5.54 -21.06
CA PHE B 114 12.24 5.23 -19.65
C PHE B 114 13.08 6.30 -18.97
N MET B 115 14.11 6.81 -19.66
CA MET B 115 14.89 7.92 -19.10
C MET B 115 14.05 9.18 -19.00
N GLU B 116 13.20 9.46 -19.99
CA GLU B 116 12.37 10.65 -19.95
C GLU B 116 11.27 10.55 -18.91
N HIS B 117 10.77 9.34 -18.64
CA HIS B 117 9.82 9.17 -17.55
C HIS B 117 10.51 9.25 -16.20
N THR B 118 11.79 8.86 -16.15
CA THR B 118 12.52 8.92 -14.88
C THR B 118 12.84 10.36 -14.51
N ARG B 119 13.33 11.17 -15.45
CA ARG B 119 13.58 12.57 -15.11
C ARG B 119 12.37 13.46 -15.43
N LEU B 120 11.20 13.01 -14.99
CA LEU B 120 10.00 13.84 -14.99
C LEU B 120 9.17 13.72 -13.73
N ILE B 121 9.39 12.69 -12.90
CA ILE B 121 8.73 12.57 -11.61
C ILE B 121 9.69 12.72 -10.46
N SER B 122 11.00 12.76 -10.71
CA SER B 122 12.01 12.91 -9.68
C SER B 122 12.84 14.14 -9.98
N ASP B 123 12.90 15.07 -9.02
CA ASP B 123 13.54 16.35 -9.25
C ASP B 123 15.06 16.28 -9.19
N ASP B 124 15.61 15.31 -8.45
CA ASP B 124 17.05 15.26 -8.22
C ASP B 124 17.78 14.75 -9.45
N ASP B 125 18.94 15.35 -9.71
CA ASP B 125 19.83 14.87 -10.78
C ASP B 125 20.88 13.92 -10.21
N LYS B 126 20.42 12.96 -9.43
CA LYS B 126 21.27 11.91 -8.88
C LYS B 126 20.66 10.53 -9.12
N SER B 127 19.35 10.40 -8.97
CA SER B 127 18.67 9.13 -9.19
C SER B 127 18.18 8.98 -10.62
N VAL B 128 18.47 9.95 -11.49
CA VAL B 128 18.24 9.76 -12.91
C VAL B 128 19.59 9.44 -13.57
N ARG B 129 20.67 9.98 -13.02
CA ARG B 129 22.00 9.73 -13.55
C ARG B 129 22.52 8.35 -13.16
N PHE B 130 21.87 7.70 -12.21
CA PHE B 130 22.19 6.36 -11.75
C PHE B 130 21.41 5.31 -12.53
N GLN B 131 20.11 5.54 -12.73
CA GLN B 131 19.33 4.68 -13.61
C GLN B 131 19.78 4.80 -15.06
N THR B 132 20.28 5.97 -15.47
CA THR B 132 20.85 6.13 -16.79
C THR B 132 22.09 5.28 -16.99
N ARG B 133 22.91 5.10 -15.95
CA ARG B 133 24.07 4.23 -16.07
C ARG B 133 23.69 2.75 -16.01
N ILE B 134 22.74 2.39 -15.16
CA ILE B 134 22.36 0.99 -15.03
C ILE B 134 21.63 0.49 -16.27
N LEU B 135 20.69 1.29 -16.79
CA LEU B 135 19.99 0.87 -18.01
C LEU B 135 20.88 0.96 -19.24
N GLU B 136 21.97 1.72 -19.18
CA GLU B 136 22.95 1.70 -20.27
C GLU B 136 23.77 0.42 -20.23
N ARG B 137 24.31 0.07 -19.06
CA ARG B 137 25.16 -1.11 -18.93
C ARG B 137 24.40 -2.32 -18.40
N SER B 138 23.10 -2.40 -18.69
CA SER B 138 22.26 -3.45 -18.14
C SER B 138 21.96 -4.58 -19.12
N GLY B 139 22.22 -4.38 -20.41
CA GLY B 139 21.98 -5.42 -21.38
C GLY B 139 20.55 -5.56 -21.84
N LEU B 140 19.66 -4.67 -21.45
CA LEU B 140 18.30 -4.67 -21.97
C LEU B 140 18.25 -3.92 -23.30
N GLY B 141 17.19 -4.19 -24.07
CA GLY B 141 17.02 -3.63 -25.38
C GLY B 141 15.81 -2.72 -25.48
N GLU B 142 15.39 -2.48 -26.71
CA GLU B 142 14.29 -1.56 -27.00
C GLU B 142 12.95 -2.27 -27.14
N ASP B 143 12.92 -3.59 -26.99
CA ASP B 143 11.71 -4.36 -27.12
C ASP B 143 11.11 -4.77 -25.78
N THR B 144 11.68 -4.31 -24.68
CA THR B 144 11.20 -4.71 -23.36
C THR B 144 9.90 -3.99 -23.03
N CYS B 145 8.98 -4.71 -22.39
CA CYS B 145 7.62 -4.23 -22.23
C CYS B 145 7.27 -4.04 -20.76
N LEU B 146 6.42 -3.05 -20.51
CA LEU B 146 5.90 -2.67 -19.21
C LEU B 146 4.37 -2.69 -19.26
N PRO B 147 3.69 -2.87 -18.13
CA PRO B 147 2.23 -2.98 -18.14
C PRO B 147 1.57 -1.66 -18.49
N PRO B 148 0.23 -1.65 -18.82
CA PRO B 148 -0.46 -0.39 -19.13
C PRO B 148 -0.84 0.45 -17.90
N ALA B 149 0.09 0.53 -16.94
CA ALA B 149 0.04 1.51 -15.86
C ALA B 149 1.39 2.14 -15.60
N ASN B 150 2.48 1.57 -16.13
CA ASN B 150 3.80 2.17 -16.04
C ASN B 150 4.12 3.02 -17.26
N HIS B 151 3.14 3.30 -18.11
CA HIS B 151 3.31 4.22 -19.20
C HIS B 151 2.84 5.63 -18.85
N TYR B 152 2.11 5.79 -17.76
CA TYR B 152 1.64 7.09 -17.33
C TYR B 152 2.73 7.82 -16.54
N ILE B 153 2.61 9.14 -16.50
CA ILE B 153 3.55 10.00 -15.80
C ILE B 153 2.78 10.79 -14.75
N PRO B 154 2.84 10.40 -13.47
CA PRO B 154 3.50 9.23 -12.87
C PRO B 154 2.65 7.98 -13.02
N PRO B 155 3.23 6.79 -12.81
CA PRO B 155 2.41 5.57 -12.83
C PRO B 155 1.37 5.57 -11.73
N ASN B 156 0.21 4.98 -12.02
CA ASN B 156 -0.89 4.87 -11.08
C ASN B 156 -1.22 3.40 -10.85
N PRO B 157 -0.42 2.69 -10.05
CA PRO B 157 -0.70 1.27 -9.83
C PRO B 157 -1.76 1.09 -8.76
N SER B 158 -2.84 0.39 -9.13
CA SER B 158 -3.90 0.05 -8.19
C SER B 158 -4.02 -1.47 -8.14
N MET B 159 -5.01 -1.95 -7.40
CA MET B 159 -5.26 -3.38 -7.37
C MET B 159 -6.21 -3.83 -8.48
N GLU B 160 -6.90 -2.89 -9.13
CA GLU B 160 -7.75 -3.22 -10.27
C GLU B 160 -7.05 -3.02 -11.60
N ALA B 161 -5.92 -2.32 -11.60
CA ALA B 161 -5.08 -2.20 -12.79
C ALA B 161 -3.91 -3.16 -12.78
N SER B 162 -3.71 -3.89 -11.67
CA SER B 162 -2.75 -4.98 -11.61
C SER B 162 -3.40 -6.33 -11.76
N ARG B 163 -4.61 -6.50 -11.23
CA ARG B 163 -5.36 -7.73 -11.44
C ARG B 163 -5.84 -7.84 -12.88
N ALA B 164 -6.12 -6.70 -13.52
CA ALA B 164 -6.43 -6.70 -14.95
C ALA B 164 -5.19 -7.00 -15.79
N GLU B 165 -4.00 -6.73 -15.27
CA GLU B 165 -2.77 -7.15 -15.91
C GLU B 165 -2.44 -8.60 -15.61
N ALA B 166 -3.03 -9.16 -14.56
CA ALA B 166 -2.92 -10.59 -14.28
C ALA B 166 -3.93 -11.42 -15.04
N GLN B 167 -5.00 -10.81 -15.53
CA GLN B 167 -5.91 -11.47 -16.45
C GLN B 167 -5.44 -11.38 -17.89
N LEU B 168 -4.30 -10.75 -18.15
CA LEU B 168 -3.77 -10.59 -19.49
C LEU B 168 -2.55 -11.48 -19.74
N VAL B 169 -1.57 -11.47 -18.84
CA VAL B 169 -0.38 -12.28 -19.09
C VAL B 169 -0.65 -13.74 -18.77
N ILE B 170 -1.57 -14.04 -17.85
CA ILE B 170 -1.86 -15.42 -17.51
C ILE B 170 -2.78 -16.06 -18.54
N PHE B 171 -3.91 -15.40 -18.82
CA PHE B 171 -4.96 -16.03 -19.62
C PHE B 171 -4.58 -16.12 -21.08
N SER B 172 -3.78 -15.19 -21.59
CA SER B 172 -3.31 -15.25 -22.96
C SER B 172 -2.03 -16.06 -23.10
N ALA B 173 -1.58 -16.69 -22.02
CA ALA B 173 -0.55 -17.71 -22.08
C ALA B 173 -1.10 -19.11 -21.92
N ILE B 174 -2.19 -19.27 -21.18
CA ILE B 174 -2.89 -20.55 -21.13
C ILE B 174 -3.67 -20.78 -22.42
N ASP B 175 -4.20 -19.71 -23.03
CA ASP B 175 -4.89 -19.84 -24.31
C ASP B 175 -3.92 -20.19 -25.44
N ASP B 176 -2.66 -19.77 -25.32
CA ASP B 176 -1.64 -20.17 -26.28
C ASP B 176 -1.17 -21.60 -26.06
N LEU B 177 -1.51 -22.20 -24.92
CA LEU B 177 -1.17 -23.58 -24.60
C LEU B 177 -2.30 -24.56 -24.89
N VAL B 178 -3.55 -24.14 -24.64
CA VAL B 178 -4.69 -25.02 -24.86
C VAL B 178 -4.91 -25.25 -26.35
N ARG B 179 -4.67 -24.24 -27.18
CA ARG B 179 -4.92 -24.41 -28.61
C ARG B 179 -3.79 -25.16 -29.31
N ARG B 180 -2.58 -25.16 -28.74
CA ARG B 180 -1.44 -25.79 -29.40
C ARG B 180 -1.19 -27.21 -28.92
N THR B 181 -1.84 -27.65 -27.85
CA THR B 181 -1.75 -29.03 -27.39
C THR B 181 -3.07 -29.78 -27.44
N GLY B 182 -4.19 -29.08 -27.60
CA GLY B 182 -5.47 -29.74 -27.52
C GLY B 182 -5.84 -30.15 -26.11
N LEU B 183 -5.34 -29.42 -25.11
CA LEU B 183 -5.61 -29.76 -23.72
C LEU B 183 -7.04 -29.40 -23.35
N LYS B 184 -7.71 -30.32 -22.68
CA LYS B 184 -9.04 -30.07 -22.18
C LYS B 184 -8.96 -29.54 -20.76
N PRO B 185 -9.69 -28.47 -20.43
CA PRO B 185 -9.57 -27.91 -19.07
C PRO B 185 -10.15 -28.79 -17.98
N LYS B 186 -11.15 -29.60 -18.28
CA LYS B 186 -11.73 -30.48 -17.26
C LYS B 186 -10.90 -31.75 -17.02
N ASP B 187 -9.70 -31.84 -17.59
CA ASP B 187 -8.76 -32.92 -17.31
C ASP B 187 -7.45 -32.36 -16.76
N ILE B 188 -7.52 -31.23 -16.06
CA ILE B 188 -6.39 -30.68 -15.31
C ILE B 188 -6.59 -31.08 -13.85
N ASP B 189 -5.63 -31.82 -13.30
CA ASP B 189 -5.74 -32.32 -11.94
C ASP B 189 -4.91 -31.53 -10.94
N ILE B 190 -3.77 -30.98 -11.36
CA ILE B 190 -2.88 -30.22 -10.50
C ILE B 190 -2.67 -28.86 -11.13
N LEU B 191 -2.72 -27.80 -10.33
CA LEU B 191 -2.49 -26.44 -10.80
C LEU B 191 -1.59 -25.74 -9.81
N VAL B 192 -0.41 -25.32 -10.26
CA VAL B 192 0.56 -24.64 -9.39
C VAL B 192 0.91 -23.31 -10.02
N VAL B 193 0.50 -22.21 -9.38
CA VAL B 193 0.80 -20.87 -9.85
C VAL B 193 1.79 -20.25 -8.89
N ASN B 194 2.76 -19.50 -9.43
CA ASN B 194 3.70 -18.78 -8.59
C ASN B 194 3.87 -17.35 -9.08
N CYS B 195 3.76 -16.40 -8.16
CA CYS B 195 4.03 -15.00 -8.45
C CYS B 195 4.59 -14.40 -7.18
N SER B 196 5.70 -13.67 -7.31
CA SER B 196 6.48 -13.28 -6.14
C SER B 196 5.77 -12.23 -5.29
N LEU B 197 5.48 -11.07 -5.87
CA LEU B 197 4.95 -10.00 -5.06
C LEU B 197 3.42 -10.01 -5.01
N PHE B 198 2.77 -10.08 -6.18
CA PHE B 198 1.32 -9.99 -6.25
C PHE B 198 0.69 -11.30 -5.77
N SER B 199 -0.14 -11.21 -4.74
CA SER B 199 -0.87 -12.38 -4.21
C SER B 199 -2.22 -11.91 -3.70
N PRO B 200 -3.23 -11.83 -4.56
CA PRO B 200 -4.52 -11.32 -4.15
C PRO B 200 -5.34 -12.38 -3.41
N THR B 201 -6.57 -12.01 -3.08
CA THR B 201 -7.49 -12.90 -2.39
C THR B 201 -8.83 -12.84 -3.10
N PRO B 202 -9.25 -13.91 -3.81
CA PRO B 202 -8.66 -15.22 -4.05
C PRO B 202 -7.42 -15.19 -4.93
N SER B 203 -6.64 -16.26 -4.89
CA SER B 203 -5.29 -16.27 -5.43
C SER B 203 -5.29 -16.29 -6.95
N LEU B 204 -4.10 -16.37 -7.53
CA LEU B 204 -3.97 -16.49 -8.97
C LEU B 204 -4.25 -17.90 -9.47
N SER B 205 -4.47 -18.86 -8.59
CA SER B 205 -4.93 -20.19 -8.99
C SER B 205 -6.44 -20.27 -9.04
N ALA B 206 -7.12 -19.65 -8.07
CA ALA B 206 -8.57 -19.57 -8.10
C ALA B 206 -9.07 -18.70 -9.25
N MET B 207 -8.26 -17.75 -9.72
CA MET B 207 -8.60 -16.98 -10.90
C MET B 207 -8.63 -17.87 -12.14
N ILE B 208 -7.67 -18.77 -12.26
CA ILE B 208 -7.63 -19.69 -13.40
C ILE B 208 -8.75 -20.73 -13.30
N ILE B 209 -9.05 -21.17 -12.07
CA ILE B 209 -10.17 -22.10 -11.88
C ILE B 209 -11.50 -21.42 -12.20
N ASN B 210 -11.62 -20.12 -11.92
CA ASN B 210 -12.82 -19.39 -12.29
C ASN B 210 -12.91 -19.18 -13.79
N LYS B 211 -11.78 -18.92 -14.45
CA LYS B 211 -11.80 -18.58 -15.88
C LYS B 211 -12.12 -19.82 -16.72
N TYR B 212 -11.33 -20.87 -16.59
CA TYR B 212 -11.45 -22.04 -17.44
C TYR B 212 -12.38 -23.11 -16.87
N LYS B 213 -13.02 -22.83 -15.73
CA LYS B 213 -14.05 -23.68 -15.11
C LYS B 213 -13.52 -25.06 -14.78
N LEU B 214 -12.35 -25.10 -14.13
CA LEU B 214 -11.72 -26.35 -13.76
C LEU B 214 -12.49 -27.03 -12.63
N ARG B 215 -12.14 -28.28 -12.35
CA ARG B 215 -12.96 -29.14 -11.52
C ARG B 215 -12.89 -28.75 -10.05
N SER B 216 -13.87 -29.24 -9.28
CA SER B 216 -13.96 -28.94 -7.87
C SER B 216 -13.00 -29.75 -7.01
N ASN B 217 -12.43 -30.81 -7.55
CA ASN B 217 -11.45 -31.62 -6.83
C ASN B 217 -10.04 -31.40 -7.37
N ILE B 218 -9.75 -30.21 -7.85
CA ILE B 218 -8.42 -29.90 -8.36
C ILE B 218 -7.49 -29.61 -7.19
N ARG B 219 -6.21 -29.94 -7.38
CA ARG B 219 -5.17 -29.66 -6.40
C ARG B 219 -4.50 -28.35 -6.80
N SER B 220 -4.99 -27.25 -6.25
CA SER B 220 -4.48 -25.93 -6.56
C SER B 220 -3.51 -25.47 -5.48
N PHE B 221 -2.43 -24.80 -5.91
CA PHE B 221 -1.47 -24.21 -5.00
C PHE B 221 -1.07 -22.83 -5.53
N ASN B 222 -0.59 -21.98 -4.63
CA ASN B 222 -0.13 -20.64 -5.01
C ASN B 222 1.15 -20.33 -4.23
N LEU B 223 2.29 -20.62 -4.84
CA LEU B 223 3.59 -20.37 -4.22
C LEU B 223 3.95 -18.90 -4.39
N SER B 224 3.59 -18.08 -3.41
CA SER B 224 3.86 -16.66 -3.48
C SER B 224 4.96 -16.26 -2.50
N GLY B 225 5.73 -15.26 -2.90
CA GLY B 225 6.79 -14.72 -2.07
C GLY B 225 8.13 -15.40 -2.21
N MET B 226 8.28 -16.35 -3.12
CA MET B 226 9.49 -17.15 -3.23
C MET B 226 10.47 -16.62 -4.27
N GLY B 227 10.39 -15.35 -4.60
CA GLY B 227 11.40 -14.73 -5.43
C GLY B 227 11.31 -15.10 -6.90
N CYS B 228 12.40 -14.81 -7.60
CA CYS B 228 12.52 -15.07 -9.03
C CYS B 228 13.08 -16.46 -9.32
N SER B 229 12.93 -17.39 -8.40
CA SER B 229 13.34 -18.76 -8.62
C SER B 229 12.23 -19.74 -8.29
N ALA B 230 10.99 -19.26 -8.15
CA ALA B 230 9.85 -20.10 -7.85
C ALA B 230 9.26 -20.76 -9.09
N GLY B 231 9.88 -20.59 -10.25
CA GLY B 231 9.50 -21.39 -11.40
C GLY B 231 9.89 -22.84 -11.23
N LEU B 232 11.15 -23.07 -10.85
CA LEU B 232 11.63 -24.42 -10.62
C LEU B 232 11.12 -25.01 -9.32
N ILE B 233 10.75 -24.17 -8.35
CA ILE B 233 10.07 -24.67 -7.16
C ILE B 233 8.70 -25.21 -7.53
N SER B 234 7.99 -24.51 -8.44
CA SER B 234 6.71 -25.01 -8.92
C SER B 234 6.89 -26.25 -9.79
N ILE B 235 8.00 -26.32 -10.53
CA ILE B 235 8.31 -27.51 -11.32
C ILE B 235 8.52 -28.71 -10.41
N ASP B 236 9.32 -28.53 -9.35
CA ASP B 236 9.55 -29.60 -8.37
C ASP B 236 8.28 -29.94 -7.60
N LEU B 237 7.42 -28.95 -7.36
CA LEU B 237 6.18 -29.21 -6.64
C LEU B 237 5.22 -30.04 -7.48
N ALA B 238 5.06 -29.69 -8.76
CA ALA B 238 4.21 -30.48 -9.63
C ALA B 238 4.81 -31.86 -9.88
N ARG B 239 6.15 -31.94 -9.96
CA ARG B 239 6.81 -33.23 -10.15
C ARG B 239 6.59 -34.15 -8.95
N ASP B 240 6.74 -33.62 -7.74
CA ASP B 240 6.47 -34.42 -6.55
C ASP B 240 4.98 -34.61 -6.28
N MET B 241 4.11 -33.89 -7.00
CA MET B 241 2.71 -34.27 -7.04
C MET B 241 2.40 -35.23 -8.17
N LEU B 242 3.27 -35.31 -9.19
CA LEU B 242 3.11 -36.26 -10.28
C LEU B 242 3.68 -37.63 -9.96
N GLN B 243 4.10 -37.86 -8.71
CA GLN B 243 4.50 -39.18 -8.26
C GLN B 243 3.46 -39.83 -7.37
N VAL B 244 2.66 -39.04 -6.67
CA VAL B 244 1.63 -39.60 -5.80
C VAL B 244 0.36 -39.90 -6.58
N HIS B 245 -0.03 -39.00 -7.48
CA HIS B 245 -1.25 -39.16 -8.25
C HIS B 245 -0.91 -39.62 -9.66
N PRO B 246 -1.36 -40.79 -10.09
CA PRO B 246 -1.07 -41.26 -11.45
C PRO B 246 -2.15 -40.84 -12.44
N ASN B 247 -1.74 -40.78 -13.71
CA ASN B 247 -2.57 -40.40 -14.85
C ASN B 247 -3.22 -39.03 -14.64
N SER B 248 -2.36 -38.01 -14.51
CA SER B 248 -2.82 -36.67 -14.22
C SER B 248 -1.94 -35.67 -14.97
N ASN B 249 -2.52 -34.49 -15.21
CA ASN B 249 -1.83 -33.39 -15.87
C ASN B 249 -1.67 -32.24 -14.90
N ALA B 250 -0.53 -31.57 -14.96
CA ALA B 250 -0.20 -30.48 -14.05
C ALA B 250 0.02 -29.21 -14.85
N LEU B 251 -0.74 -28.17 -14.53
CA LEU B 251 -0.60 -26.86 -15.16
C LEU B 251 0.22 -25.97 -14.25
N VAL B 252 1.39 -25.54 -14.72
CA VAL B 252 2.30 -24.71 -13.94
C VAL B 252 2.35 -23.35 -14.61
N VAL B 253 1.84 -22.33 -13.93
CA VAL B 253 1.88 -20.96 -14.41
C VAL B 253 2.87 -20.19 -13.55
N SER B 254 3.76 -19.44 -14.20
CA SER B 254 4.85 -18.76 -13.47
C SER B 254 5.03 -17.37 -14.07
N THR B 255 4.41 -16.37 -13.44
CA THR B 255 4.41 -14.99 -13.92
C THR B 255 5.09 -14.08 -12.91
N GLU B 256 5.01 -12.79 -13.18
CA GLU B 256 5.42 -11.75 -12.23
C GLU B 256 4.64 -10.49 -12.58
N ILE B 257 3.64 -10.17 -11.75
CA ILE B 257 2.79 -9.00 -12.00
C ILE B 257 3.55 -7.78 -11.51
N ILE B 258 4.06 -6.99 -12.44
CA ILE B 258 4.97 -5.91 -12.11
C ILE B 258 4.28 -4.55 -12.07
N THR B 259 2.95 -4.53 -11.98
CA THR B 259 2.30 -3.25 -11.72
C THR B 259 2.47 -2.83 -10.26
N PRO B 260 2.29 -3.67 -9.22
CA PRO B 260 2.70 -3.22 -7.89
C PRO B 260 4.16 -3.44 -7.55
N ASN B 261 4.97 -3.94 -8.49
CA ASN B 261 6.40 -4.14 -8.28
C ASN B 261 7.22 -2.94 -8.73
N PHE B 262 6.65 -1.73 -8.67
CA PHE B 262 7.33 -0.52 -9.09
C PHE B 262 7.60 0.34 -7.86
N TYR B 263 8.87 0.51 -7.54
CA TYR B 263 9.26 1.34 -6.40
C TYR B 263 9.10 2.81 -6.75
N GLN B 264 8.55 3.57 -5.81
CA GLN B 264 8.16 4.96 -6.08
C GLN B 264 9.18 5.98 -5.63
N GLY B 265 9.95 5.69 -4.60
CA GLY B 265 10.88 6.66 -3.97
C GLY B 265 12.20 6.87 -4.67
N SER B 266 13.26 7.08 -3.91
CA SER B 266 14.53 7.35 -4.63
C SER B 266 15.69 6.61 -3.99
N ARG B 267 15.45 5.56 -3.26
CA ARG B 267 16.61 4.87 -2.70
C ARG B 267 17.39 4.18 -3.82
N ARG B 268 18.71 4.34 -3.82
CA ARG B 268 19.49 3.84 -4.94
C ARG B 268 19.60 2.33 -5.00
N ASP B 269 19.45 1.55 -3.87
CA ASP B 269 19.42 0.11 -3.89
C ASP B 269 18.05 -0.47 -4.17
N MET B 270 17.01 0.37 -4.22
CA MET B 270 15.66 -0.09 -4.48
C MET B 270 15.17 0.27 -5.88
N LEU B 271 16.01 0.88 -6.70
CA LEU B 271 15.65 1.28 -8.06
C LEU B 271 16.14 0.32 -9.11
N LEU B 272 16.74 -0.80 -8.72
CA LEU B 272 17.16 -1.82 -9.67
C LEU B 272 16.02 -2.72 -10.18
N PRO B 273 15.00 -3.11 -9.38
CA PRO B 273 13.84 -3.76 -10.00
C PRO B 273 13.02 -2.85 -10.91
N ASN B 274 13.17 -1.53 -10.81
CA ASN B 274 12.50 -0.65 -11.76
C ASN B 274 13.17 -0.73 -13.13
N CYS B 275 14.48 -0.85 -13.16
CA CYS B 275 15.24 -0.83 -14.40
C CYS B 275 15.49 -2.23 -14.97
N LEU B 276 14.93 -3.27 -14.38
CA LEU B 276 15.19 -4.61 -14.89
C LEU B 276 13.93 -5.42 -15.13
N PHE B 277 12.92 -5.26 -14.29
CA PHE B 277 11.77 -6.16 -14.33
C PHE B 277 10.81 -5.73 -15.43
N ARG B 278 10.50 -6.66 -16.33
CA ARG B 278 9.62 -6.41 -17.48
C ARG B 278 8.49 -7.43 -17.47
N MET B 279 7.62 -7.33 -18.48
CA MET B 279 6.49 -8.24 -18.57
C MET B 279 6.95 -9.62 -19.03
N GLY B 280 6.20 -10.64 -18.61
CA GLY B 280 6.49 -11.99 -19.02
C GLY B 280 5.65 -13.01 -18.27
N ALA B 281 5.37 -14.13 -18.91
CA ALA B 281 4.60 -15.20 -18.30
C ALA B 281 4.94 -16.50 -19.01
N ALA B 282 4.54 -17.62 -18.39
CA ALA B 282 4.74 -18.93 -18.98
C ALA B 282 3.73 -19.88 -18.38
N ALA B 283 3.08 -20.66 -19.23
CA ALA B 283 2.20 -21.73 -18.81
C ALA B 283 2.82 -23.06 -19.20
N ILE B 284 3.00 -23.93 -18.21
CA ILE B 284 3.71 -25.20 -18.40
C ILE B 284 2.71 -26.33 -18.16
N LEU B 285 2.70 -27.31 -19.06
CA LEU B 285 1.85 -28.48 -18.91
C LEU B 285 2.73 -29.69 -18.70
N LEU B 286 2.70 -30.24 -17.48
CA LEU B 286 3.42 -31.45 -17.14
C LEU B 286 2.43 -32.59 -16.95
N SER B 287 2.85 -33.80 -17.30
CA SER B 287 2.01 -34.96 -17.13
C SER B 287 2.88 -36.19 -16.97
N ASN B 288 2.32 -37.20 -16.30
CA ASN B 288 2.99 -38.47 -16.08
C ASN B 288 2.32 -39.62 -16.82
N ARG B 289 1.44 -39.32 -17.76
CA ARG B 289 0.78 -40.37 -18.51
C ARG B 289 1.74 -41.01 -19.51
N ARG B 290 1.65 -42.32 -19.65
CA ARG B 290 2.50 -43.03 -20.58
C ARG B 290 2.07 -42.85 -22.03
N ARG B 291 0.84 -42.37 -22.27
CA ARG B 291 0.43 -42.05 -23.63
C ARG B 291 1.16 -40.82 -24.16
N GLU B 292 1.58 -39.93 -23.26
CA GLU B 292 2.25 -38.68 -23.64
C GLU B 292 3.74 -38.85 -23.87
N ALA B 293 4.24 -40.08 -23.97
CA ALA B 293 5.67 -40.27 -24.20
C ALA B 293 6.08 -39.88 -25.61
N ARG B 294 5.15 -39.86 -26.55
CA ARG B 294 5.43 -39.50 -27.93
C ARG B 294 5.10 -38.05 -28.25
N ARG B 295 4.17 -37.44 -27.52
CA ARG B 295 3.81 -36.05 -27.75
C ARG B 295 4.66 -35.06 -26.95
N ALA B 296 5.28 -35.51 -25.86
CA ALA B 296 6.06 -34.60 -25.03
C ALA B 296 7.35 -34.18 -25.72
N LYS B 297 7.86 -33.04 -25.29
CA LYS B 297 9.11 -32.51 -25.82
C LYS B 297 10.30 -32.85 -24.95
N TYR B 298 10.16 -32.73 -23.63
CA TYR B 298 11.25 -33.00 -22.70
C TYR B 298 10.76 -33.91 -21.59
N ARG B 299 11.69 -34.67 -21.04
CA ARG B 299 11.46 -35.46 -19.83
C ARG B 299 12.27 -34.86 -18.69
N LEU B 300 11.63 -34.62 -17.56
CA LEU B 300 12.30 -34.05 -16.40
C LEU B 300 13.17 -35.11 -15.74
N VAL B 301 14.45 -34.80 -15.57
CA VAL B 301 15.42 -35.74 -15.02
C VAL B 301 15.77 -35.41 -13.58
N HIS B 302 16.34 -34.24 -13.34
CA HIS B 302 16.76 -33.82 -12.01
C HIS B 302 16.22 -32.43 -11.71
N VAL B 303 15.77 -32.23 -10.47
CA VAL B 303 15.55 -30.91 -9.91
C VAL B 303 16.39 -30.82 -8.64
N VAL B 304 17.22 -29.80 -8.54
CA VAL B 304 18.16 -29.63 -7.43
C VAL B 304 17.93 -28.25 -6.83
N ARG B 305 17.54 -28.21 -5.56
CA ARG B 305 17.24 -26.96 -4.86
C ARG B 305 18.32 -26.68 -3.83
N THR B 306 18.73 -25.41 -3.75
CA THR B 306 19.73 -24.97 -2.78
C THR B 306 19.22 -23.68 -2.14
N HIS B 307 18.75 -23.77 -0.90
CA HIS B 307 18.27 -22.62 -0.15
C HIS B 307 19.42 -22.15 0.75
N LYS B 308 20.10 -21.09 0.32
CA LYS B 308 21.20 -20.51 1.07
C LYS B 308 20.74 -19.46 2.06
N GLY B 309 19.50 -19.53 2.52
CA GLY B 309 18.98 -18.55 3.45
C GLY B 309 19.47 -18.69 4.87
N ALA B 310 20.26 -19.72 5.17
CA ALA B 310 20.78 -19.90 6.52
C ALA B 310 21.81 -18.84 6.87
N ASP B 311 22.53 -18.32 5.88
CA ASP B 311 23.42 -17.20 6.12
C ASP B 311 22.61 -15.94 6.35
N ASP B 312 23.17 -15.02 7.13
CA ASP B 312 22.49 -13.76 7.39
C ASP B 312 22.69 -12.74 6.28
N ARG B 313 23.82 -12.82 5.57
CA ARG B 313 24.02 -11.94 4.42
C ARG B 313 23.16 -12.38 3.25
N ALA B 314 23.10 -13.69 3.00
CA ALA B 314 22.37 -14.23 1.85
C ALA B 314 20.86 -14.27 2.07
N TYR B 315 20.37 -13.94 3.26
CA TYR B 315 18.93 -13.85 3.47
C TYR B 315 18.42 -12.44 3.24
N ARG B 316 19.11 -11.44 3.78
CA ARG B 316 18.75 -10.05 3.60
C ARG B 316 19.47 -9.40 2.43
N CYS B 317 19.92 -10.20 1.46
CA CYS B 317 20.56 -9.65 0.27
C CYS B 317 19.51 -9.06 -0.67
N VAL B 318 18.60 -9.91 -1.15
CA VAL B 318 17.42 -9.48 -1.89
C VAL B 318 16.28 -9.44 -0.89
N TYR B 319 15.84 -8.23 -0.53
CA TYR B 319 15.06 -8.04 0.68
C TYR B 319 14.11 -6.87 0.49
N GLU B 320 12.83 -7.10 0.71
CA GLU B 320 11.81 -6.07 0.50
C GLU B 320 11.62 -5.25 1.76
N GLU B 321 11.74 -3.94 1.62
CA GLU B 321 11.60 -3.03 2.75
C GLU B 321 10.60 -1.93 2.46
N GLU B 322 10.52 -0.96 3.36
CA GLU B 322 9.95 0.35 3.09
C GLU B 322 10.99 1.39 3.45
N ASP B 323 11.12 2.41 2.60
CA ASP B 323 12.10 3.45 2.86
C ASP B 323 11.51 4.49 3.82
N GLU B 324 12.19 5.63 3.95
CA GLU B 324 11.79 6.64 4.93
C GLU B 324 10.49 7.32 4.53
N GLN B 325 10.18 7.37 3.23
CA GLN B 325 8.93 7.96 2.77
C GLN B 325 7.75 7.00 2.86
N GLY B 326 8.00 5.72 3.14
CA GLY B 326 6.93 4.76 3.22
C GLY B 326 6.57 4.09 1.92
N PHE B 327 7.54 3.91 1.02
CA PHE B 327 7.32 3.28 -0.27
C PHE B 327 7.94 1.89 -0.26
N SER B 328 7.13 0.87 -0.56
CA SER B 328 7.64 -0.48 -0.58
C SER B 328 8.52 -0.73 -1.78
N GLY B 329 9.30 -1.80 -1.74
CA GLY B 329 10.14 -2.17 -2.85
C GLY B 329 11.26 -3.12 -2.51
N ILE B 330 11.67 -3.92 -3.49
CA ILE B 330 12.79 -4.83 -3.31
C ILE B 330 14.09 -4.03 -3.25
N SER B 331 15.01 -4.44 -2.38
CA SER B 331 16.28 -3.74 -2.19
C SER B 331 17.42 -4.72 -2.38
N LEU B 332 18.22 -4.51 -3.43
CA LEU B 332 19.34 -5.40 -3.74
C LEU B 332 20.60 -4.85 -3.11
N SER B 333 21.29 -5.69 -2.34
CA SER B 333 22.49 -5.27 -1.63
C SER B 333 23.66 -5.11 -2.59
N LYS B 334 24.75 -4.51 -2.08
CA LYS B 334 25.93 -4.28 -2.89
C LYS B 334 26.69 -5.57 -3.16
N GLU B 335 26.64 -6.52 -2.22
CA GLU B 335 27.30 -7.82 -2.40
C GLU B 335 26.37 -8.86 -2.98
N LEU B 336 25.45 -8.45 -3.87
CA LEU B 336 24.56 -9.37 -4.55
C LEU B 336 25.31 -10.35 -5.45
N MET B 337 26.46 -9.94 -5.98
CA MET B 337 27.18 -10.79 -6.93
C MET B 337 27.91 -11.92 -6.22
N ALA B 338 28.64 -11.60 -5.15
CA ALA B 338 29.39 -12.64 -4.44
C ALA B 338 28.47 -13.57 -3.67
N ILE B 339 27.34 -13.06 -3.20
CA ILE B 339 26.36 -13.93 -2.55
C ILE B 339 25.72 -14.87 -3.55
N ALA B 340 25.53 -14.41 -4.79
CA ALA B 340 25.02 -15.28 -5.84
C ALA B 340 26.03 -16.35 -6.21
N GLY B 341 27.27 -15.94 -6.53
CA GLY B 341 28.27 -16.84 -7.06
C GLY B 341 28.73 -17.92 -6.10
N ASP B 342 28.51 -17.73 -4.80
CA ASP B 342 28.73 -18.78 -3.81
C ASP B 342 27.43 -19.45 -3.40
N ALA B 343 26.32 -19.15 -4.08
CA ALA B 343 25.12 -19.97 -4.04
C ALA B 343 24.91 -20.75 -5.33
N LEU B 344 25.49 -20.29 -6.43
CA LEU B 344 25.53 -21.08 -7.65
C LEU B 344 26.42 -22.29 -7.48
N LYS B 345 27.65 -22.07 -6.99
CA LYS B 345 28.60 -23.17 -6.83
C LYS B 345 28.25 -24.08 -5.67
N SER B 346 27.42 -23.63 -4.74
CA SER B 346 26.87 -24.53 -3.74
C SER B 346 25.74 -25.38 -4.29
N ASN B 347 25.20 -25.01 -5.45
CA ASN B 347 24.25 -25.84 -6.19
C ASN B 347 24.92 -26.68 -7.26
N ILE B 348 26.11 -26.27 -7.72
CA ILE B 348 26.84 -27.05 -8.72
C ILE B 348 27.42 -28.31 -8.08
N THR B 349 27.91 -28.22 -6.85
CA THR B 349 28.50 -29.40 -6.20
C THR B 349 27.46 -30.37 -5.65
N THR B 350 26.17 -30.09 -5.77
CA THR B 350 25.15 -31.08 -5.49
C THR B 350 24.40 -31.51 -6.76
N ILE B 351 24.90 -31.10 -7.92
CA ILE B 351 24.40 -31.61 -9.19
C ILE B 351 25.52 -32.25 -10.01
N GLY B 352 26.79 -32.01 -9.67
CA GLY B 352 27.92 -32.67 -10.28
C GLY B 352 27.99 -34.17 -10.13
N PRO B 353 27.73 -34.73 -8.94
CA PRO B 353 27.58 -36.19 -8.84
C PRO B 353 26.42 -36.77 -9.62
N LEU B 354 25.43 -35.97 -10.02
CA LEU B 354 24.28 -36.49 -10.73
C LEU B 354 24.48 -36.51 -12.24
N VAL B 355 24.97 -35.41 -12.81
CA VAL B 355 24.87 -35.19 -14.26
C VAL B 355 26.20 -35.28 -14.99
N LEU B 356 27.32 -35.32 -14.28
CA LEU B 356 28.60 -35.38 -14.97
C LEU B 356 28.87 -36.80 -15.48
N PRO B 357 29.71 -36.93 -16.51
CA PRO B 357 30.19 -38.26 -16.88
C PRO B 357 31.11 -38.83 -15.81
N MET B 358 31.25 -40.16 -15.83
CA MET B 358 32.03 -40.84 -14.81
C MET B 358 33.52 -40.53 -14.93
N SER B 359 34.00 -40.28 -16.14
CA SER B 359 35.40 -39.93 -16.35
C SER B 359 35.75 -38.59 -15.74
N GLU B 360 34.89 -37.58 -15.90
CA GLU B 360 35.12 -36.29 -15.28
C GLU B 360 35.03 -36.35 -13.77
N GLN B 361 34.14 -37.20 -13.23
CA GLN B 361 34.03 -37.34 -11.78
C GLN B 361 35.27 -38.01 -11.19
N LEU B 362 35.78 -39.07 -11.84
CA LEU B 362 36.98 -39.72 -11.33
C LEU B 362 38.22 -38.86 -11.53
N LEU B 363 38.28 -38.06 -12.60
CA LEU B 363 39.39 -37.15 -12.78
C LEU B 363 39.35 -36.02 -11.76
N PHE B 364 38.15 -35.53 -11.42
CA PHE B 364 38.02 -34.52 -10.38
C PHE B 364 38.39 -35.08 -9.01
N PHE B 365 38.04 -36.35 -8.75
CA PHE B 365 38.42 -36.96 -7.48
C PHE B 365 39.92 -37.20 -7.40
N PHE B 366 40.55 -37.55 -8.52
CA PHE B 366 42.00 -37.76 -8.52
C PHE B 366 42.76 -36.44 -8.42
N ARG B 367 42.22 -35.36 -8.97
CA ARG B 367 42.84 -34.05 -8.79
C ARG B 367 42.43 -33.39 -7.46
N LEU B 368 41.43 -33.94 -6.77
CA LEU B 368 41.04 -33.49 -5.44
C LEU B 368 41.87 -34.15 -4.36
N VAL B 369 42.20 -35.43 -4.51
CA VAL B 369 43.08 -36.09 -3.55
C VAL B 369 44.54 -35.67 -3.70
N GLY B 370 44.88 -34.99 -4.80
CA GLY B 370 46.24 -34.51 -4.99
C GLY B 370 46.58 -33.29 -4.16
N ARG B 371 45.58 -32.53 -3.73
CA ARG B 371 45.80 -31.40 -2.83
C ARG B 371 45.67 -31.80 -1.36
N LYS B 372 45.56 -33.09 -1.08
CA LYS B 372 45.50 -33.58 0.30
C LYS B 372 46.86 -34.00 0.82
N LEU B 373 47.76 -34.48 -0.05
CA LEU B 373 49.02 -35.04 0.38
C LEU B 373 50.25 -34.25 -0.07
N VAL B 374 50.14 -33.42 -1.10
CA VAL B 374 51.29 -32.68 -1.61
C VAL B 374 51.34 -31.30 -0.98
N ASN B 375 50.29 -30.50 -1.20
CA ASN B 375 50.23 -29.16 -0.66
C ASN B 375 48.75 -28.84 -0.40
N LYS B 376 48.49 -28.14 0.71
CA LYS B 376 47.12 -27.87 1.16
C LYS B 376 46.51 -26.82 0.23
N GLY B 377 46.00 -27.30 -0.90
CA GLY B 377 45.39 -26.45 -1.90
C GLY B 377 46.17 -26.37 -3.19
N TRP B 378 45.76 -27.15 -4.18
CA TRP B 378 46.29 -27.08 -5.53
C TRP B 378 45.45 -26.07 -6.32
N ARG B 379 45.62 -26.06 -7.64
CA ARG B 379 44.75 -25.25 -8.48
C ARG B 379 43.33 -25.83 -8.47
N PRO B 380 42.29 -25.01 -8.40
CA PRO B 380 40.93 -25.55 -8.32
C PRO B 380 40.46 -26.07 -9.67
N TYR B 381 40.28 -27.39 -9.76
CA TYR B 381 39.81 -28.03 -10.98
C TYR B 381 38.29 -28.01 -11.00
N ILE B 382 37.72 -27.11 -11.80
CA ILE B 382 36.28 -27.07 -12.00
C ILE B 382 35.93 -28.14 -13.04
N PRO B 383 34.88 -28.92 -12.84
CA PRO B 383 34.52 -29.91 -13.86
C PRO B 383 33.88 -29.27 -15.08
N ASP B 384 34.14 -29.90 -16.23
CA ASP B 384 33.58 -29.44 -17.49
C ASP B 384 32.12 -29.82 -17.57
N PHE B 385 31.23 -28.85 -17.47
CA PHE B 385 29.81 -29.08 -17.69
C PHE B 385 29.43 -28.99 -19.15
N LYS B 386 30.38 -28.63 -20.03
CA LYS B 386 30.11 -28.62 -21.46
C LYS B 386 30.00 -30.04 -22.01
N LEU B 387 30.65 -31.01 -21.38
CA LEU B 387 30.52 -32.41 -21.76
C LEU B 387 29.39 -33.10 -21.03
N ALA B 388 28.66 -32.40 -20.18
CA ALA B 388 27.50 -32.95 -19.49
C ALA B 388 26.19 -32.37 -19.97
N PHE B 389 26.20 -31.19 -20.59
CA PHE B 389 25.01 -30.58 -21.15
C PHE B 389 25.32 -30.05 -22.54
N GLU B 390 24.26 -29.92 -23.34
CA GLU B 390 24.37 -29.26 -24.63
C GLU B 390 23.72 -27.90 -24.66
N HIS B 391 22.86 -27.58 -23.70
CA HIS B 391 22.17 -26.31 -23.63
C HIS B 391 22.21 -25.79 -22.21
N PHE B 392 22.54 -24.50 -22.07
CA PHE B 392 22.60 -23.84 -20.77
C PHE B 392 21.58 -22.72 -20.76
N CYS B 393 20.64 -22.76 -19.81
CA CYS B 393 19.64 -21.73 -19.65
C CYS B 393 19.87 -21.05 -18.29
N ILE B 394 20.72 -20.05 -18.30
CA ILE B 394 20.96 -19.22 -17.12
C ILE B 394 19.84 -18.21 -17.00
N HIS B 395 19.27 -18.07 -15.80
CA HIS B 395 18.21 -17.09 -15.58
C HIS B 395 18.73 -15.67 -15.78
N ALA B 396 18.10 -14.94 -16.69
CA ALA B 396 18.57 -13.63 -17.13
C ALA B 396 18.28 -12.61 -16.04
N GLY B 397 19.15 -12.58 -15.04
CA GLY B 397 19.02 -11.60 -13.97
C GLY B 397 19.55 -10.26 -14.40
N GLY B 398 20.83 -10.21 -14.73
CA GLY B 398 21.45 -9.00 -15.23
C GLY B 398 22.62 -9.39 -16.11
N ARG B 399 23.23 -8.38 -16.72
CA ARG B 399 24.36 -8.63 -17.60
C ARG B 399 25.58 -9.08 -16.80
N ALA B 400 25.79 -8.50 -15.62
CA ALA B 400 26.95 -8.86 -14.81
C ALA B 400 26.80 -10.24 -14.19
N VAL B 401 25.57 -10.71 -14.01
CA VAL B 401 25.33 -12.00 -13.38
C VAL B 401 25.57 -13.14 -14.37
N ILE B 402 25.30 -12.90 -15.65
CA ILE B 402 25.44 -13.97 -16.64
C ILE B 402 26.90 -14.18 -17.03
N ASP B 403 27.64 -13.10 -17.26
CA ASP B 403 29.01 -13.27 -17.75
C ASP B 403 30.02 -13.61 -16.66
N GLU B 404 29.60 -13.66 -15.39
CA GLU B 404 30.44 -14.25 -14.36
C GLU B 404 30.15 -15.73 -14.18
N LEU B 405 28.95 -16.17 -14.57
CA LEU B 405 28.67 -17.60 -14.62
C LEU B 405 29.27 -18.21 -15.88
N GLN B 406 29.31 -17.46 -16.97
CA GLN B 406 30.10 -17.84 -18.13
C GLN B 406 31.58 -17.85 -17.81
N LYS B 407 32.02 -16.98 -16.89
CA LYS B 407 33.42 -16.95 -16.48
C LYS B 407 33.77 -18.16 -15.65
N ASN B 408 32.86 -18.63 -14.80
CA ASN B 408 33.12 -19.76 -13.93
C ASN B 408 33.25 -21.06 -14.73
N LEU B 409 32.19 -21.45 -15.41
CA LEU B 409 32.15 -22.74 -16.09
C LEU B 409 32.82 -22.74 -17.45
N GLN B 410 33.49 -21.63 -17.83
CA GLN B 410 34.22 -21.48 -19.09
C GLN B 410 33.30 -21.74 -20.29
N LEU B 411 32.07 -21.24 -20.20
CA LEU B 411 31.08 -21.48 -21.25
C LEU B 411 31.41 -20.68 -22.51
N SER B 412 31.05 -21.24 -23.65
CA SER B 412 31.19 -20.56 -24.92
C SER B 412 30.14 -19.46 -25.03
N PRO B 413 30.34 -18.48 -25.92
CA PRO B 413 29.28 -17.50 -26.17
C PRO B 413 28.03 -18.11 -26.80
N ARG B 414 28.12 -19.28 -27.43
CA ARG B 414 26.92 -19.95 -27.91
C ARG B 414 26.12 -20.54 -26.76
N HIS B 415 26.79 -20.90 -25.66
CA HIS B 415 26.10 -21.54 -24.55
C HIS B 415 25.26 -20.54 -23.75
N VAL B 416 25.76 -19.33 -23.57
CA VAL B 416 25.04 -18.29 -22.88
C VAL B 416 24.28 -17.40 -23.86
N GLU B 417 24.09 -17.86 -25.09
CA GLU B 417 23.45 -17.03 -26.11
C GLU B 417 21.95 -16.91 -25.87
N ALA B 418 21.33 -17.91 -25.28
CA ALA B 418 19.90 -17.80 -24.97
C ALA B 418 19.66 -16.81 -23.85
N SER B 419 20.52 -16.84 -22.83
CA SER B 419 20.37 -15.97 -21.67
C SER B 419 20.75 -14.53 -21.98
N ARG B 420 21.68 -14.31 -22.91
CA ARG B 420 22.01 -12.93 -23.30
C ARG B 420 20.90 -12.33 -24.15
N MET B 421 20.40 -13.07 -25.12
CA MET B 421 19.40 -12.53 -26.03
C MET B 421 18.00 -12.52 -25.44
N THR B 422 17.73 -13.27 -24.38
CA THR B 422 16.49 -13.08 -23.65
C THR B 422 16.56 -11.84 -22.78
N LEU B 423 17.74 -11.55 -22.22
CA LEU B 423 17.94 -10.29 -21.50
C LEU B 423 17.87 -9.10 -22.45
N HIS B 424 18.31 -9.29 -23.69
CA HIS B 424 18.25 -8.20 -24.65
C HIS B 424 16.83 -8.00 -25.19
N ARG B 425 16.16 -9.09 -25.55
CA ARG B 425 14.84 -8.99 -26.14
C ARG B 425 13.77 -8.73 -25.08
N PHE B 426 13.63 -9.63 -24.12
CA PHE B 426 12.55 -9.55 -23.16
C PHE B 426 12.94 -8.90 -21.84
N GLY B 427 14.24 -8.71 -21.58
CA GLY B 427 14.67 -8.19 -20.31
C GLY B 427 14.63 -9.26 -19.22
N ASN B 428 14.91 -8.82 -18.00
CA ASN B 428 14.71 -9.69 -16.85
C ASN B 428 13.21 -9.76 -16.59
N THR B 429 12.55 -10.77 -17.15
CA THR B 429 11.09 -10.77 -17.13
C THR B 429 10.55 -11.12 -15.76
N SER B 430 10.83 -12.33 -15.31
CA SER B 430 10.14 -12.95 -14.19
C SER B 430 11.05 -14.04 -13.64
N SER B 431 10.45 -14.96 -12.88
CA SER B 431 11.03 -16.28 -12.72
C SER B 431 10.98 -17.11 -14.00
N SER B 432 10.17 -16.70 -14.98
CA SER B 432 9.98 -17.45 -16.22
C SER B 432 10.90 -17.01 -17.33
N SER B 433 12.07 -16.46 -17.02
CA SER B 433 13.03 -16.16 -18.08
C SER B 433 13.65 -17.43 -18.64
N LEU B 434 13.65 -18.51 -17.85
CA LEU B 434 14.17 -19.80 -18.29
C LEU B 434 13.37 -20.36 -19.45
N TRP B 435 12.06 -20.12 -19.45
CA TRP B 435 11.22 -20.65 -20.51
C TRP B 435 11.33 -19.84 -21.79
N TYR B 436 11.55 -18.53 -21.69
CA TYR B 436 11.88 -17.75 -22.89
C TYR B 436 13.24 -18.15 -23.46
N GLU B 437 14.18 -18.52 -22.59
CA GLU B 437 15.48 -18.99 -23.09
C GLU B 437 15.36 -20.35 -23.77
N LEU B 438 14.53 -21.23 -23.21
CA LEU B 438 14.27 -22.52 -23.84
C LEU B 438 13.55 -22.34 -25.18
N ALA B 439 12.63 -21.38 -25.26
CA ALA B 439 11.98 -21.07 -26.53
C ALA B 439 12.94 -20.43 -27.53
N TYR B 440 13.97 -19.73 -27.06
CA TYR B 440 14.99 -19.22 -27.98
C TYR B 440 15.80 -20.36 -28.58
N ILE B 441 16.29 -21.28 -27.73
CA ILE B 441 17.10 -22.37 -28.28
C ILE B 441 16.25 -23.42 -28.99
N GLU B 442 14.93 -23.37 -28.86
CA GLU B 442 14.06 -24.14 -29.74
C GLU B 442 13.86 -23.42 -31.07
N ALA B 443 13.57 -22.12 -31.02
CA ALA B 443 13.22 -21.36 -32.22
C ALA B 443 14.39 -21.13 -33.15
N LYS B 444 15.62 -21.28 -32.66
CA LYS B 444 16.77 -21.28 -33.55
C LYS B 444 16.94 -22.62 -34.27
N GLY B 445 16.18 -23.63 -33.90
CA GLY B 445 16.31 -24.94 -34.51
C GLY B 445 17.52 -25.70 -34.06
N ARG B 446 18.01 -25.43 -32.85
CA ARG B 446 19.18 -26.09 -32.32
C ARG B 446 18.85 -27.17 -31.31
N MET B 447 17.57 -27.41 -31.05
CA MET B 447 17.15 -28.38 -30.04
C MET B 447 16.98 -29.74 -30.70
N ARG B 448 18.07 -30.50 -30.77
CA ARG B 448 17.99 -31.86 -31.26
C ARG B 448 17.38 -32.76 -30.19
N ARG B 449 16.97 -33.96 -30.59
CA ARG B 449 16.45 -34.91 -29.62
C ARG B 449 17.61 -35.60 -28.91
N GLY B 450 17.37 -35.96 -27.65
CA GLY B 450 18.42 -36.51 -26.83
C GLY B 450 19.35 -35.50 -26.20
N ASP B 451 19.07 -34.21 -26.38
CA ASP B 451 19.89 -33.15 -25.79
C ASP B 451 19.46 -32.86 -24.36
N ARG B 452 20.39 -32.34 -23.58
CA ARG B 452 20.20 -32.12 -22.15
C ARG B 452 20.15 -30.63 -21.85
N VAL B 453 19.10 -30.21 -21.16
CA VAL B 453 18.86 -28.81 -20.83
C VAL B 453 19.22 -28.59 -19.37
N TRP B 454 19.86 -27.44 -19.07
CA TRP B 454 20.15 -27.06 -17.70
C TRP B 454 19.59 -25.67 -17.45
N GLN B 455 18.77 -25.54 -16.41
CA GLN B 455 18.08 -24.29 -16.11
C GLN B 455 18.47 -23.83 -14.71
N ILE B 456 19.38 -22.86 -14.63
CA ILE B 456 19.86 -22.33 -13.36
C ILE B 456 19.01 -21.12 -13.00
N GLY B 457 18.24 -21.21 -11.93
CA GLY B 457 17.38 -20.11 -11.52
C GLY B 457 17.54 -19.68 -10.08
N PHE B 458 17.83 -18.40 -9.86
CA PHE B 458 18.16 -17.87 -8.54
C PHE B 458 17.27 -16.67 -8.22
N GLY B 459 17.01 -16.45 -6.93
CA GLY B 459 16.06 -15.44 -6.51
C GLY B 459 16.27 -14.93 -5.10
N SER B 460 15.20 -14.82 -4.32
CA SER B 460 15.19 -14.08 -3.06
C SER B 460 15.03 -15.04 -1.90
N GLY B 461 15.70 -14.71 -0.79
CA GLY B 461 16.11 -15.71 0.19
C GLY B 461 17.33 -16.49 -0.25
N PHE B 462 17.86 -16.17 -1.42
CA PHE B 462 18.77 -16.93 -2.26
C PHE B 462 18.55 -18.43 -2.26
N LYS B 463 17.33 -18.83 -2.56
CA LYS B 463 17.08 -20.13 -3.16
C LYS B 463 17.66 -20.10 -4.57
N CYS B 464 18.59 -21.06 -4.97
CA CYS B 464 19.21 -21.22 -6.29
C CYS B 464 18.85 -22.62 -6.78
N ASN B 465 17.69 -22.74 -7.41
CA ASN B 465 17.21 -24.03 -7.88
C ASN B 465 17.70 -24.31 -9.29
N SER B 466 17.82 -25.59 -9.61
CA SER B 466 18.29 -26.05 -10.90
C SER B 466 17.36 -27.13 -11.42
N ALA B 467 17.39 -27.35 -12.72
CA ALA B 467 16.56 -28.37 -13.33
C ALA B 467 17.27 -28.93 -14.55
N VAL B 468 17.11 -30.23 -14.77
CA VAL B 468 17.72 -30.91 -15.91
C VAL B 468 16.61 -31.59 -16.71
N TRP B 469 16.46 -31.19 -17.97
CA TRP B 469 15.53 -31.79 -18.90
C TRP B 469 16.31 -32.55 -19.98
N LYS B 470 15.66 -33.54 -20.56
CA LYS B 470 16.24 -34.31 -21.66
C LYS B 470 15.26 -34.30 -22.82
N CYS B 471 15.72 -33.90 -24.00
CA CYS B 471 14.85 -33.74 -25.16
C CYS B 471 14.42 -35.08 -25.72
N LEU B 472 13.11 -35.23 -25.96
CA LEU B 472 12.57 -36.48 -26.45
C LEU B 472 12.51 -36.52 -27.98
N ARG B 473 11.78 -35.58 -28.58
CA ARG B 473 11.68 -35.47 -30.02
C ARG B 473 12.32 -34.17 -30.47
N SER B 474 12.93 -34.20 -31.65
CA SER B 474 13.58 -33.00 -32.18
C SER B 474 12.52 -31.99 -32.62
N ILE B 475 12.69 -30.76 -32.21
CA ILE B 475 11.67 -29.73 -32.37
C ILE B 475 11.80 -29.09 -33.74
N LYS B 476 10.66 -28.89 -34.41
CA LYS B 476 10.64 -28.23 -35.70
C LYS B 476 10.94 -26.74 -35.56
N THR B 477 11.37 -26.14 -36.66
CA THR B 477 11.81 -24.74 -36.62
C THR B 477 10.65 -23.74 -36.51
N PRO B 478 9.48 -23.86 -37.23
CA PRO B 478 8.36 -22.98 -36.88
C PRO B 478 7.72 -23.44 -35.57
N THR B 479 7.94 -22.67 -34.51
CA THR B 479 7.58 -23.07 -33.16
C THR B 479 6.26 -22.45 -32.70
N ASN B 480 5.88 -21.30 -33.28
CA ASN B 480 4.73 -20.49 -32.87
C ASN B 480 4.83 -20.09 -31.40
N GLY B 481 6.03 -19.70 -30.98
CA GLY B 481 6.27 -19.27 -29.63
C GLY B 481 6.37 -17.75 -29.53
N PRO B 482 7.22 -17.26 -28.64
CA PRO B 482 7.40 -15.81 -28.48
C PRO B 482 8.53 -15.21 -29.30
N TRP B 483 9.26 -16.01 -30.07
CA TRP B 483 10.43 -15.54 -30.78
C TRP B 483 10.25 -15.49 -32.29
N ASP B 484 9.05 -15.76 -32.81
CA ASP B 484 8.89 -16.10 -34.22
C ASP B 484 9.10 -14.89 -35.13
N ASP B 485 8.60 -13.73 -34.72
CA ASP B 485 8.73 -12.55 -35.58
C ASP B 485 10.13 -11.96 -35.57
N CYS B 486 11.01 -12.39 -34.65
CA CYS B 486 12.30 -11.75 -34.52
C CYS B 486 13.46 -12.73 -34.39
N ILE B 487 13.27 -14.00 -34.74
CA ILE B 487 14.37 -14.95 -34.58
C ILE B 487 15.40 -14.82 -35.70
N HIS B 488 15.05 -14.17 -36.80
CA HIS B 488 16.01 -13.95 -37.87
C HIS B 488 16.82 -12.68 -37.69
N ARG B 489 16.58 -11.95 -36.61
CA ARG B 489 17.38 -10.78 -36.25
C ARG B 489 18.12 -11.01 -34.95
N TYR B 490 18.41 -12.27 -34.63
CA TYR B 490 19.10 -12.63 -33.40
C TYR B 490 20.11 -13.72 -33.70
N PRO B 491 21.31 -13.65 -33.11
CA PRO B 491 21.81 -12.74 -32.07
C PRO B 491 22.24 -11.36 -32.58
N VAL B 492 22.27 -10.38 -31.68
CA VAL B 492 22.73 -9.04 -31.98
C VAL B 492 23.99 -8.77 -31.18
N ASP B 493 24.85 -7.90 -31.69
CA ASP B 493 25.98 -7.44 -30.92
C ASP B 493 25.50 -6.54 -29.80
N VAL B 494 25.51 -7.06 -28.58
CA VAL B 494 25.11 -6.34 -27.38
C VAL B 494 26.34 -5.60 -26.85
N PRO B 495 26.39 -4.27 -26.94
CA PRO B 495 27.61 -3.56 -26.56
C PRO B 495 27.76 -3.44 -25.05
N GLU B 496 28.90 -2.92 -24.60
CA GLU B 496 29.10 -2.67 -23.18
C GLU B 496 28.23 -1.52 -22.69
N VAL B 497 28.18 -0.43 -23.45
CA VAL B 497 27.38 0.74 -23.11
C VAL B 497 26.44 1.04 -24.27
N VAL B 498 25.38 1.79 -23.95
CA VAL B 498 24.42 2.30 -24.92
C VAL B 498 24.61 3.82 -25.00
N LYS B 499 24.74 4.33 -26.22
CA LYS B 499 25.10 5.73 -26.44
C LYS B 499 23.94 6.63 -26.06
N LEU B 500 24.08 7.35 -24.95
CA LEU B 500 23.28 8.54 -24.65
C LEU B 500 24.05 9.44 -23.69
N GLY C 22 -15.68 24.29 -15.31
CA GLY C 22 -15.44 25.37 -16.25
C GLY C 22 -14.13 25.22 -17.01
N ALA C 23 -13.06 24.92 -16.28
CA ALA C 23 -11.74 24.75 -16.88
C ALA C 23 -11.43 23.27 -17.02
N VAL C 24 -10.37 22.99 -17.78
CA VAL C 24 -9.93 21.62 -18.00
C VAL C 24 -9.13 21.14 -16.79
N HIS C 25 -9.25 19.86 -16.48
CA HIS C 25 -8.62 19.30 -15.30
C HIS C 25 -8.42 17.81 -15.52
N GLY C 26 -7.65 17.20 -14.62
CA GLY C 26 -7.40 15.77 -14.67
C GLY C 26 -6.43 15.39 -15.77
N HIS C 27 -5.29 16.06 -15.83
CA HIS C 27 -4.30 15.81 -16.87
C HIS C 27 -3.56 14.52 -16.57
N ARG C 28 -3.85 13.47 -17.33
CA ARG C 28 -3.21 12.17 -17.17
C ARG C 28 -2.25 11.98 -18.33
N LEU C 29 -0.97 12.27 -18.10
CA LEU C 29 0.02 12.18 -19.15
C LEU C 29 0.37 10.72 -19.45
N SER C 30 0.80 10.47 -20.67
CA SER C 30 1.17 9.14 -21.13
C SER C 30 2.20 9.30 -22.24
N THR C 31 2.54 8.19 -22.90
CA THR C 31 3.52 8.24 -23.98
C THR C 31 3.27 7.06 -24.92
N VAL C 32 3.09 7.36 -26.21
CA VAL C 32 3.02 6.35 -27.25
C VAL C 32 4.30 6.40 -28.06
N VAL C 33 4.79 5.24 -28.48
CA VAL C 33 6.09 5.10 -29.10
C VAL C 33 5.91 4.52 -30.49
N PRO C 34 6.91 4.52 -31.37
CA PRO C 34 6.80 3.75 -32.62
C PRO C 34 6.69 2.26 -32.35
N SER C 35 5.98 1.56 -33.23
CA SER C 35 5.70 0.15 -33.01
C SER C 35 6.88 -0.74 -33.37
N SER C 36 7.81 -0.26 -34.19
CA SER C 36 8.99 -1.03 -34.56
C SER C 36 10.22 -0.23 -34.22
N VAL C 37 11.28 -0.94 -33.81
CA VAL C 37 12.52 -0.30 -33.39
C VAL C 37 13.21 0.29 -34.62
N THR C 38 13.47 1.59 -34.57
CA THR C 38 14.16 2.25 -35.67
C THR C 38 15.67 2.15 -35.57
N GLY C 39 16.19 1.62 -34.47
CA GLY C 39 17.62 1.58 -34.29
C GLY C 39 18.15 2.98 -33.96
N GLU C 40 19.42 3.18 -34.25
CA GLU C 40 20.01 4.51 -34.15
C GLU C 40 19.94 5.18 -35.52
N VAL C 41 19.23 6.30 -35.60
CA VAL C 41 19.03 7.03 -36.84
C VAL C 41 19.21 8.51 -36.54
N ASP C 42 20.12 9.15 -37.26
CA ASP C 42 20.38 10.59 -37.09
C ASP C 42 19.62 11.31 -38.21
N TYR C 43 18.35 11.62 -37.95
CA TYR C 43 17.52 12.33 -38.92
C TYR C 43 17.98 13.77 -38.98
N ALA C 44 18.72 14.11 -40.04
CA ALA C 44 19.23 15.46 -40.18
C ALA C 44 18.11 16.43 -40.54
N LEU C 45 18.28 17.67 -40.13
CA LEU C 45 17.27 18.71 -40.31
C LEU C 45 17.71 19.68 -41.40
N ALA C 46 16.73 20.17 -42.16
CA ALA C 46 17.03 21.15 -43.18
C ALA C 46 17.28 22.51 -42.56
N ASP C 47 17.78 23.44 -43.37
CA ASP C 47 17.99 24.80 -42.90
C ASP C 47 16.66 25.52 -42.71
N ALA C 48 15.66 25.21 -43.54
CA ALA C 48 14.32 25.74 -43.33
C ALA C 48 13.68 25.14 -42.09
N ASP C 49 14.07 23.92 -41.72
CA ASP C 49 13.59 23.33 -40.47
C ASP C 49 14.21 24.03 -39.27
N LEU C 50 15.48 24.42 -39.36
CA LEU C 50 16.12 25.13 -38.27
C LEU C 50 15.71 26.59 -38.19
N ALA C 51 15.21 27.17 -39.28
CA ALA C 51 14.73 28.54 -39.23
C ALA C 51 13.46 28.65 -38.38
N PHE C 52 12.52 27.72 -38.57
CA PHE C 52 11.23 27.78 -37.91
C PHE C 52 11.21 27.08 -36.56
N LYS C 53 12.36 26.89 -35.92
CA LYS C 53 12.43 26.04 -34.74
C LYS C 53 11.87 26.68 -33.49
N LEU C 54 11.58 27.97 -33.51
CA LEU C 54 11.13 28.68 -32.32
C LEU C 54 9.62 28.76 -32.18
N HIS C 55 8.86 28.40 -33.21
CA HIS C 55 7.41 28.50 -33.18
C HIS C 55 6.79 27.14 -32.95
N TYR C 56 5.50 27.13 -32.59
CA TYR C 56 4.82 25.91 -32.19
C TYR C 56 3.37 25.97 -32.63
N LEU C 57 2.91 24.95 -33.33
CA LEU C 57 1.52 24.87 -33.77
C LEU C 57 0.64 24.38 -32.64
N ARG C 58 -0.37 25.16 -32.28
CA ARG C 58 -1.35 24.76 -31.27
C ARG C 58 -2.70 24.64 -31.98
N GLY C 59 -3.05 23.43 -32.42
CA GLY C 59 -4.26 23.25 -33.18
C GLY C 59 -5.21 22.22 -32.63
N VAL C 60 -6.40 22.64 -32.28
CA VAL C 60 -7.39 21.77 -31.68
C VAL C 60 -8.42 21.37 -32.72
N TYR C 61 -9.04 20.21 -32.53
CA TYR C 61 -10.04 19.67 -33.44
C TYR C 61 -11.26 19.24 -32.62
N TYR C 62 -12.37 19.97 -32.78
CA TYR C 62 -13.55 19.70 -31.96
C TYR C 62 -14.45 18.66 -32.63
N TYR C 63 -15.31 18.05 -31.81
CA TYR C 63 -16.16 16.96 -32.27
C TYR C 63 -17.48 16.99 -31.54
N ARG C 64 -18.56 16.73 -32.28
CA ARG C 64 -19.90 16.78 -31.67
C ARG C 64 -20.15 15.58 -30.78
N SER C 65 -19.51 14.45 -31.05
CA SER C 65 -19.71 13.24 -30.25
C SER C 65 -18.44 12.42 -30.24
N GLY C 66 -18.08 11.93 -29.06
CA GLY C 66 -16.90 11.09 -28.92
C GLY C 66 -17.25 9.69 -28.45
N ASP C 67 -18.38 9.16 -28.93
CA ASP C 67 -18.80 7.82 -28.58
C ASP C 67 -17.95 6.78 -29.31
N GLY C 68 -17.58 5.74 -28.58
CA GLY C 68 -16.66 4.76 -29.14
C GLY C 68 -15.26 5.28 -29.32
N LEU C 69 -14.87 6.30 -28.57
CA LEU C 69 -13.57 6.96 -28.70
C LEU C 69 -12.92 7.14 -27.34
N ALA C 70 -12.92 6.07 -26.53
CA ALA C 70 -12.18 6.08 -25.29
C ALA C 70 -10.68 6.07 -25.58
N THR C 71 -9.88 6.39 -24.56
CA THR C 71 -8.45 6.60 -24.77
C THR C 71 -7.70 5.27 -24.65
N LYS C 72 -8.17 4.31 -25.42
CA LYS C 72 -7.40 3.15 -25.88
C LYS C 72 -7.56 2.95 -27.38
N VAL C 73 -8.76 3.17 -27.91
CA VAL C 73 -8.98 3.07 -29.35
C VAL C 73 -8.48 4.31 -30.07
N LEU C 74 -8.17 5.38 -29.35
CA LEU C 74 -7.46 6.51 -29.92
C LEU C 74 -5.95 6.37 -29.81
N LYS C 75 -5.47 5.55 -28.88
CA LYS C 75 -4.03 5.40 -28.67
C LYS C 75 -3.41 4.22 -29.42
N ASP C 76 -4.17 3.13 -29.63
CA ASP C 76 -3.62 2.01 -30.38
C ASP C 76 -3.29 2.30 -31.85
N PRO C 77 -4.04 3.10 -32.62
CA PRO C 77 -3.55 3.46 -33.96
C PRO C 77 -2.36 4.41 -33.97
N MET C 78 -1.96 4.97 -32.83
CA MET C 78 -0.80 5.85 -32.82
C MET C 78 0.51 5.08 -32.93
N PHE C 79 0.50 3.79 -32.65
CA PHE C 79 1.70 2.97 -32.79
C PHE C 79 2.00 2.60 -34.24
N PRO C 80 1.04 2.20 -35.10
CA PRO C 80 1.39 2.07 -36.53
C PRO C 80 1.46 3.39 -37.26
N TRP C 81 1.08 4.50 -36.63
CA TRP C 81 1.24 5.80 -37.25
C TRP C 81 2.62 6.37 -36.97
N LEU C 82 3.20 6.04 -35.82
CA LEU C 82 4.45 6.67 -35.41
C LEU C 82 5.68 6.03 -36.03
N ASP C 83 5.64 4.74 -36.35
CA ASP C 83 6.78 4.16 -37.08
C ASP C 83 6.80 4.60 -38.53
N ASP C 84 5.65 5.04 -39.04
CA ASP C 84 5.61 5.71 -40.34
C ASP C 84 6.29 7.07 -40.28
N HIS C 85 6.16 7.76 -39.16
CA HIS C 85 6.72 9.11 -39.00
C HIS C 85 7.70 9.18 -37.83
N PHE C 86 8.64 8.24 -37.77
CA PHE C 86 9.56 8.10 -36.64
C PHE C 86 10.43 9.30 -36.22
N PRO C 87 10.73 10.31 -37.06
CA PRO C 87 11.39 11.51 -36.50
C PRO C 87 10.49 12.39 -35.66
N VAL C 88 9.17 12.16 -35.64
CA VAL C 88 8.32 12.91 -34.74
C VAL C 88 8.52 12.41 -33.31
N ALA C 89 8.83 11.13 -33.14
CA ALA C 89 9.08 10.56 -31.82
C ALA C 89 10.53 10.67 -31.39
N GLY C 90 11.37 11.36 -32.17
CA GLY C 90 12.76 11.53 -31.80
C GLY C 90 12.94 12.64 -30.80
N ARG C 91 14.20 12.93 -30.50
CA ARG C 91 14.59 14.00 -29.60
C ARG C 91 15.73 14.79 -30.21
N VAL C 92 15.83 16.06 -29.83
CA VAL C 92 16.85 16.94 -30.38
C VAL C 92 18.17 16.65 -29.70
N ARG C 93 19.24 16.53 -30.49
CA ARG C 93 20.59 16.46 -29.95
C ARG C 93 21.44 17.53 -30.62
N ARG C 94 22.74 17.51 -30.39
CA ARG C 94 23.64 18.49 -31.01
C ARG C 94 24.96 17.81 -31.32
N ALA C 95 25.33 17.80 -32.60
CA ALA C 95 26.61 17.25 -32.98
C ALA C 95 27.72 18.25 -32.70
N GLU C 96 28.96 17.76 -32.73
CA GLU C 96 30.13 18.59 -32.50
C GLU C 96 30.67 19.09 -33.84
N ALA C 97 31.04 20.38 -33.86
CA ALA C 97 31.52 21.00 -35.09
C ALA C 97 32.90 20.47 -35.48
N GLU C 98 33.24 20.67 -36.76
CA GLU C 98 34.51 20.17 -37.28
C GLU C 98 35.67 21.01 -36.77
N GLY C 99 35.60 22.32 -36.97
CA GLY C 99 36.65 23.20 -36.49
C GLY C 99 36.35 23.69 -35.09
N ASP C 100 36.17 24.99 -34.92
CA ASP C 100 35.76 25.52 -33.63
C ASP C 100 34.26 25.36 -33.46
N GLY C 101 33.85 25.00 -32.23
CA GLY C 101 32.46 24.70 -31.98
C GLY C 101 31.58 25.89 -31.65
N ALA C 102 31.69 26.95 -32.46
CA ALA C 102 30.80 28.10 -32.27
C ALA C 102 29.42 27.83 -32.89
N PRO C 103 29.29 27.20 -34.10
CA PRO C 103 28.00 26.59 -34.42
C PRO C 103 27.96 25.11 -34.09
N ARG C 104 26.78 24.60 -33.74
CA ARG C 104 26.59 23.18 -33.48
C ARG C 104 25.22 22.81 -34.03
N ARG C 105 25.20 22.07 -35.13
CA ARG C 105 23.94 21.84 -35.84
C ARG C 105 23.09 20.81 -35.11
N PRO C 106 21.84 21.12 -34.79
CA PRO C 106 20.96 20.12 -34.18
C PRO C 106 20.55 19.05 -35.18
N TYR C 107 20.12 17.92 -34.64
CA TYR C 107 19.61 16.82 -35.44
C TYR C 107 18.67 16.01 -34.56
N ILE C 108 17.57 15.56 -35.14
CA ILE C 108 16.58 14.79 -34.40
C ILE C 108 17.10 13.37 -34.29
N LYS C 109 17.65 13.01 -33.12
CA LYS C 109 18.08 11.63 -32.90
C LYS C 109 16.86 10.75 -32.74
N CYS C 110 16.73 9.75 -33.59
CA CYS C 110 15.48 8.98 -33.69
C CYS C 110 15.45 7.82 -32.71
N ASN C 111 15.71 8.11 -31.44
CA ASN C 111 15.33 7.17 -30.39
C ASN C 111 13.83 7.25 -30.20
N ASP C 112 13.21 6.12 -29.89
CA ASP C 112 11.75 6.06 -29.77
C ASP C 112 11.30 6.58 -28.41
N CYS C 113 11.57 7.86 -28.16
CA CYS C 113 11.19 8.45 -26.89
C CYS C 113 9.71 8.76 -26.85
N GLY C 114 9.10 9.04 -28.00
CA GLY C 114 7.66 9.08 -28.11
C GLY C 114 7.09 10.48 -27.92
N VAL C 115 5.78 10.55 -28.12
CA VAL C 115 5.04 11.80 -28.00
C VAL C 115 4.07 11.69 -26.82
N ARG C 116 3.69 12.84 -26.28
CA ARG C 116 2.85 12.83 -25.10
C ARG C 116 1.38 12.71 -25.45
N ILE C 117 0.64 12.00 -24.61
CA ILE C 117 -0.81 11.92 -24.69
C ILE C 117 -1.36 12.43 -23.37
N VAL C 118 -2.12 13.52 -23.43
CA VAL C 118 -2.76 14.10 -22.26
C VAL C 118 -4.25 13.80 -22.33
N GLU C 119 -4.79 13.19 -21.29
CA GLU C 119 -6.18 12.74 -21.27
C GLU C 119 -6.92 13.54 -20.21
N ALA C 120 -7.41 14.71 -20.59
CA ALA C 120 -8.11 15.58 -19.66
C ALA C 120 -9.62 15.48 -19.87
N ARG C 121 -10.36 16.33 -19.16
CA ARG C 121 -11.81 16.41 -19.31
C ARG C 121 -12.27 17.79 -18.88
N CYS C 122 -13.48 18.15 -19.32
CA CYS C 122 -14.07 19.42 -18.98
C CYS C 122 -15.57 19.24 -18.76
N ASP C 123 -16.10 19.90 -17.73
CA ASP C 123 -17.51 19.79 -17.39
C ASP C 123 -18.35 20.87 -18.06
N ARG C 124 -17.79 21.61 -19.02
CA ARG C 124 -18.51 22.66 -19.72
C ARG C 124 -19.20 22.10 -20.96
N ASP C 125 -20.29 22.75 -21.36
CA ASP C 125 -20.89 22.47 -22.65
C ASP C 125 -19.95 22.93 -23.76
N MET C 126 -19.71 22.06 -24.75
CA MET C 126 -18.70 22.35 -25.75
C MET C 126 -19.17 23.39 -26.76
N ALA C 127 -20.47 23.39 -27.07
CA ALA C 127 -21.01 24.32 -28.06
C ALA C 127 -20.96 25.77 -27.56
N GLU C 128 -21.12 25.97 -26.25
CA GLU C 128 -20.96 27.31 -25.70
C GLU C 128 -19.50 27.75 -25.71
N TRP C 129 -18.57 26.81 -25.52
CA TRP C 129 -17.16 27.16 -25.53
C TRP C 129 -16.67 27.46 -26.94
N ILE C 130 -17.25 26.81 -27.96
CA ILE C 130 -16.93 27.13 -29.34
C ILE C 130 -17.41 28.54 -29.68
N ARG C 131 -18.57 28.93 -29.15
CA ARG C 131 -19.15 30.25 -29.38
C ARG C 131 -18.75 31.24 -28.29
N ASP C 132 -17.57 31.07 -27.69
CA ASP C 132 -17.06 31.98 -26.68
C ASP C 132 -16.09 32.96 -27.34
N ALA C 133 -16.24 34.24 -27.03
CA ALA C 133 -15.38 35.27 -27.58
C ALA C 133 -14.13 35.51 -26.74
N ALA C 134 -13.95 34.77 -25.65
CA ALA C 134 -12.77 34.93 -24.81
C ALA C 134 -11.56 34.31 -25.50
N PRO C 135 -10.40 34.98 -25.46
CA PRO C 135 -9.24 34.48 -26.21
C PRO C 135 -8.57 33.26 -25.59
N GLY C 136 -8.85 32.93 -24.33
CA GLY C 136 -8.23 31.73 -23.80
C GLY C 136 -9.08 30.50 -24.06
N ARG C 137 -8.81 29.82 -25.17
CA ARG C 137 -9.42 28.53 -25.46
C ARG C 137 -8.40 27.51 -25.93
N ILE C 138 -7.43 27.92 -26.75
CA ILE C 138 -6.39 27.01 -27.19
C ILE C 138 -5.30 26.88 -26.13
N ARG C 139 -5.20 27.87 -25.25
CA ARG C 139 -4.27 27.79 -24.12
C ARG C 139 -4.68 26.68 -23.15
N GLN C 140 -5.97 26.38 -23.06
CA GLN C 140 -6.45 25.34 -22.16
C GLN C 140 -6.58 23.98 -22.83
N LEU C 141 -6.95 23.93 -24.11
CA LEU C 141 -7.37 22.69 -24.73
C LEU C 141 -6.22 21.87 -25.30
N CYS C 142 -5.04 22.44 -25.45
CA CYS C 142 -3.86 21.67 -25.84
C CYS C 142 -2.72 22.02 -24.90
N TYR C 143 -1.80 21.06 -24.75
CA TYR C 143 -0.78 21.13 -23.70
C TYR C 143 0.24 22.22 -24.01
N ASP C 144 0.29 23.24 -23.16
CA ASP C 144 1.20 24.38 -23.32
C ASP C 144 2.58 23.93 -22.86
N LYS C 145 3.30 23.27 -23.75
CA LYS C 145 4.70 22.96 -23.54
C LYS C 145 5.46 23.22 -24.83
N VAL C 146 6.74 23.51 -24.69
CA VAL C 146 7.61 23.86 -25.79
C VAL C 146 8.81 22.93 -25.74
N LEU C 147 9.77 23.17 -26.64
CA LEU C 147 11.06 22.52 -26.50
C LEU C 147 11.80 23.20 -25.36
N GLY C 148 11.54 22.74 -24.13
CA GLY C 148 11.85 23.49 -22.94
C GLY C 148 13.32 23.50 -22.58
N PRO C 149 13.63 23.94 -21.35
CA PRO C 149 15.05 24.09 -20.96
C PRO C 149 15.81 22.78 -20.88
N GLU C 150 15.12 21.68 -20.58
CA GLU C 150 15.68 20.35 -20.80
C GLU C 150 15.36 19.99 -22.25
N LEU C 151 16.16 20.54 -23.16
CA LEU C 151 15.90 20.45 -24.59
C LEU C 151 16.08 19.05 -25.12
N PHE C 152 16.98 18.27 -24.52
CA PHE C 152 17.31 16.96 -25.03
C PHE C 152 16.26 15.92 -24.66
N PHE C 153 15.27 16.28 -23.84
CA PHE C 153 14.22 15.37 -23.40
C PHE C 153 12.85 16.02 -23.55
N SER C 154 12.69 16.89 -24.54
CA SER C 154 11.42 17.58 -24.74
C SER C 154 10.66 16.94 -25.90
N PRO C 155 9.41 16.55 -25.69
CA PRO C 155 8.63 15.93 -26.77
C PRO C 155 8.33 16.91 -27.88
N LEU C 156 8.26 16.38 -29.10
CA LEU C 156 8.03 17.18 -30.29
C LEU C 156 6.57 17.22 -30.70
N LEU C 157 5.68 16.56 -29.96
CA LEU C 157 4.25 16.51 -30.28
C LEU C 157 3.48 16.18 -29.02
N TYR C 158 2.35 16.86 -28.82
CA TYR C 158 1.48 16.64 -27.68
C TYR C 158 0.05 16.53 -28.18
N VAL C 159 -0.59 15.38 -27.94
CA VAL C 159 -2.01 15.23 -28.18
C VAL C 159 -2.72 15.40 -26.85
N GLN C 160 -3.75 16.24 -26.83
CA GLN C 160 -4.58 16.41 -25.64
C GLN C 160 -6.01 16.00 -25.97
N ILE C 161 -6.50 14.97 -25.28
CA ILE C 161 -7.80 14.40 -25.57
C ILE C 161 -8.76 14.73 -24.44
N THR C 162 -9.52 15.81 -24.58
CA THR C 162 -10.47 16.23 -23.57
C THR C 162 -11.87 15.76 -23.92
N ASN C 163 -12.59 15.27 -22.91
CA ASN C 163 -13.97 14.82 -23.06
C ASN C 163 -14.90 15.75 -22.30
N PHE C 164 -16.02 16.07 -22.93
CA PHE C 164 -16.93 17.08 -22.40
C PHE C 164 -18.14 16.43 -21.75
N LYS C 165 -18.85 17.23 -20.94
CA LYS C 165 -20.06 16.76 -20.26
C LYS C 165 -21.20 16.53 -21.25
N CYS C 166 -21.24 17.29 -22.33
CA CYS C 166 -22.26 17.09 -23.36
C CYS C 166 -22.01 15.79 -24.12
N GLY C 167 -20.76 15.36 -24.23
CA GLY C 167 -20.44 14.13 -24.93
C GLY C 167 -19.50 14.36 -26.10
N GLY C 168 -18.93 15.56 -26.17
CA GLY C 168 -18.06 15.92 -27.26
C GLY C 168 -16.66 15.37 -27.10
N LEU C 169 -15.75 15.90 -27.92
CA LEU C 169 -14.36 15.52 -27.90
C LEU C 169 -13.56 16.64 -28.55
N ALA C 170 -12.35 16.88 -28.05
CA ALA C 170 -11.48 17.92 -28.60
C ALA C 170 -10.05 17.40 -28.61
N LEU C 171 -9.61 16.93 -29.76
CA LEU C 171 -8.22 16.51 -29.93
C LEU C 171 -7.35 17.75 -30.08
N GLY C 172 -6.49 18.00 -29.10
CA GLY C 172 -5.63 19.16 -29.13
C GLY C 172 -4.19 18.80 -29.45
N PHE C 173 -3.77 19.11 -30.67
CA PHE C 173 -2.45 18.75 -31.15
C PHE C 173 -1.50 19.93 -30.97
N SER C 174 -0.47 19.74 -30.17
CA SER C 174 0.58 20.73 -29.99
C SER C 174 1.80 20.25 -30.75
N TRP C 175 2.10 20.92 -31.86
CA TRP C 175 3.11 20.48 -32.81
C TRP C 175 4.27 21.47 -32.79
N ALA C 176 5.48 20.96 -32.69
CA ALA C 176 6.67 21.80 -32.81
C ALA C 176 6.93 22.09 -34.28
N HIS C 177 7.07 23.37 -34.62
CA HIS C 177 7.30 23.80 -36.01
C HIS C 177 8.69 23.43 -36.53
N LEU C 178 9.56 22.88 -35.67
CA LEU C 178 10.91 22.51 -36.08
C LEU C 178 10.88 21.36 -37.09
N ILE C 179 10.09 20.37 -36.72
CA ILE C 179 10.14 19.13 -37.49
C ILE C 179 9.35 19.22 -38.79
N GLY C 180 8.21 19.90 -38.78
CA GLY C 180 7.42 20.04 -40.00
C GLY C 180 6.45 21.19 -39.87
N ASP C 181 6.02 21.72 -41.02
CA ASP C 181 5.15 22.88 -41.04
C ASP C 181 3.69 22.45 -41.02
N ILE C 182 2.79 23.39 -41.29
CA ILE C 182 1.34 23.18 -41.17
C ILE C 182 0.75 22.19 -42.17
N PRO C 183 0.93 22.29 -43.40
CA PRO C 183 0.58 21.10 -44.21
C PRO C 183 1.20 19.82 -43.69
N SER C 184 2.46 19.85 -43.28
CA SER C 184 3.13 18.65 -42.83
C SER C 184 2.70 18.21 -41.44
N ALA C 185 1.97 19.05 -40.70
CA ALA C 185 1.34 18.61 -39.48
C ALA C 185 -0.07 18.11 -39.73
N ALA C 186 -0.84 18.85 -40.54
CA ALA C 186 -2.24 18.49 -40.77
C ALA C 186 -2.36 17.19 -41.55
N THR C 187 -1.52 16.98 -42.56
CA THR C 187 -1.56 15.73 -43.30
C THR C 187 -1.03 14.57 -42.46
N CYS C 188 -0.15 14.84 -41.50
CA CYS C 188 0.32 13.78 -40.61
C CYS C 188 -0.78 13.35 -39.64
N PHE C 189 -1.56 14.32 -39.15
CA PHE C 189 -2.68 13.96 -38.27
C PHE C 189 -3.77 13.24 -39.06
N ASN C 190 -3.99 13.64 -40.32
CA ASN C 190 -4.93 12.92 -41.17
C ASN C 190 -4.43 11.51 -41.49
N LYS C 191 -3.12 11.34 -41.62
CA LYS C 191 -2.55 10.01 -41.80
C LYS C 191 -2.73 9.15 -40.56
N TRP C 192 -2.76 9.77 -39.38
CA TRP C 192 -3.11 9.01 -38.18
C TRP C 192 -4.58 8.61 -38.21
N ALA C 193 -5.46 9.53 -38.60
CA ALA C 193 -6.89 9.24 -38.57
C ALA C 193 -7.30 8.23 -39.63
N GLN C 194 -6.54 8.13 -40.72
CA GLN C 194 -6.83 7.12 -41.73
C GLN C 194 -6.50 5.72 -41.23
N ILE C 195 -5.44 5.57 -40.43
CA ILE C 195 -5.16 4.30 -39.79
C ILE C 195 -6.17 4.01 -38.70
N LEU C 196 -6.65 5.06 -38.03
CA LEU C 196 -7.64 4.88 -36.98
C LEU C 196 -8.99 4.44 -37.54
N SER C 197 -9.36 4.96 -38.71
CA SER C 197 -10.66 4.61 -39.29
C SER C 197 -10.68 3.23 -39.91
N GLY C 198 -9.55 2.78 -40.45
CA GLY C 198 -9.49 1.55 -41.20
C GLY C 198 -9.00 1.72 -42.62
N LYS C 199 -8.63 2.92 -43.04
CA LYS C 199 -8.13 3.15 -44.39
C LYS C 199 -6.65 2.78 -44.46
N LYS C 200 -6.03 3.11 -45.58
CA LYS C 200 -4.60 2.91 -45.78
C LYS C 200 -3.98 4.25 -46.15
N PRO C 201 -3.08 4.80 -45.33
CA PRO C 201 -2.49 6.10 -45.66
C PRO C 201 -1.49 5.97 -46.79
N GLU C 202 -1.19 7.12 -47.40
CA GLU C 202 -0.29 7.13 -48.55
C GLU C 202 1.16 6.90 -48.09
N ALA C 203 2.05 6.76 -49.07
CA ALA C 203 3.45 6.49 -48.80
C ALA C 203 4.09 7.70 -48.17
N THR C 204 4.29 7.65 -46.86
CA THR C 204 4.94 8.75 -46.15
C THR C 204 6.45 8.71 -46.42
N VAL C 205 6.84 9.38 -47.50
CA VAL C 205 8.24 9.49 -47.86
C VAL C 205 8.95 10.34 -46.82
N LEU C 206 10.17 9.94 -46.45
CA LEU C 206 11.14 10.84 -45.83
C LEU C 206 12.55 10.51 -46.31
N THR C 207 12.67 9.90 -47.48
CA THR C 207 13.89 9.25 -47.95
C THR C 207 15.08 10.14 -48.36
N PRO C 208 14.95 11.33 -48.97
CA PRO C 208 16.16 12.13 -49.21
C PRO C 208 16.59 12.81 -47.94
N PRO C 209 17.85 12.62 -47.52
CA PRO C 209 18.31 13.27 -46.29
C PRO C 209 18.52 14.76 -46.51
N ASN C 210 17.96 15.56 -45.60
CA ASN C 210 18.11 17.01 -45.67
C ASN C 210 19.54 17.40 -45.33
N GLN C 211 20.14 18.21 -46.17
CA GLN C 211 21.55 18.54 -46.01
C GLN C 211 21.72 20.04 -45.79
N PRO C 212 22.73 20.45 -45.02
CA PRO C 212 23.00 21.89 -44.85
C PRO C 212 23.50 22.53 -46.13
N LEU C 213 22.74 23.48 -46.67
CA LEU C 213 23.12 24.13 -47.91
C LEU C 213 24.31 25.05 -47.68
N GLN C 214 25.10 25.26 -48.74
CA GLN C 214 26.35 26.00 -48.65
C GLN C 214 26.10 27.47 -49.01
N GLY C 215 25.28 28.11 -48.17
CA GLY C 215 25.01 29.52 -48.28
C GLY C 215 24.96 30.16 -46.91
N GLN C 216 25.64 31.29 -46.73
CA GLN C 216 25.75 31.91 -45.41
C GLN C 216 24.77 33.05 -45.18
N SER C 217 24.44 33.83 -46.23
CA SER C 217 23.55 35.00 -46.25
C SER C 217 23.79 35.93 -45.07
N PRO C 218 24.88 36.70 -45.06
CA PRO C 218 25.23 37.47 -43.86
C PRO C 218 24.26 38.61 -43.56
N ALA C 219 23.62 39.17 -44.58
CA ALA C 219 22.60 40.19 -44.36
C ALA C 219 21.31 39.54 -43.88
N ALA C 220 20.71 40.14 -42.85
CA ALA C 220 19.46 39.61 -42.34
C ALA C 220 18.31 39.97 -43.28
N PRO C 221 17.34 39.07 -43.45
CA PRO C 221 16.17 39.40 -44.28
C PRO C 221 15.29 40.44 -43.61
N ARG C 222 14.52 41.16 -44.43
CA ARG C 222 13.67 42.23 -43.94
C ARG C 222 12.39 41.71 -43.27
N SER C 223 12.05 40.45 -43.46
CA SER C 223 10.82 39.88 -42.93
C SER C 223 10.96 39.38 -41.50
N VAL C 224 12.17 39.43 -40.93
CA VAL C 224 12.47 38.77 -39.67
C VAL C 224 13.21 39.74 -38.76
N LYS C 225 13.32 39.34 -37.49
CA LYS C 225 14.17 40.03 -36.52
C LYS C 225 14.92 38.97 -35.74
N GLN C 226 16.24 38.94 -35.89
CA GLN C 226 17.07 37.92 -35.25
C GLN C 226 17.12 38.15 -33.74
N VAL C 227 16.61 37.19 -32.99
CA VAL C 227 16.70 37.22 -31.53
C VAL C 227 18.06 36.68 -31.12
N GLY C 228 18.40 36.85 -29.84
CA GLY C 228 19.69 36.44 -29.33
C GLY C 228 19.94 34.94 -29.39
N PRO C 229 21.21 34.54 -29.32
CA PRO C 229 21.56 33.13 -29.51
C PRO C 229 21.18 32.27 -28.32
N MET C 230 19.92 31.83 -28.29
CA MET C 230 19.42 31.01 -27.20
C MET C 230 20.08 29.63 -27.20
N GLU C 231 20.33 29.12 -26.00
CA GLU C 231 21.14 27.92 -25.82
C GLU C 231 20.30 26.65 -25.73
N ASP C 232 19.44 26.55 -24.73
CA ASP C 232 18.65 25.35 -24.53
C ASP C 232 17.16 25.60 -24.38
N LEU C 233 16.72 26.84 -24.33
CA LEU C 233 15.29 27.16 -24.34
C LEU C 233 14.96 27.70 -25.71
N TRP C 234 14.33 26.87 -26.55
CA TRP C 234 13.99 27.25 -27.91
C TRP C 234 12.60 27.89 -27.92
N LEU C 235 12.52 29.03 -27.25
CA LEU C 235 11.29 29.81 -27.16
C LEU C 235 11.67 31.22 -26.76
N VAL C 236 11.28 32.19 -27.56
CA VAL C 236 11.54 33.59 -27.20
C VAL C 236 10.62 33.98 -26.05
N PRO C 237 11.12 34.58 -24.97
CA PRO C 237 10.24 35.05 -23.90
C PRO C 237 9.32 36.15 -24.40
N ALA C 238 8.10 36.16 -23.87
CA ALA C 238 7.03 36.96 -24.44
C ALA C 238 7.24 38.44 -24.16
N GLY C 239 7.31 38.81 -22.88
CA GLY C 239 7.33 40.22 -22.52
C GLY C 239 5.93 40.77 -22.39
N ARG C 240 5.16 40.67 -23.47
CA ARG C 240 3.75 41.01 -23.46
C ARG C 240 2.93 39.77 -23.10
N ASP C 241 1.63 39.84 -23.34
CA ASP C 241 0.65 38.86 -22.86
C ASP C 241 -0.16 38.32 -24.04
N MET C 242 0.56 37.81 -25.03
CA MET C 242 0.01 37.29 -26.29
C MET C 242 -1.12 36.29 -26.08
N ALA C 243 -2.19 36.45 -26.85
CA ALA C 243 -3.34 35.57 -26.81
C ALA C 243 -3.91 35.44 -28.22
N CYS C 244 -4.73 34.41 -28.43
CA CYS C 244 -5.28 34.09 -29.74
C CYS C 244 -6.79 34.18 -29.71
N TYR C 245 -7.35 35.07 -30.52
CA TYR C 245 -8.79 35.27 -30.59
C TYR C 245 -9.33 34.73 -31.90
N SER C 246 -10.44 34.00 -31.83
CA SER C 246 -11.05 33.34 -32.97
C SER C 246 -12.29 34.11 -33.38
N PHE C 247 -12.39 34.47 -34.66
CA PHE C 247 -13.62 35.02 -35.18
C PHE C 247 -13.95 34.39 -36.52
N HIS C 248 -15.19 33.96 -36.67
CA HIS C 248 -15.65 33.32 -37.90
C HIS C 248 -16.10 34.38 -38.88
N VAL C 249 -15.55 34.35 -40.09
CA VAL C 249 -15.96 35.22 -41.18
C VAL C 249 -16.63 34.37 -42.25
N SER C 250 -17.83 34.77 -42.65
CA SER C 250 -18.67 33.96 -43.52
C SER C 250 -18.38 34.26 -44.99
N ASP C 251 -18.98 33.43 -45.86
CA ASP C 251 -18.87 33.65 -47.30
C ASP C 251 -19.68 34.85 -47.76
N ALA C 252 -20.69 35.26 -46.98
CA ALA C 252 -21.40 36.50 -47.29
C ALA C 252 -20.52 37.71 -47.08
N VAL C 253 -19.59 37.64 -46.12
CA VAL C 253 -18.60 38.69 -45.96
C VAL C 253 -17.53 38.57 -47.04
N LEU C 254 -17.30 37.37 -47.56
CA LEU C 254 -16.39 37.20 -48.69
C LEU C 254 -16.95 37.85 -49.95
N LYS C 255 -18.23 37.62 -50.24
CA LYS C 255 -18.88 38.26 -51.37
C LYS C 255 -19.04 39.76 -51.15
N LYS C 256 -19.13 40.19 -49.89
CA LYS C 256 -19.22 41.62 -49.57
C LYS C 256 -17.94 42.35 -49.96
N LEU C 257 -16.78 41.79 -49.62
CA LEU C 257 -15.53 42.40 -50.03
C LEU C 257 -15.19 42.10 -51.48
N HIS C 258 -15.86 41.13 -52.10
CA HIS C 258 -15.64 40.86 -53.52
C HIS C 258 -16.31 41.88 -54.43
N GLN C 259 -17.24 42.67 -53.90
CA GLN C 259 -17.88 43.75 -54.65
C GLN C 259 -17.22 45.10 -54.39
N GLN C 260 -15.92 45.10 -54.07
CA GLN C 260 -15.20 46.33 -53.82
C GLN C 260 -14.05 46.59 -54.78
N GLN C 261 -13.63 45.59 -55.56
CA GLN C 261 -12.61 45.78 -56.58
C GLN C 261 -13.23 45.98 -57.96
N ASN C 262 -14.42 46.57 -58.00
CA ASN C 262 -15.12 46.79 -59.26
C ASN C 262 -14.43 47.86 -60.09
N GLY C 263 -14.52 47.71 -61.41
CA GLY C 263 -13.85 48.62 -62.32
C GLY C 263 -12.36 48.40 -62.45
N ARG C 264 -11.84 47.31 -61.88
CA ARG C 264 -10.43 46.98 -61.98
C ARG C 264 -10.27 45.51 -62.34
N GLN C 265 -9.10 45.17 -62.85
CA GLN C 265 -8.77 43.77 -63.11
C GLN C 265 -8.58 43.04 -61.78
N ASP C 266 -9.06 41.81 -61.73
CA ASP C 266 -9.02 41.00 -60.51
C ASP C 266 -7.87 40.00 -60.60
N ALA C 267 -6.76 40.33 -59.93
CA ALA C 267 -5.65 39.40 -59.76
C ALA C 267 -5.45 38.97 -58.32
N ALA C 268 -6.09 39.66 -57.36
CA ALA C 268 -6.00 39.30 -55.96
C ALA C 268 -6.89 38.09 -55.71
N ALA C 269 -6.27 36.99 -55.29
CA ALA C 269 -7.00 35.75 -55.00
C ALA C 269 -7.80 35.94 -53.73
N GLY C 270 -9.10 36.24 -53.87
CA GLY C 270 -9.96 36.65 -52.77
C GLY C 270 -10.25 35.56 -51.74
N THR C 271 -9.77 34.33 -51.95
CA THR C 271 -9.95 33.29 -50.95
C THR C 271 -9.16 33.58 -49.68
N PHE C 272 -8.02 34.24 -49.81
CA PHE C 272 -7.16 34.62 -48.70
C PHE C 272 -6.83 36.10 -48.66
N GLU C 273 -6.66 36.73 -49.83
CA GLU C 273 -6.08 38.06 -49.91
C GLU C 273 -7.03 39.12 -49.36
N LEU C 274 -8.33 38.95 -49.58
CA LEU C 274 -9.30 39.93 -49.11
C LEU C 274 -9.43 39.90 -47.59
N VAL C 275 -9.38 38.70 -47.01
CA VAL C 275 -9.49 38.56 -45.56
C VAL C 275 -8.23 39.10 -44.87
N SER C 276 -7.06 38.81 -45.43
CA SER C 276 -5.81 39.32 -44.87
C SER C 276 -5.72 40.83 -45.01
N ALA C 277 -6.23 41.38 -46.12
CA ALA C 277 -6.29 42.83 -46.26
C ALA C 277 -7.29 43.44 -45.28
N LEU C 278 -8.37 42.73 -44.96
CA LEU C 278 -9.34 43.21 -43.98
C LEU C 278 -8.71 43.29 -42.59
N VAL C 279 -7.98 42.25 -42.18
CA VAL C 279 -7.36 42.27 -40.85
C VAL C 279 -6.18 43.25 -40.83
N TRP C 280 -5.51 43.47 -41.97
CA TRP C 280 -4.47 44.50 -42.03
C TRP C 280 -5.06 45.90 -41.88
N GLN C 281 -6.20 46.16 -42.53
CA GLN C 281 -6.89 47.44 -42.36
C GLN C 281 -7.42 47.59 -40.94
N ALA C 282 -7.81 46.49 -40.30
CA ALA C 282 -8.29 46.57 -38.92
C ALA C 282 -7.16 46.84 -37.94
N VAL C 283 -5.98 46.26 -38.18
CA VAL C 283 -4.85 46.52 -37.29
C VAL C 283 -4.20 47.87 -37.59
N ALA C 284 -4.49 48.45 -38.76
CA ALA C 284 -4.04 49.83 -39.02
C ALA C 284 -5.04 50.86 -38.55
N LYS C 285 -5.58 50.67 -37.36
CA LYS C 285 -6.12 51.76 -36.55
C LYS C 285 -5.80 51.52 -35.08
N ILE C 286 -5.18 50.39 -34.76
CA ILE C 286 -4.68 50.10 -33.42
C ILE C 286 -3.19 50.29 -33.34
N ARG C 287 -2.45 49.91 -34.39
CA ARG C 287 -1.03 50.18 -34.47
C ARG C 287 -0.75 51.11 -35.64
N GLY C 288 0.17 52.05 -35.43
CA GLY C 288 0.46 53.05 -36.44
C GLY C 288 1.43 52.61 -37.52
N ASP C 289 2.50 51.94 -37.12
CA ASP C 289 3.57 51.54 -38.03
C ASP C 289 3.36 50.06 -38.38
N VAL C 290 2.55 49.81 -39.41
CA VAL C 290 2.27 48.46 -39.87
C VAL C 290 2.46 48.48 -41.39
N ASP C 291 3.26 49.44 -41.87
CA ASP C 291 3.39 49.70 -43.30
C ASP C 291 4.11 48.56 -44.03
N THR C 292 4.95 47.80 -43.34
CA THR C 292 5.66 46.68 -43.94
C THR C 292 5.23 45.40 -43.22
N VAL C 293 4.60 44.49 -43.96
CA VAL C 293 3.99 43.29 -43.40
C VAL C 293 4.45 42.10 -44.22
N THR C 294 4.97 41.08 -43.56
CA THR C 294 5.42 39.88 -44.25
C THR C 294 4.31 38.83 -44.27
N VAL C 295 4.35 37.98 -45.30
CA VAL C 295 3.35 36.96 -45.53
C VAL C 295 4.05 35.62 -45.69
N VAL C 296 3.70 34.69 -44.82
CA VAL C 296 4.18 33.31 -44.93
C VAL C 296 3.21 32.56 -45.82
N ARG C 297 3.62 32.28 -47.06
CA ARG C 297 2.75 31.64 -48.03
C ARG C 297 2.90 30.12 -47.92
N ALA C 298 1.79 29.45 -47.60
CA ALA C 298 1.77 27.98 -47.54
C ALA C 298 1.24 27.43 -48.86
N ASP C 299 2.11 27.51 -49.87
CA ASP C 299 1.73 27.09 -51.21
C ASP C 299 1.85 25.58 -51.36
N ALA C 300 0.88 24.99 -52.06
CA ALA C 300 0.86 23.57 -52.33
C ALA C 300 1.57 23.20 -53.62
N ALA C 301 1.90 24.17 -54.46
CA ALA C 301 2.63 23.92 -55.70
C ALA C 301 4.14 23.92 -55.51
N ALA C 302 4.63 24.47 -54.40
CA ALA C 302 6.06 24.51 -54.11
C ALA C 302 6.50 23.41 -53.17
N ARG C 303 5.63 22.43 -52.89
CA ARG C 303 5.95 21.32 -52.00
C ARG C 303 6.77 20.27 -52.76
N SER C 304 8.02 20.63 -53.03
CA SER C 304 8.94 19.79 -53.79
C SER C 304 9.37 18.63 -52.92
N GLY C 305 8.69 17.49 -53.06
CA GLY C 305 8.97 16.33 -52.25
C GLY C 305 8.56 16.55 -50.81
N LYS C 306 7.25 16.69 -50.58
CA LYS C 306 6.72 16.90 -49.25
C LYS C 306 6.92 15.64 -48.43
N SER C 307 7.89 15.67 -47.52
CA SER C 307 8.16 14.51 -46.68
C SER C 307 7.89 14.82 -45.21
N LEU C 308 8.70 15.69 -44.59
CA LEU C 308 8.40 16.38 -43.34
C LEU C 308 9.31 17.60 -43.40
N ALA C 309 8.78 18.74 -43.83
CA ALA C 309 9.68 19.81 -44.20
C ALA C 309 8.99 21.15 -44.02
N ASN C 310 9.82 22.19 -43.90
CA ASN C 310 9.32 23.56 -43.81
C ASN C 310 9.39 24.17 -45.19
N GLU C 311 8.48 23.72 -46.05
CA GLU C 311 8.37 24.25 -47.41
C GLU C 311 7.30 25.34 -47.47
N MET C 312 7.50 26.36 -46.65
CA MET C 312 6.69 27.57 -46.72
C MET C 312 7.23 28.49 -47.82
N LYS C 313 6.65 29.68 -47.91
CA LYS C 313 7.21 30.73 -48.76
C LYS C 313 7.15 32.02 -47.97
N VAL C 314 8.30 32.45 -47.45
CA VAL C 314 8.42 33.62 -46.60
C VAL C 314 8.75 34.82 -47.48
N GLY C 315 7.93 35.87 -47.39
CA GLY C 315 8.18 37.08 -48.13
C GLY C 315 7.61 38.31 -47.47
N TYR C 316 8.36 39.42 -47.49
CA TYR C 316 7.90 40.67 -46.90
C TYR C 316 7.28 41.55 -47.97
N VAL C 317 6.27 42.32 -47.58
CA VAL C 317 5.54 43.21 -48.47
C VAL C 317 5.54 44.61 -47.87
N GLU C 318 6.12 45.57 -48.58
CA GLU C 318 6.04 46.97 -48.20
C GLU C 318 4.87 47.60 -48.95
N SER C 319 4.11 48.44 -48.26
CA SER C 319 2.86 48.97 -48.81
C SER C 319 3.07 50.26 -49.60
N ALA C 320 4.03 50.25 -50.53
CA ALA C 320 4.25 51.28 -51.55
C ALA C 320 4.50 52.67 -50.97
N GLY C 321 4.95 52.75 -49.72
CA GLY C 321 5.18 54.04 -49.08
C GLY C 321 3.96 54.62 -48.39
N SER C 322 2.79 54.44 -48.98
CA SER C 322 1.55 54.97 -48.43
C SER C 322 1.14 54.18 -47.18
N SER C 323 0.31 54.82 -46.36
CA SER C 323 -0.11 54.23 -45.09
C SER C 323 -1.41 53.44 -45.26
N PRO C 324 -1.53 52.29 -44.60
CA PRO C 324 -2.76 51.49 -44.72
C PRO C 324 -3.83 51.87 -43.72
N ALA C 325 -3.68 53.04 -43.08
CA ALA C 325 -4.64 53.46 -42.06
C ALA C 325 -5.96 53.87 -42.68
N LYS C 326 -5.92 54.49 -43.87
CA LYS C 326 -7.12 54.84 -44.60
C LYS C 326 -7.17 54.20 -45.97
N THR C 327 -6.19 53.36 -46.31
CA THR C 327 -6.19 52.67 -47.60
C THR C 327 -7.28 51.60 -47.61
N ASP C 328 -7.99 51.50 -48.74
CA ASP C 328 -9.10 50.57 -48.87
C ASP C 328 -8.61 49.12 -48.88
N VAL C 329 -9.51 48.21 -48.52
CA VAL C 329 -9.16 46.80 -48.44
C VAL C 329 -8.97 46.19 -49.82
N ALA C 330 -9.58 46.76 -50.86
CA ALA C 330 -9.33 46.28 -52.21
C ALA C 330 -7.97 46.74 -52.72
N GLU C 331 -7.60 47.98 -52.39
CA GLU C 331 -6.26 48.47 -52.73
C GLU C 331 -5.19 47.73 -51.93
N LEU C 332 -5.48 47.41 -50.67
CA LEU C 332 -4.56 46.59 -49.88
C LEU C 332 -4.46 45.17 -50.42
N ALA C 333 -5.57 44.63 -50.93
CA ALA C 333 -5.53 43.30 -51.53
C ALA C 333 -4.69 43.29 -52.80
N ALA C 334 -4.91 44.27 -53.69
CA ALA C 334 -4.13 44.36 -54.91
C ALA C 334 -2.69 44.77 -54.66
N LEU C 335 -2.40 45.39 -53.52
CA LEU C 335 -1.04 45.74 -53.16
C LEU C 335 -0.30 44.59 -52.51
N LEU C 336 -1.01 43.71 -51.81
CA LEU C 336 -0.36 42.63 -51.05
C LEU C 336 -0.34 41.31 -51.82
N ALA C 337 -1.20 41.12 -52.81
CA ALA C 337 -1.21 39.87 -53.57
C ALA C 337 -0.03 39.80 -54.53
N LYS C 338 0.01 40.70 -55.51
CA LYS C 338 0.94 40.58 -56.61
C LYS C 338 2.29 41.21 -56.34
N ASN C 339 2.45 41.94 -55.24
CA ASN C 339 3.70 42.62 -54.92
C ASN C 339 4.27 42.00 -53.66
N VAL C 340 4.99 40.88 -53.82
CA VAL C 340 5.62 40.16 -52.73
C VAL C 340 7.09 39.99 -53.08
N VAL C 341 7.97 40.37 -52.16
CA VAL C 341 9.41 40.21 -52.34
C VAL C 341 9.81 38.94 -51.60
N ASP C 342 10.19 37.90 -52.35
CA ASP C 342 10.42 36.59 -51.79
C ASP C 342 11.76 36.56 -51.06
N GLU C 343 11.76 35.97 -49.87
CA GLU C 343 12.98 35.79 -49.09
C GLU C 343 13.09 34.39 -48.50
N THR C 344 12.38 33.41 -49.07
CA THR C 344 12.37 32.07 -48.49
C THR C 344 13.66 31.31 -48.74
N ALA C 345 14.53 31.79 -49.62
CA ALA C 345 15.82 31.17 -49.85
C ALA C 345 16.92 31.76 -48.97
N ALA C 346 16.66 32.89 -48.31
CA ALA C 346 17.62 33.49 -47.42
C ALA C 346 17.25 33.38 -45.94
N VAL C 347 15.98 33.16 -45.62
CA VAL C 347 15.62 32.94 -44.23
C VAL C 347 16.02 31.52 -43.81
N ALA C 348 16.09 30.59 -44.75
CA ALA C 348 16.61 29.27 -44.45
C ALA C 348 18.13 29.29 -44.32
N ALA C 349 18.79 29.95 -45.28
CA ALA C 349 20.26 30.02 -45.29
C ALA C 349 20.82 30.90 -44.18
N PHE C 350 20.00 31.71 -43.52
CA PHE C 350 20.46 32.49 -42.38
C PHE C 350 20.74 31.57 -41.20
N GLN C 351 21.66 31.99 -40.35
CA GLN C 351 22.17 31.14 -39.27
C GLN C 351 21.79 31.71 -37.91
N GLY C 352 20.84 31.07 -37.25
CA GLY C 352 20.63 31.29 -35.83
C GLY C 352 19.46 32.15 -35.42
N ASP C 353 18.37 31.49 -34.96
CA ASP C 353 17.32 32.09 -34.15
C ASP C 353 16.61 33.26 -34.81
N VAL C 354 15.85 32.98 -35.88
CA VAL C 354 15.50 34.04 -36.81
C VAL C 354 14.15 34.66 -36.46
N LEU C 355 13.23 33.89 -35.85
CA LEU C 355 11.92 34.33 -35.37
C LEU C 355 10.97 34.91 -36.43
N VAL C 356 10.69 34.08 -37.43
CA VAL C 356 9.80 34.48 -38.53
C VAL C 356 8.46 35.06 -38.09
N TYR C 357 7.70 34.28 -37.31
CA TYR C 357 6.29 34.60 -37.07
C TYR C 357 6.09 35.77 -36.12
N GLY C 358 6.35 36.98 -36.58
CA GLY C 358 6.05 38.15 -35.80
C GLY C 358 7.28 38.83 -35.23
N GLY C 359 8.43 38.60 -35.85
CA GLY C 359 9.66 39.18 -35.36
C GLY C 359 9.73 40.67 -35.56
N ALA C 360 9.80 41.11 -36.82
CA ALA C 360 9.86 42.53 -37.15
C ALA C 360 8.61 43.03 -37.86
N ASN C 361 7.81 42.12 -38.44
CA ASN C 361 6.62 42.52 -39.17
C ASN C 361 5.45 41.64 -38.74
N LEU C 362 4.25 42.13 -39.00
CA LEU C 362 3.05 41.32 -38.82
C LEU C 362 3.04 40.19 -39.84
N THR C 363 2.61 39.01 -39.41
CA THR C 363 2.58 37.84 -40.28
C THR C 363 1.14 37.45 -40.59
N LEU C 364 0.89 37.16 -41.87
CA LEU C 364 -0.41 36.73 -42.34
C LEU C 364 -0.25 35.36 -42.99
N VAL C 365 -0.45 34.31 -42.21
CA VAL C 365 -0.27 32.95 -42.69
C VAL C 365 -1.52 32.54 -43.46
N ASP C 366 -1.34 31.80 -44.55
CA ASP C 366 -2.44 31.49 -45.46
C ASP C 366 -2.79 30.00 -45.46
N MET C 367 -2.84 29.38 -44.28
CA MET C 367 -3.04 27.94 -44.17
C MET C 367 -4.52 27.56 -44.38
N GLU C 368 -5.01 27.82 -45.60
CA GLU C 368 -6.39 27.53 -45.93
C GLU C 368 -6.56 26.38 -46.91
N GLN C 369 -5.53 26.07 -47.70
CA GLN C 369 -5.62 25.00 -48.68
C GLN C 369 -5.36 23.63 -48.07
N VAL C 370 -4.99 23.57 -46.79
CA VAL C 370 -4.66 22.30 -46.17
C VAL C 370 -5.93 21.53 -45.86
N ASP C 371 -5.82 20.20 -45.84
CA ASP C 371 -6.95 19.34 -45.53
C ASP C 371 -7.16 19.37 -44.02
N LEU C 372 -7.84 20.42 -43.58
CA LEU C 372 -8.00 20.67 -42.14
C LEU C 372 -9.13 19.89 -41.53
N TYR C 373 -10.22 19.68 -42.27
CA TYR C 373 -11.30 18.83 -41.81
C TYR C 373 -11.16 17.39 -42.30
N GLY C 374 -9.94 17.00 -42.67
CA GLY C 374 -9.63 15.65 -43.08
C GLY C 374 -9.40 14.67 -41.95
N LEU C 375 -9.75 15.02 -40.72
CA LEU C 375 -9.67 14.07 -39.60
C LEU C 375 -10.94 13.24 -39.53
N GLU C 376 -11.11 12.39 -40.55
CA GLU C 376 -12.19 11.42 -40.53
C GLU C 376 -11.82 10.32 -39.54
N ILE C 377 -12.48 10.30 -38.39
CA ILE C 377 -12.13 9.36 -37.34
C ILE C 377 -12.87 8.04 -37.53
N LYS C 378 -14.20 8.08 -37.58
CA LYS C 378 -14.97 6.93 -38.04
C LYS C 378 -15.76 7.26 -39.29
N GLY C 379 -16.65 8.24 -39.21
CA GLY C 379 -17.29 8.85 -40.35
C GLY C 379 -17.52 10.30 -39.97
N GLN C 380 -16.81 10.72 -38.93
CA GLN C 380 -17.13 11.95 -38.19
C GLN C 380 -16.27 13.09 -38.73
N ARG C 381 -16.91 13.99 -39.46
CA ARG C 381 -16.32 15.28 -39.77
C ARG C 381 -16.19 16.08 -38.47
N PRO C 382 -15.11 16.86 -38.30
CA PRO C 382 -15.06 17.76 -37.16
C PRO C 382 -16.07 18.89 -37.30
N VAL C 383 -16.54 19.38 -36.15
CA VAL C 383 -17.50 20.48 -36.19
C VAL C 383 -16.80 21.83 -36.22
N TYR C 384 -15.55 21.90 -35.77
CA TYR C 384 -14.83 23.15 -35.64
C TYR C 384 -13.35 22.82 -35.52
N VAL C 385 -12.53 23.44 -36.36
CA VAL C 385 -11.08 23.30 -36.29
C VAL C 385 -10.46 24.69 -36.29
N GLU C 386 -9.78 25.05 -35.20
CA GLU C 386 -9.05 26.29 -35.12
C GLU C 386 -7.58 25.99 -34.81
N TYR C 387 -6.68 26.63 -35.54
CA TYR C 387 -5.25 26.54 -35.27
C TYR C 387 -4.79 27.82 -34.61
N GLY C 388 -3.95 27.69 -33.58
CA GLY C 388 -3.21 28.80 -33.02
C GLY C 388 -1.72 28.54 -33.11
N MET C 389 -0.95 29.54 -32.72
CA MET C 389 0.49 29.41 -32.65
C MET C 389 0.96 29.66 -31.23
N ASP C 390 2.28 29.58 -31.05
CA ASP C 390 2.91 29.89 -29.78
C ASP C 390 4.32 30.39 -30.07
N GLY C 391 4.84 31.20 -29.17
CA GLY C 391 6.11 31.84 -29.44
C GLY C 391 6.03 32.93 -30.48
N VAL C 392 4.86 33.50 -30.71
CA VAL C 392 4.70 34.60 -31.64
C VAL C 392 5.36 35.85 -31.07
N GLY C 393 6.14 36.54 -31.90
CA GLY C 393 6.85 37.72 -31.45
C GLY C 393 5.94 38.91 -31.24
N ASP C 394 6.58 40.06 -31.05
CA ASP C 394 5.92 41.29 -30.62
C ASP C 394 5.20 42.03 -31.75
N GLU C 395 4.91 41.38 -32.87
CA GLU C 395 4.23 42.04 -33.97
C GLU C 395 2.85 41.47 -34.27
N GLY C 396 2.64 40.17 -34.08
CA GLY C 396 1.34 39.56 -34.26
C GLY C 396 1.33 38.53 -35.37
N ALA C 397 0.23 37.78 -35.41
CA ALA C 397 0.05 36.72 -36.39
C ALA C 397 -1.43 36.46 -36.58
N VAL C 398 -1.87 36.37 -37.84
CA VAL C 398 -3.21 35.93 -38.15
C VAL C 398 -3.10 34.57 -38.84
N LEU C 399 -4.20 33.83 -38.82
CA LEU C 399 -4.18 32.45 -39.35
C LEU C 399 -5.55 32.18 -39.96
N VAL C 400 -5.67 32.34 -41.27
CA VAL C 400 -6.89 31.93 -41.96
C VAL C 400 -6.89 30.42 -42.08
N GLN C 401 -8.08 29.84 -42.11
CA GLN C 401 -8.27 28.40 -42.23
C GLN C 401 -9.71 28.15 -42.66
N PRO C 402 -9.99 27.03 -43.34
CA PRO C 402 -11.37 26.78 -43.78
C PRO C 402 -12.27 26.42 -42.60
N ASP C 403 -13.52 26.85 -42.70
CA ASP C 403 -14.50 26.56 -41.66
C ASP C 403 -15.21 25.25 -42.01
N ALA C 404 -16.29 24.94 -41.30
CA ALA C 404 -16.91 23.61 -41.37
C ALA C 404 -17.60 23.35 -42.70
N ASP C 405 -18.21 24.37 -43.30
CA ASP C 405 -18.87 24.19 -44.58
C ASP C 405 -17.89 24.20 -45.75
N GLY C 406 -16.69 24.75 -45.56
CA GLY C 406 -15.72 24.84 -46.63
C GLY C 406 -15.92 26.01 -47.55
N ARG C 407 -16.88 26.89 -47.29
CA ARG C 407 -17.18 28.02 -48.14
C ARG C 407 -16.55 29.32 -47.64
N GLY C 408 -16.76 29.66 -46.37
CA GLY C 408 -16.19 30.85 -45.79
C GLY C 408 -14.78 30.64 -45.28
N ARG C 409 -14.41 31.39 -44.25
CA ARG C 409 -13.08 31.32 -43.67
C ARG C 409 -13.22 31.28 -42.14
N LEU C 410 -12.07 31.30 -41.47
CA LEU C 410 -11.98 31.38 -40.02
C LEU C 410 -10.59 31.88 -39.69
N VAL C 411 -10.51 32.92 -38.85
CA VAL C 411 -9.26 33.58 -38.55
C VAL C 411 -9.00 33.50 -37.07
N THR C 412 -7.84 32.99 -36.69
CA THR C 412 -7.37 33.03 -35.30
C THR C 412 -6.25 34.05 -35.25
N VAL C 413 -6.57 35.24 -34.81
CA VAL C 413 -5.62 36.33 -34.78
C VAL C 413 -4.89 36.30 -33.44
N VAL C 414 -3.57 36.49 -33.48
CA VAL C 414 -2.73 36.41 -32.29
C VAL C 414 -2.15 37.81 -32.06
N LEU C 415 -2.69 38.52 -31.10
CA LEU C 415 -2.33 39.89 -30.80
C LEU C 415 -1.62 39.97 -29.46
N PRO C 416 -1.03 41.13 -29.12
CA PRO C 416 -0.50 41.32 -27.75
C PRO C 416 -1.51 41.19 -26.62
N GLY C 417 -2.80 41.31 -26.88
CA GLY C 417 -3.77 41.08 -25.83
C GLY C 417 -4.53 42.35 -25.46
N ASP C 418 -3.82 43.47 -25.41
CA ASP C 418 -4.48 44.75 -25.27
C ASP C 418 -5.03 45.27 -26.59
N GLU C 419 -4.68 44.63 -27.70
CA GLU C 419 -5.25 44.93 -29.01
C GLU C 419 -6.40 44.00 -29.36
N ILE C 420 -6.77 43.07 -28.48
CA ILE C 420 -7.82 42.09 -28.78
C ILE C 420 -9.18 42.77 -28.72
N ASP C 421 -9.49 43.42 -27.60
CA ASP C 421 -10.82 43.99 -27.42
C ASP C 421 -11.01 45.26 -28.24
N SER C 422 -9.93 45.95 -28.61
CA SER C 422 -10.05 47.09 -29.51
C SER C 422 -10.31 46.65 -30.94
N LEU C 423 -9.92 45.43 -31.30
CA LEU C 423 -10.24 44.89 -32.61
C LEU C 423 -11.69 44.43 -32.69
N ARG C 424 -12.29 44.08 -31.54
CA ARG C 424 -13.69 43.70 -31.51
C ARG C 424 -14.61 44.86 -31.84
N ALA C 425 -14.22 46.08 -31.48
CA ALA C 425 -15.01 47.25 -31.83
C ALA C 425 -14.79 47.68 -33.27
N ALA C 426 -13.61 47.38 -33.82
CA ALA C 426 -13.28 47.82 -35.18
C ALA C 426 -13.73 46.86 -36.25
N LEU C 427 -13.85 45.57 -35.93
CA LEU C 427 -14.19 44.56 -36.93
C LEU C 427 -15.63 44.09 -36.87
N GLY C 428 -16.36 44.43 -35.81
CA GLY C 428 -17.72 43.93 -35.67
C GLY C 428 -18.70 44.53 -36.66
N SER C 429 -18.46 45.77 -37.09
CA SER C 429 -19.34 46.39 -38.08
C SER C 429 -19.13 45.80 -39.46
N ALA C 430 -17.87 45.55 -39.84
CA ALA C 430 -17.58 44.96 -41.14
C ALA C 430 -17.97 43.49 -41.22
N LEU C 431 -18.00 42.79 -40.08
CA LEU C 431 -18.43 41.40 -40.09
C LEU C 431 -19.95 41.29 -40.02
N HIS C 432 -20.56 42.04 -39.10
CA HIS C 432 -22.02 42.17 -38.84
C HIS C 432 -22.84 40.88 -38.91
N SER D 74 4.30 -75.09 -4.34
CA SER D 74 5.50 -74.28 -4.20
C SER D 74 5.41 -73.38 -2.96
N ALA D 75 6.08 -72.23 -3.02
CA ALA D 75 6.07 -71.30 -1.90
C ALA D 75 5.93 -69.84 -2.35
N PHE D 76 5.80 -69.58 -3.65
CA PHE D 76 5.66 -68.23 -4.18
C PHE D 76 4.20 -67.84 -4.38
N LEU D 77 3.28 -68.60 -3.80
CA LEU D 77 1.84 -68.37 -3.98
C LEU D 77 1.31 -67.24 -3.11
N VAL D 78 2.09 -66.73 -2.17
CA VAL D 78 1.59 -65.74 -1.22
C VAL D 78 2.53 -64.54 -1.21
N VAL D 79 3.67 -64.66 -1.90
CA VAL D 79 4.62 -63.56 -1.95
C VAL D 79 4.13 -62.48 -2.91
N PHE D 80 3.60 -62.88 -4.07
CA PHE D 80 3.16 -61.92 -5.07
C PHE D 80 1.83 -61.28 -4.74
N VAL D 81 1.06 -61.83 -3.79
CA VAL D 81 -0.02 -61.08 -3.16
C VAL D 81 0.39 -60.54 -1.80
N GLY D 82 1.68 -60.65 -1.47
CA GLY D 82 2.28 -60.16 -0.25
C GLY D 82 3.05 -58.89 -0.53
N THR D 83 4.35 -59.02 -0.77
CA THR D 83 5.25 -57.88 -0.92
C THR D 83 5.01 -57.06 -2.19
N VAL D 84 4.16 -57.53 -3.12
CA VAL D 84 3.73 -56.65 -4.20
C VAL D 84 2.70 -55.66 -3.69
N TYR D 85 1.81 -56.11 -2.80
CA TYR D 85 0.83 -55.22 -2.19
C TYR D 85 1.49 -54.26 -1.21
N VAL D 86 2.56 -54.69 -0.54
CA VAL D 86 3.22 -53.86 0.46
C VAL D 86 3.91 -52.68 -0.21
N MET D 87 4.52 -52.89 -1.37
CA MET D 87 5.15 -51.80 -2.11
C MET D 87 4.12 -50.90 -2.80
N SER D 88 2.85 -51.25 -2.78
CA SER D 88 1.78 -50.37 -3.25
C SER D 88 1.08 -49.65 -2.11
N ARG D 89 1.42 -49.97 -0.87
CA ARG D 89 0.76 -49.35 0.28
C ARG D 89 1.26 -47.92 0.46
N PRO D 90 0.37 -46.95 0.66
CA PRO D 90 0.82 -45.57 0.86
C PRO D 90 1.46 -45.39 2.23
N ARG D 91 2.43 -44.48 2.30
CA ARG D 91 3.12 -44.23 3.55
C ARG D 91 2.20 -43.52 4.53
N PRO D 92 2.17 -43.93 5.78
CA PRO D 92 1.36 -43.23 6.77
C PRO D 92 2.02 -41.92 7.19
N VAL D 93 1.18 -40.94 7.49
CA VAL D 93 1.63 -39.62 7.93
C VAL D 93 1.06 -39.39 9.31
N TYR D 94 1.95 -39.28 10.29
CA TYR D 94 1.57 -39.14 11.69
C TYR D 94 1.68 -37.69 12.10
N LEU D 95 0.69 -37.21 12.84
CA LEU D 95 0.80 -35.94 13.54
C LEU D 95 1.53 -36.20 14.84
N VAL D 96 2.80 -35.83 14.91
CA VAL D 96 3.58 -36.05 16.13
C VAL D 96 3.08 -35.15 17.24
N ASP D 97 3.20 -33.84 17.05
CA ASP D 97 2.70 -32.87 18.00
C ASP D 97 2.55 -31.53 17.29
N TYR D 98 1.82 -30.63 17.94
CA TYR D 98 1.55 -29.32 17.37
C TYR D 98 1.50 -28.31 18.50
N ALA D 99 1.94 -27.10 18.21
CA ALA D 99 2.02 -26.04 19.22
C ALA D 99 1.31 -24.81 18.69
N CYS D 100 0.19 -24.46 19.31
CA CYS D 100 -0.51 -23.25 18.97
C CYS D 100 0.08 -22.07 19.72
N TYR D 101 0.06 -20.91 19.07
CA TYR D 101 0.59 -19.70 19.69
C TYR D 101 -0.46 -19.11 20.62
N LYS D 102 -0.08 -18.86 21.86
CA LYS D 102 -0.95 -18.23 22.83
C LYS D 102 -0.58 -16.76 22.95
N PRO D 103 -1.44 -15.84 22.52
CA PRO D 103 -1.07 -14.43 22.58
C PRO D 103 -1.10 -13.92 24.01
N PRO D 104 -0.23 -12.99 24.37
CA PRO D 104 -0.21 -12.48 25.74
C PRO D 104 -1.43 -11.62 26.04
N ALA D 105 -1.74 -11.51 27.33
CA ALA D 105 -2.90 -10.73 27.74
C ALA D 105 -2.67 -9.23 27.67
N SER D 106 -1.45 -8.79 27.36
CA SER D 106 -1.19 -7.38 27.12
C SER D 106 -1.71 -6.92 25.77
N CYS D 107 -2.05 -7.84 24.88
CA CYS D 107 -2.52 -7.51 23.54
C CYS D 107 -4.01 -7.74 23.37
N ARG D 108 -4.76 -7.94 24.45
CA ARG D 108 -6.17 -8.26 24.33
C ARG D 108 -6.98 -7.03 23.98
N VAL D 109 -8.03 -7.23 23.19
CA VAL D 109 -8.95 -6.16 22.78
C VAL D 109 -10.37 -6.55 23.16
N PRO D 110 -10.94 -5.94 24.18
CA PRO D 110 -12.35 -6.17 24.48
C PRO D 110 -13.31 -5.55 23.48
N PHE D 111 -14.61 -5.66 23.79
CA PHE D 111 -15.62 -5.05 22.95
C PHE D 111 -15.60 -3.53 23.07
N ALA D 112 -15.38 -3.04 24.29
CA ALA D 112 -15.53 -1.62 24.57
C ALA D 112 -14.39 -0.80 23.97
N THR D 113 -13.14 -1.29 24.10
CA THR D 113 -12.05 -0.50 23.53
C THR D 113 -11.99 -0.64 22.02
N PHE D 114 -12.55 -1.71 21.44
CA PHE D 114 -12.68 -1.77 20.00
C PHE D 114 -13.70 -0.76 19.51
N MET D 115 -14.80 -0.61 20.24
CA MET D 115 -15.78 0.41 19.88
C MET D 115 -15.23 1.82 20.05
N GLU D 116 -14.48 2.07 21.12
CA GLU D 116 -13.92 3.40 21.34
C GLU D 116 -12.79 3.70 20.37
N HIS D 117 -12.15 2.68 19.80
CA HIS D 117 -11.17 2.91 18.75
C HIS D 117 -11.82 3.12 17.40
N THR D 118 -12.99 2.53 17.16
CA THR D 118 -13.70 2.81 15.92
C THR D 118 -14.28 4.22 15.91
N ARG D 119 -14.94 4.63 17.00
CA ARG D 119 -15.49 6.00 16.98
C ARG D 119 -14.50 7.04 17.50
N LEU D 120 -13.27 6.95 16.99
CA LEU D 120 -12.27 8.00 17.13
C LEU D 120 -11.50 8.26 15.85
N ILE D 121 -11.55 7.35 14.88
CA ILE D 121 -10.92 7.54 13.58
C ILE D 121 -11.93 7.66 12.45
N SER D 122 -13.19 7.32 12.70
CA SER D 122 -14.25 7.43 11.71
C SER D 122 -15.35 8.30 12.29
N ASP D 123 -15.56 9.46 11.69
CA ASP D 123 -16.55 10.42 12.17
C ASP D 123 -17.97 10.13 11.70
N ASP D 124 -18.15 9.18 10.78
CA ASP D 124 -19.47 8.83 10.29
C ASP D 124 -20.09 7.76 11.19
N ASP D 125 -21.27 8.04 11.73
CA ASP D 125 -21.95 7.09 12.59
C ASP D 125 -22.89 6.18 11.81
N LYS D 126 -22.36 5.61 10.75
CA LYS D 126 -22.99 4.55 9.97
C LYS D 126 -22.11 3.33 9.87
N SER D 127 -20.80 3.53 9.74
CA SER D 127 -19.80 2.47 9.83
C SER D 127 -19.35 2.22 11.27
N VAL D 128 -20.11 2.70 12.25
CA VAL D 128 -19.86 2.42 13.66
C VAL D 128 -21.04 1.69 14.29
N ARG D 129 -22.26 2.09 13.96
CA ARG D 129 -23.47 1.36 14.34
C ARG D 129 -23.55 -0.01 13.66
N PHE D 130 -22.80 -0.22 12.58
CA PHE D 130 -22.67 -1.54 11.98
C PHE D 130 -21.69 -2.41 12.77
N GLN D 131 -20.56 -1.83 13.17
CA GLN D 131 -19.57 -2.52 13.99
C GLN D 131 -20.15 -2.93 15.33
N THR D 132 -21.03 -2.10 15.89
CA THR D 132 -21.73 -2.43 17.14
C THR D 132 -22.52 -3.72 17.01
N ARG D 133 -23.34 -3.83 15.96
CA ARG D 133 -24.18 -5.01 15.78
C ARG D 133 -23.34 -6.25 15.46
N ILE D 134 -22.28 -6.08 14.65
CA ILE D 134 -21.42 -7.21 14.30
C ILE D 134 -20.71 -7.76 15.52
N LEU D 135 -20.02 -6.89 16.26
CA LEU D 135 -19.25 -7.37 17.40
C LEU D 135 -20.14 -7.71 18.59
N GLU D 136 -21.39 -7.27 18.59
CA GLU D 136 -22.33 -7.75 19.59
C GLU D 136 -22.77 -9.18 19.29
N ARG D 137 -23.26 -9.42 18.08
CA ARG D 137 -23.74 -10.74 17.70
C ARG D 137 -22.67 -11.58 17.01
N SER D 138 -21.41 -11.34 17.34
CA SER D 138 -20.30 -12.06 16.73
C SER D 138 -19.84 -13.26 17.55
N GLY D 139 -20.19 -13.31 18.83
CA GLY D 139 -19.73 -14.41 19.65
C GLY D 139 -18.28 -14.34 20.09
N LEU D 140 -17.59 -13.24 19.81
CA LEU D 140 -16.23 -13.05 20.30
C LEU D 140 -16.28 -12.55 21.74
N GLY D 141 -15.44 -13.13 22.58
CA GLY D 141 -15.46 -12.80 24.00
C GLY D 141 -14.69 -11.54 24.34
N GLU D 142 -13.88 -11.60 25.39
CA GLU D 142 -13.16 -10.44 25.89
C GLU D 142 -11.65 -10.63 25.89
N ASP D 143 -11.16 -11.80 25.50
CA ASP D 143 -9.74 -12.11 25.55
C ASP D 143 -9.10 -12.15 24.17
N THR D 144 -9.82 -11.74 23.13
CA THR D 144 -9.30 -11.78 21.78
C THR D 144 -8.22 -10.72 21.58
N CYS D 145 -7.20 -11.06 20.79
CA CYS D 145 -5.98 -10.29 20.74
C CYS D 145 -5.72 -9.76 19.33
N LEU D 146 -5.39 -8.49 19.23
CA LEU D 146 -4.92 -7.76 18.06
C LEU D 146 -3.44 -7.42 18.23
N PRO D 147 -2.67 -7.33 17.15
CA PRO D 147 -1.22 -7.10 17.26
C PRO D 147 -0.90 -5.71 17.80
N PRO D 148 0.35 -5.45 18.22
CA PRO D 148 0.68 -4.11 18.74
C PRO D 148 0.88 -3.04 17.68
N ALA D 149 -0.01 -2.99 16.70
CA ALA D 149 -0.16 -1.85 15.80
C ALA D 149 -1.60 -1.40 15.67
N ASN D 150 -2.57 -2.28 15.93
CA ASN D 150 -3.98 -1.92 15.94
C ASN D 150 -4.43 -1.39 17.29
N HIS D 151 -3.54 -1.35 18.27
CA HIS D 151 -3.86 -0.74 19.56
C HIS D 151 -3.71 0.77 19.54
N TYR D 152 -3.15 1.33 18.47
CA TYR D 152 -2.97 2.76 18.34
C TYR D 152 -4.22 3.39 17.72
N ILE D 153 -4.36 4.69 17.93
CA ILE D 153 -5.48 5.47 17.42
C ILE D 153 -4.93 6.60 16.56
N PRO D 154 -4.88 6.46 15.24
CA PRO D 154 -5.27 5.33 14.38
C PRO D 154 -4.17 4.28 14.33
N PRO D 155 -4.46 3.08 13.79
CA PRO D 155 -3.38 2.12 13.56
C PRO D 155 -2.37 2.64 12.55
N ASN D 156 -1.11 2.26 12.76
CA ASN D 156 -0.01 2.63 11.87
C ASN D 156 0.61 1.35 11.30
N PRO D 157 -0.09 0.64 10.41
CA PRO D 157 0.43 -0.63 9.94
C PRO D 157 1.49 -0.45 8.86
N SER D 158 2.75 -0.65 9.23
CA SER D 158 3.85 -0.56 8.29
C SER D 158 4.26 -1.96 7.88
N MET D 159 5.36 -2.06 7.12
CA MET D 159 5.89 -3.38 6.83
C MET D 159 6.75 -3.89 7.97
N GLU D 160 7.47 -2.99 8.63
CA GLU D 160 8.33 -3.41 9.74
C GLU D 160 7.51 -3.82 10.95
N ALA D 161 6.37 -3.19 11.17
CA ALA D 161 5.51 -3.57 12.29
C ALA D 161 4.75 -4.85 12.03
N SER D 162 4.61 -5.25 10.76
CA SER D 162 3.95 -6.50 10.42
C SER D 162 4.92 -7.66 10.25
N ARG D 163 6.14 -7.38 9.76
CA ARG D 163 7.14 -8.41 9.67
C ARG D 163 7.66 -8.81 11.06
N ALA D 164 7.83 -7.83 11.95
CA ALA D 164 8.23 -8.13 13.32
C ALA D 164 7.09 -8.72 14.15
N GLU D 165 5.86 -8.66 13.67
CA GLU D 165 4.78 -9.40 14.27
C GLU D 165 4.68 -10.82 13.70
N ALA D 166 5.24 -11.05 12.52
CA ALA D 166 5.37 -12.41 12.02
C ALA D 166 6.51 -13.14 12.71
N GLN D 167 7.50 -12.42 13.20
CA GLN D 167 8.59 -13.03 13.95
C GLN D 167 8.21 -13.30 15.40
N LEU D 168 7.04 -12.87 15.84
CA LEU D 168 6.55 -13.14 17.18
C LEU D 168 5.64 -14.36 17.23
N VAL D 169 4.69 -14.45 16.31
CA VAL D 169 3.73 -15.56 16.35
C VAL D 169 4.26 -16.83 15.71
N ILE D 170 5.29 -16.74 14.87
CA ILE D 170 5.88 -17.93 14.27
C ILE D 170 6.99 -18.48 15.16
N PHE D 171 7.93 -17.63 15.54
CA PHE D 171 9.12 -18.09 16.23
C PHE D 171 8.85 -18.47 17.69
N SER D 172 7.69 -18.10 18.23
CA SER D 172 7.29 -18.55 19.55
C SER D 172 6.17 -19.60 19.48
N ALA D 173 5.84 -20.08 18.29
CA ALA D 173 5.05 -21.28 18.10
C ALA D 173 5.88 -22.47 17.65
N ILE D 174 6.98 -22.23 16.95
CA ILE D 174 7.93 -23.29 16.65
C ILE D 174 8.77 -23.62 17.88
N ASP D 175 9.13 -22.60 18.65
CA ASP D 175 9.89 -22.82 19.88
C ASP D 175 9.08 -23.55 20.92
N ASP D 176 7.75 -23.41 20.88
CA ASP D 176 6.90 -24.24 21.73
C ASP D 176 6.80 -25.65 21.20
N LEU D 177 7.08 -25.87 19.92
CA LEU D 177 7.06 -27.19 19.32
C LEU D 177 8.41 -27.90 19.41
N VAL D 178 9.51 -27.15 19.24
CA VAL D 178 10.84 -27.73 19.33
C VAL D 178 11.14 -28.16 20.77
N ARG D 179 10.77 -27.34 21.74
CA ARG D 179 11.05 -27.67 23.13
C ARG D 179 10.15 -28.75 23.70
N ARG D 180 9.06 -29.09 23.02
CA ARG D 180 8.15 -30.14 23.49
C ARG D 180 8.30 -31.45 22.73
N THR D 181 9.06 -31.46 21.62
CA THR D 181 9.27 -32.67 20.84
C THR D 181 10.72 -33.11 20.77
N GLY D 182 11.67 -32.28 21.21
CA GLY D 182 13.06 -32.60 21.03
C GLY D 182 13.52 -32.54 19.60
N LEU D 183 12.81 -31.78 18.76
CA LEU D 183 13.08 -31.75 17.33
C LEU D 183 14.35 -30.96 17.04
N LYS D 184 15.18 -31.51 16.22
CA LYS D 184 16.38 -30.80 15.80
C LYS D 184 16.07 -29.95 14.58
N PRO D 185 16.74 -28.80 14.42
CA PRO D 185 16.56 -28.03 13.18
C PRO D 185 17.07 -28.74 11.94
N LYS D 186 18.14 -29.52 12.05
CA LYS D 186 18.65 -30.22 10.87
C LYS D 186 17.84 -31.48 10.54
N ASP D 187 16.85 -31.83 11.35
CA ASP D 187 15.95 -32.94 11.05
C ASP D 187 14.65 -32.48 10.42
N ILE D 188 14.66 -31.32 9.77
CA ILE D 188 13.50 -30.79 9.07
C ILE D 188 13.78 -30.88 7.58
N ASP D 189 12.94 -31.62 6.87
CA ASP D 189 13.12 -31.83 5.44
C ASP D 189 12.05 -31.19 4.58
N ILE D 190 10.90 -30.87 5.14
CA ILE D 190 9.78 -30.26 4.42
C ILE D 190 9.25 -29.12 5.27
N LEU D 191 9.12 -27.93 4.69
CA LEU D 191 8.61 -26.76 5.39
C LEU D 191 7.51 -26.13 4.55
N VAL D 192 6.28 -26.18 5.02
CA VAL D 192 5.13 -25.65 4.29
C VAL D 192 4.49 -24.58 5.16
N VAL D 193 4.68 -23.31 4.79
CA VAL D 193 4.13 -22.18 5.51
C VAL D 193 3.00 -21.59 4.68
N ASN D 194 1.92 -21.20 5.33
CA ASN D 194 0.86 -20.49 4.62
C ASN D 194 0.44 -19.27 5.42
N CYS D 195 0.14 -18.19 4.69
CA CYS D 195 -0.41 -16.97 5.28
C CYS D 195 -1.08 -16.21 4.14
N SER D 196 -2.36 -15.89 4.32
CA SER D 196 -3.20 -15.45 3.21
C SER D 196 -2.78 -14.06 2.70
N LEU D 197 -2.85 -13.05 3.56
CA LEU D 197 -2.64 -11.69 3.10
C LEU D 197 -1.18 -11.27 3.11
N PHE D 198 -0.45 -11.53 4.19
CA PHE D 198 0.94 -11.10 4.29
C PHE D 198 1.83 -12.06 3.54
N SER D 199 2.61 -11.54 2.60
CA SER D 199 3.56 -12.36 1.83
C SER D 199 4.74 -11.49 1.47
N PRO D 200 5.75 -11.43 2.32
CA PRO D 200 6.91 -10.57 2.07
C PRO D 200 7.89 -11.23 1.10
N THR D 201 8.99 -10.54 0.87
CA THR D 201 10.06 -11.03 0.01
C THR D 201 11.40 -10.79 0.70
N PRO D 202 12.13 -11.84 1.13
CA PRO D 202 11.96 -13.29 1.06
C PRO D 202 10.77 -13.82 1.84
N SER D 203 10.39 -15.05 1.55
CA SER D 203 9.13 -15.61 2.02
C SER D 203 9.15 -15.84 3.52
N LEU D 204 7.97 -16.15 4.07
CA LEU D 204 7.86 -16.49 5.48
C LEU D 204 8.53 -17.81 5.81
N SER D 205 8.71 -18.68 4.81
CA SER D 205 9.48 -19.90 5.02
C SER D 205 10.97 -19.61 5.08
N ALA D 206 11.45 -18.65 4.27
CA ALA D 206 12.85 -18.26 4.32
C ALA D 206 13.20 -17.54 5.61
N MET D 207 12.24 -16.89 6.25
CA MET D 207 12.46 -16.33 7.57
C MET D 207 12.71 -17.41 8.61
N ILE D 208 11.95 -18.51 8.52
CA ILE D 208 12.15 -19.64 9.43
C ILE D 208 13.48 -20.33 9.15
N ILE D 209 13.85 -20.44 7.88
CA ILE D 209 15.12 -21.06 7.51
C ILE D 209 16.30 -20.19 7.93
N ASN D 210 16.14 -18.87 7.92
CA ASN D 210 17.21 -18.00 8.41
C ASN D 210 17.30 -18.00 9.92
N LYS D 211 16.15 -18.05 10.62
CA LYS D 211 16.17 -17.98 12.08
C LYS D 211 16.63 -19.29 12.70
N TYR D 212 16.00 -20.40 12.33
CA TYR D 212 16.29 -21.69 12.95
C TYR D 212 17.45 -22.41 12.29
N LYS D 213 18.05 -21.82 11.25
CA LYS D 213 19.21 -22.35 10.54
C LYS D 213 18.95 -23.74 9.99
N LEU D 214 17.90 -23.86 9.18
CA LEU D 214 17.55 -25.14 8.59
C LEU D 214 18.52 -25.47 7.46
N ARG D 215 18.31 -26.63 6.84
CA ARG D 215 19.29 -27.19 5.93
C ARG D 215 19.30 -26.43 4.60
N SER D 216 20.27 -26.79 3.76
CA SER D 216 20.40 -26.15 2.45
C SER D 216 19.50 -26.77 1.40
N ASN D 217 19.11 -28.03 1.59
CA ASN D 217 18.33 -28.78 0.61
C ASN D 217 16.92 -29.05 1.10
N ILE D 218 16.33 -28.08 1.77
CA ILE D 218 15.01 -28.27 2.37
C ILE D 218 13.93 -27.92 1.34
N ARG D 219 12.90 -28.75 1.27
CA ARG D 219 11.72 -28.46 0.47
C ARG D 219 10.90 -27.42 1.21
N SER D 220 10.98 -26.17 0.76
CA SER D 220 10.26 -25.07 1.39
C SER D 220 9.21 -24.54 0.42
N PHE D 221 7.97 -24.41 0.91
CA PHE D 221 6.87 -23.89 0.11
C PHE D 221 6.10 -22.85 0.92
N ASN D 222 5.70 -21.77 0.26
CA ASN D 222 4.96 -20.69 0.90
C ASN D 222 3.65 -20.49 0.15
N LEU D 223 2.55 -20.99 0.72
CA LEU D 223 1.24 -20.93 0.07
C LEU D 223 0.52 -19.68 0.52
N SER D 224 0.76 -18.58 -0.18
CA SER D 224 0.15 -17.31 0.16
C SER D 224 -0.97 -16.96 -0.81
N GLY D 225 -2.08 -16.49 -0.26
CA GLY D 225 -3.22 -16.06 -1.05
C GLY D 225 -4.40 -17.00 -1.02
N MET D 226 -4.27 -18.17 -0.41
CA MET D 226 -5.30 -19.19 -0.46
C MET D 226 -6.35 -19.04 0.63
N GLY D 227 -6.31 -17.95 1.40
CA GLY D 227 -7.39 -17.65 2.31
C GLY D 227 -7.33 -18.44 3.61
N CYS D 228 -8.49 -18.50 4.27
CA CYS D 228 -8.63 -19.11 5.58
C CYS D 228 -8.78 -20.62 5.53
N SER D 229 -8.72 -21.22 4.35
CA SER D 229 -8.80 -22.67 4.23
C SER D 229 -7.48 -23.27 3.78
N ALA D 230 -6.40 -22.51 3.83
CA ALA D 230 -5.08 -23.03 3.50
C ALA D 230 -4.44 -23.76 4.67
N GLY D 231 -5.12 -23.86 5.80
CA GLY D 231 -4.60 -24.63 6.91
C GLY D 231 -4.60 -26.12 6.62
N LEU D 232 -5.51 -26.57 5.75
CA LEU D 232 -5.55 -27.96 5.33
C LEU D 232 -4.95 -28.18 3.96
N ILE D 233 -4.78 -27.13 3.16
CA ILE D 233 -4.00 -27.25 1.95
C ILE D 233 -2.53 -27.49 2.27
N SER D 234 -2.04 -26.85 3.34
CA SER D 234 -0.68 -27.13 3.80
C SER D 234 -0.56 -28.54 4.37
N ILE D 235 -1.61 -29.03 5.02
CA ILE D 235 -1.64 -30.39 5.55
C ILE D 235 -1.61 -31.40 4.40
N ASP D 236 -2.42 -31.17 3.36
CA ASP D 236 -2.42 -32.04 2.20
C ASP D 236 -1.11 -31.98 1.43
N LEU D 237 -0.47 -30.81 1.38
CA LEU D 237 0.80 -30.71 0.70
C LEU D 237 1.90 -31.42 1.47
N ALA D 238 1.92 -31.28 2.80
CA ALA D 238 2.87 -32.04 3.60
C ALA D 238 2.54 -33.54 3.60
N ARG D 239 1.29 -33.89 3.35
CA ARG D 239 0.93 -35.30 3.19
C ARG D 239 1.51 -35.86 1.90
N ASP D 240 1.34 -35.14 0.80
CA ASP D 240 1.79 -35.64 -0.49
C ASP D 240 3.30 -35.53 -0.67
N MET D 241 3.95 -34.61 0.03
CA MET D 241 5.41 -34.54 -0.04
C MET D 241 6.05 -35.67 0.76
N LEU D 242 5.36 -36.19 1.76
CA LEU D 242 5.87 -37.27 2.58
C LEU D 242 5.62 -38.64 1.99
N GLN D 243 4.85 -38.74 0.90
CA GLN D 243 4.75 -39.99 0.17
C GLN D 243 5.94 -40.19 -0.75
N VAL D 244 6.53 -39.11 -1.25
CA VAL D 244 7.66 -39.21 -2.14
C VAL D 244 8.95 -39.40 -1.37
N HIS D 245 9.14 -38.64 -0.29
CA HIS D 245 10.38 -38.67 0.46
C HIS D 245 10.23 -39.59 1.66
N PRO D 246 11.04 -40.64 1.78
CA PRO D 246 10.91 -41.55 2.92
C PRO D 246 11.74 -41.11 4.12
N ASN D 247 11.15 -41.32 5.31
CA ASN D 247 11.75 -41.02 6.61
C ASN D 247 12.13 -39.53 6.72
N SER D 248 11.12 -38.68 6.67
CA SER D 248 11.31 -37.24 6.74
C SER D 248 10.31 -36.64 7.72
N ASN D 249 10.64 -35.44 8.19
CA ASN D 249 9.78 -34.67 9.08
C ASN D 249 9.32 -33.42 8.36
N ALA D 250 8.02 -33.16 8.38
CA ALA D 250 7.45 -31.99 7.72
C ALA D 250 6.99 -30.99 8.77
N LEU D 251 7.27 -29.72 8.53
CA LEU D 251 6.86 -28.63 9.41
C LEU D 251 5.81 -27.79 8.69
N VAL D 252 4.69 -27.55 9.37
CA VAL D 252 3.56 -26.83 8.78
C VAL D 252 3.23 -25.66 9.70
N VAL D 253 3.37 -24.44 9.19
CA VAL D 253 3.07 -23.23 9.96
C VAL D 253 1.90 -22.53 9.28
N SER D 254 0.80 -22.38 10.01
CA SER D 254 -0.41 -21.75 9.50
C SER D 254 -0.69 -20.50 10.32
N THR D 255 -0.58 -19.33 9.70
CA THR D 255 -0.66 -18.06 10.41
C THR D 255 -1.69 -17.16 9.73
N GLU D 256 -1.86 -15.98 10.32
CA GLU D 256 -2.50 -14.85 9.64
C GLU D 256 -1.92 -13.59 10.27
N ILE D 257 -1.08 -12.89 9.53
CA ILE D 257 -0.44 -11.67 10.03
C ILE D 257 -1.41 -10.54 9.73
N ILE D 258 -2.17 -10.14 10.74
CA ILE D 258 -3.32 -9.28 10.51
C ILE D 258 -2.97 -7.80 10.74
N THR D 259 -1.68 -7.45 10.76
CA THR D 259 -1.34 -6.04 10.76
C THR D 259 -1.61 -5.37 9.42
N PRO D 260 -1.25 -5.92 8.25
CA PRO D 260 -1.73 -5.29 7.01
C PRO D 260 -3.13 -5.70 6.60
N ASN D 261 -3.77 -6.61 7.34
CA ASN D 261 -5.13 -7.05 7.07
C ASN D 261 -6.18 -6.17 7.74
N PHE D 262 -5.83 -4.95 8.11
CA PHE D 262 -6.75 -4.03 8.76
C PHE D 262 -7.28 -3.04 7.73
N TYR D 263 -8.60 -2.95 7.62
CA TYR D 263 -9.22 -2.08 6.63
C TYR D 263 -9.27 -0.65 7.16
N GLN D 264 -8.78 0.29 6.35
CA GLN D 264 -8.66 1.68 6.76
C GLN D 264 -9.78 2.57 6.27
N GLY D 265 -10.80 2.02 5.62
CA GLY D 265 -11.83 2.83 5.02
C GLY D 265 -13.16 2.81 5.73
N SER D 266 -14.25 2.90 4.97
CA SER D 266 -15.58 3.00 5.58
C SER D 266 -16.64 2.18 4.85
N ARG D 267 -16.27 1.33 3.90
CA ARG D 267 -17.27 0.50 3.22
C ARG D 267 -17.70 -0.62 4.13
N ARG D 268 -19.01 -0.90 4.14
CA ARG D 268 -19.58 -1.81 5.12
C ARG D 268 -19.15 -3.26 4.89
N ASP D 269 -19.01 -3.65 3.63
CA ASP D 269 -18.66 -5.04 3.34
C ASP D 269 -17.22 -5.36 3.67
N MET D 270 -16.33 -4.36 3.63
CA MET D 270 -14.93 -4.56 3.91
C MET D 270 -14.59 -4.36 5.38
N LEU D 271 -15.58 -4.18 6.24
CA LEU D 271 -15.35 -3.93 7.65
C LEU D 271 -15.57 -5.16 8.52
N LEU D 272 -16.07 -6.24 7.96
CA LEU D 272 -16.24 -7.49 8.71
C LEU D 272 -14.93 -8.22 9.03
N PRO D 273 -13.88 -8.23 8.19
CA PRO D 273 -12.59 -8.73 8.68
C PRO D 273 -11.96 -7.89 9.77
N ASN D 274 -12.39 -6.64 9.97
CA ASN D 274 -11.86 -5.87 11.09
C ASN D 274 -12.40 -6.40 12.42
N CYS D 275 -13.65 -6.85 12.43
CA CYS D 275 -14.28 -7.28 13.68
C CYS D 275 -13.86 -8.67 14.10
N LEU D 276 -13.60 -9.57 13.15
CA LEU D 276 -13.44 -10.98 13.44
C LEU D 276 -12.00 -11.46 13.48
N PHE D 277 -11.12 -10.90 12.67
CA PHE D 277 -9.77 -11.43 12.54
C PHE D 277 -8.93 -11.03 13.74
N ARG D 278 -8.42 -12.03 14.45
CA ARG D 278 -7.56 -11.84 15.61
C ARG D 278 -6.25 -12.59 15.39
N MET D 279 -5.37 -12.54 16.39
CA MET D 279 -4.06 -13.15 16.27
C MET D 279 -4.15 -14.67 16.47
N GLY D 280 -3.10 -15.35 16.04
CA GLY D 280 -3.02 -16.78 16.20
C GLY D 280 -2.04 -17.40 15.23
N ALA D 281 -1.60 -18.61 15.57
CA ALA D 281 -0.65 -19.36 14.76
C ALA D 281 -0.76 -20.83 15.17
N ALA D 282 -0.07 -21.69 14.43
CA ALA D 282 0.07 -23.10 14.75
C ALA D 282 1.27 -23.65 14.01
N ALA D 283 2.12 -24.39 14.72
CA ALA D 283 3.28 -25.04 14.12
C ALA D 283 3.10 -26.54 14.24
N ILE D 284 2.95 -27.21 13.11
CA ILE D 284 2.57 -28.62 13.04
C ILE D 284 3.79 -29.44 12.65
N LEU D 285 3.99 -30.56 13.31
CA LEU D 285 5.06 -31.49 12.97
C LEU D 285 4.44 -32.78 12.45
N LEU D 286 4.63 -33.06 11.17
CA LEU D 286 4.18 -34.29 10.55
C LEU D 286 5.38 -35.09 10.11
N SER D 287 5.29 -36.42 10.18
CA SER D 287 6.37 -37.26 9.74
C SER D 287 5.81 -38.58 9.26
N ASN D 288 6.62 -39.30 8.48
CA ASN D 288 6.26 -40.60 7.94
C ASN D 288 7.12 -41.71 8.51
N ARG D 289 7.92 -41.42 9.53
CA ARG D 289 8.81 -42.42 10.10
C ARG D 289 8.03 -43.46 10.88
N ARG D 290 8.50 -44.71 10.83
CA ARG D 290 7.87 -45.77 11.61
C ARG D 290 8.14 -45.63 13.09
N ARG D 291 9.22 -44.93 13.48
CA ARG D 291 9.50 -44.71 14.89
C ARG D 291 8.52 -43.74 15.52
N GLU D 292 7.93 -42.84 14.72
CA GLU D 292 6.94 -41.90 15.23
C GLU D 292 5.54 -42.48 15.20
N ALA D 293 5.37 -43.67 15.76
CA ALA D 293 4.06 -44.27 15.96
C ALA D 293 3.75 -44.53 17.42
N ARG D 294 4.77 -44.55 18.28
CA ARG D 294 4.58 -44.65 19.71
C ARG D 294 4.50 -43.28 20.37
N ARG D 295 5.09 -42.26 19.76
CA ARG D 295 5.12 -40.91 20.29
C ARG D 295 4.06 -40.00 19.69
N ALA D 296 3.60 -40.30 18.47
CA ALA D 296 2.71 -39.41 17.76
C ALA D 296 1.30 -39.48 18.34
N LYS D 297 0.51 -38.45 18.03
CA LYS D 297 -0.85 -38.32 18.54
C LYS D 297 -1.87 -38.83 17.54
N TYR D 298 -1.88 -38.28 16.33
CA TYR D 298 -2.87 -38.60 15.33
C TYR D 298 -2.21 -39.13 14.07
N ARG D 299 -2.96 -39.94 13.33
CA ARG D 299 -2.57 -40.36 12.00
C ARG D 299 -3.56 -39.78 11.00
N LEU D 300 -3.03 -39.26 9.90
CA LEU D 300 -3.85 -38.58 8.90
C LEU D 300 -4.56 -39.62 8.04
N VAL D 301 -5.90 -39.63 8.12
CA VAL D 301 -6.68 -40.62 7.39
C VAL D 301 -7.09 -40.06 6.03
N HIS D 302 -7.86 -38.97 6.03
CA HIS D 302 -8.35 -38.37 4.80
C HIS D 302 -8.09 -36.87 4.80
N VAL D 303 -7.84 -36.33 3.61
CA VAL D 303 -7.91 -34.89 3.36
C VAL D 303 -8.72 -34.70 2.09
N VAL D 304 -9.87 -34.05 2.20
CA VAL D 304 -10.80 -33.89 1.10
C VAL D 304 -10.88 -32.41 0.76
N ARG D 305 -10.54 -32.06 -0.48
CA ARG D 305 -10.53 -30.68 -0.95
C ARG D 305 -11.69 -30.46 -1.93
N THR D 306 -12.41 -29.36 -1.74
CA THR D 306 -13.51 -28.99 -2.60
C THR D 306 -13.36 -27.52 -2.97
N HIS D 307 -13.14 -27.23 -4.24
CA HIS D 307 -12.91 -25.88 -4.73
C HIS D 307 -14.11 -25.46 -5.57
N LYS D 308 -14.98 -24.64 -5.00
CA LYS D 308 -16.16 -24.16 -5.68
C LYS D 308 -15.89 -22.89 -6.49
N GLY D 309 -14.65 -22.63 -6.85
CA GLY D 309 -14.27 -21.39 -7.50
C GLY D 309 -14.67 -21.28 -8.95
N ALA D 310 -15.22 -22.34 -9.54
CA ALA D 310 -15.65 -22.29 -10.93
C ALA D 310 -16.92 -21.46 -11.08
N ASP D 311 -17.75 -21.40 -10.04
CA ASP D 311 -18.91 -20.53 -10.06
C ASP D 311 -18.46 -19.07 -9.93
N ASP D 312 -19.23 -18.18 -10.56
CA ASP D 312 -18.89 -16.76 -10.49
C ASP D 312 -19.39 -16.11 -9.22
N ARG D 313 -20.46 -16.65 -8.62
CA ARG D 313 -20.92 -16.13 -7.33
C ARG D 313 -19.98 -16.53 -6.22
N ALA D 314 -19.41 -17.74 -6.30
CA ALA D 314 -18.55 -18.24 -5.24
C ALA D 314 -17.14 -17.68 -5.35
N TYR D 315 -16.69 -17.33 -6.56
CA TYR D 315 -15.36 -16.78 -6.72
C TYR D 315 -15.28 -15.37 -6.16
N ARG D 316 -16.21 -14.50 -6.54
CA ARG D 316 -16.22 -13.11 -6.12
C ARG D 316 -17.03 -12.89 -4.85
N CYS D 317 -17.23 -13.92 -4.04
CA CYS D 317 -17.93 -13.75 -2.77
C CYS D 317 -17.01 -13.11 -1.73
N VAL D 318 -15.85 -13.72 -1.51
CA VAL D 318 -14.79 -13.15 -0.67
C VAL D 318 -13.73 -12.63 -1.63
N TYR D 319 -13.62 -11.31 -1.74
CA TYR D 319 -12.86 -10.68 -2.80
C TYR D 319 -12.07 -9.53 -2.23
N GLU D 320 -10.77 -9.47 -2.53
CA GLU D 320 -9.91 -8.39 -2.05
C GLU D 320 -10.00 -7.23 -3.03
N GLU D 321 -10.87 -6.28 -2.73
CA GLU D 321 -11.10 -5.14 -3.59
C GLU D 321 -10.27 -3.95 -3.13
N GLU D 322 -10.54 -2.79 -3.73
CA GLU D 322 -10.09 -1.49 -3.24
C GLU D 322 -11.27 -0.55 -3.31
N ASP D 323 -11.51 0.19 -2.24
CA ASP D 323 -12.71 1.02 -2.18
C ASP D 323 -12.47 2.33 -2.94
N GLU D 324 -13.39 3.28 -2.78
CA GLU D 324 -13.33 4.51 -3.56
C GLU D 324 -12.21 5.42 -3.09
N GLN D 325 -11.83 5.33 -1.83
CA GLN D 325 -10.73 6.14 -1.30
C GLN D 325 -9.37 5.50 -1.52
N GLY D 326 -9.32 4.25 -1.97
CA GLY D 326 -8.05 3.60 -2.25
C GLY D 326 -7.51 2.74 -1.14
N PHE D 327 -8.35 2.32 -0.19
CA PHE D 327 -7.91 1.48 0.91
C PHE D 327 -8.23 0.02 0.58
N SER D 328 -7.21 -0.82 0.59
CA SER D 328 -7.42 -2.23 0.29
C SER D 328 -8.10 -2.93 1.45
N GLY D 329 -8.65 -4.11 1.17
CA GLY D 329 -9.31 -4.90 2.19
C GLY D 329 -10.10 -6.02 1.57
N ILE D 330 -10.64 -6.86 2.43
CA ILE D 330 -11.38 -8.05 2.02
C ILE D 330 -12.86 -7.72 2.01
N SER D 331 -13.51 -7.88 0.87
CA SER D 331 -14.91 -7.49 0.70
C SER D 331 -15.77 -8.74 0.66
N LEU D 332 -16.41 -9.05 1.78
CA LEU D 332 -17.33 -10.19 1.84
C LEU D 332 -18.64 -9.81 1.16
N SER D 333 -19.18 -10.72 0.37
CA SER D 333 -20.44 -10.48 -0.31
C SER D 333 -21.60 -10.68 0.67
N LYS D 334 -22.80 -10.34 0.23
CA LYS D 334 -23.98 -10.44 1.08
C LYS D 334 -24.43 -11.88 1.26
N GLU D 335 -24.33 -12.69 0.21
CA GLU D 335 -24.72 -14.09 0.26
C GLU D 335 -23.56 -14.99 0.66
N LEU D 336 -22.95 -14.69 1.80
CA LEU D 336 -21.82 -15.47 2.29
C LEU D 336 -22.26 -16.82 2.83
N MET D 337 -23.46 -16.89 3.42
CA MET D 337 -23.90 -18.14 4.04
C MET D 337 -24.55 -19.07 3.04
N ALA D 338 -25.15 -18.54 1.97
CA ALA D 338 -25.73 -19.39 0.94
C ALA D 338 -24.68 -20.05 0.06
N ILE D 339 -23.46 -19.55 0.06
CA ILE D 339 -22.36 -20.18 -0.67
C ILE D 339 -21.56 -21.10 0.24
N ALA D 340 -21.30 -20.68 1.49
CA ALA D 340 -20.58 -21.50 2.44
C ALA D 340 -21.40 -22.67 2.96
N GLY D 341 -22.70 -22.71 2.70
CA GLY D 341 -23.52 -23.84 3.06
C GLY D 341 -23.63 -24.82 1.92
N ASP D 342 -23.34 -24.35 0.71
CA ASP D 342 -23.39 -25.17 -0.49
C ASP D 342 -22.02 -25.52 -1.05
N ALA D 343 -20.97 -24.84 -0.60
CA ALA D 343 -19.61 -25.32 -0.82
C ALA D 343 -19.18 -26.30 0.25
N LEU D 344 -19.95 -26.44 1.32
CA LEU D 344 -19.68 -27.38 2.40
C LEU D 344 -20.52 -28.63 2.28
N LYS D 345 -21.79 -28.51 1.90
CA LYS D 345 -22.59 -29.69 1.61
C LYS D 345 -22.20 -30.37 0.31
N SER D 346 -21.40 -29.70 -0.53
CA SER D 346 -20.72 -30.36 -1.63
C SER D 346 -19.43 -31.04 -1.18
N ASN D 347 -18.94 -30.72 0.02
CA ASN D 347 -17.81 -31.41 0.61
C ASN D 347 -18.24 -32.57 1.48
N ILE D 348 -19.47 -32.56 1.98
CA ILE D 348 -20.00 -33.68 2.74
C ILE D 348 -20.21 -34.89 1.83
N THR D 349 -20.67 -34.66 0.60
CA THR D 349 -20.97 -35.78 -0.29
C THR D 349 -19.72 -36.47 -0.84
N THR D 350 -18.60 -35.76 -0.91
CA THR D 350 -17.35 -36.41 -1.30
C THR D 350 -16.53 -36.87 -0.11
N ILE D 351 -17.12 -36.87 1.08
CA ILE D 351 -16.51 -37.48 2.26
C ILE D 351 -17.41 -38.52 2.90
N GLY D 352 -18.68 -38.58 2.50
CA GLY D 352 -19.61 -39.59 2.92
C GLY D 352 -19.21 -41.03 2.62
N PRO D 353 -18.85 -41.33 1.36
CA PRO D 353 -18.31 -42.67 1.06
C PRO D 353 -17.05 -43.05 1.83
N LEU D 354 -16.24 -42.08 2.25
CA LEU D 354 -14.99 -42.41 2.91
C LEU D 354 -15.20 -42.74 4.38
N VAL D 355 -15.92 -41.89 5.11
CA VAL D 355 -15.92 -41.94 6.57
C VAL D 355 -17.17 -42.58 7.16
N LEU D 356 -18.18 -42.85 6.37
CA LEU D 356 -19.35 -43.40 7.00
C LEU D 356 -19.25 -44.92 7.10
N PRO D 357 -19.93 -45.54 8.06
CA PRO D 357 -20.04 -46.99 8.05
C PRO D 357 -20.90 -47.47 6.89
N MET D 358 -20.80 -48.77 6.60
CA MET D 358 -21.58 -49.34 5.51
C MET D 358 -23.07 -49.37 5.85
N SER D 359 -23.41 -49.50 7.14
CA SER D 359 -24.81 -49.54 7.56
C SER D 359 -25.50 -48.19 7.39
N GLU D 360 -24.74 -47.09 7.33
CA GLU D 360 -25.32 -45.80 7.00
C GLU D 360 -25.38 -45.57 5.49
N GLN D 361 -24.34 -45.99 4.77
CA GLN D 361 -24.27 -45.75 3.34
C GLN D 361 -25.32 -46.55 2.57
N LEU D 362 -25.46 -47.84 2.90
CA LEU D 362 -26.42 -48.67 2.17
C LEU D 362 -27.85 -48.25 2.47
N LEU D 363 -28.13 -47.86 3.72
CA LEU D 363 -29.44 -47.31 4.05
C LEU D 363 -29.69 -45.99 3.33
N PHE D 364 -28.63 -45.18 3.16
CA PHE D 364 -28.78 -43.90 2.48
C PHE D 364 -29.10 -44.07 1.00
N PHE D 365 -28.39 -44.96 0.30
CA PHE D 365 -28.77 -45.07 -1.10
C PHE D 365 -29.95 -46.01 -1.33
N PHE D 366 -30.34 -46.83 -0.34
CA PHE D 366 -31.62 -47.52 -0.44
C PHE D 366 -32.79 -46.56 -0.26
N ARG D 367 -32.59 -45.49 0.51
CA ARG D 367 -33.60 -44.43 0.55
C ARG D 367 -33.48 -43.46 -0.61
N LEU D 368 -32.31 -43.37 -1.22
CA LEU D 368 -32.13 -42.51 -2.39
C LEU D 368 -32.68 -43.16 -3.66
N VAL D 369 -32.68 -44.49 -3.74
CA VAL D 369 -33.37 -45.14 -4.85
C VAL D 369 -34.88 -45.14 -4.63
N GLY D 370 -35.34 -44.92 -3.39
CA GLY D 370 -36.76 -44.80 -3.12
C GLY D 370 -37.38 -43.52 -3.60
N ARG D 371 -36.58 -42.48 -3.83
CA ARG D 371 -37.04 -41.23 -4.43
C ARG D 371 -36.70 -41.16 -5.91
N LYS D 372 -36.40 -42.29 -6.54
CA LYS D 372 -36.12 -42.35 -7.97
C LYS D 372 -37.25 -42.99 -8.77
N LEU D 373 -37.95 -43.98 -8.22
CA LEU D 373 -39.02 -44.66 -8.93
C LEU D 373 -40.41 -44.38 -8.37
N VAL D 374 -40.51 -43.92 -7.13
CA VAL D 374 -41.82 -43.70 -6.51
C VAL D 374 -42.31 -42.30 -6.86
N ASN D 375 -41.57 -41.28 -6.44
CA ASN D 375 -41.92 -39.91 -6.76
C ASN D 375 -40.64 -39.10 -6.91
N LYS D 376 -40.80 -37.82 -7.27
CA LYS D 376 -39.66 -36.94 -7.52
C LYS D 376 -39.22 -36.33 -6.19
N GLY D 377 -38.60 -37.15 -5.36
CA GLY D 377 -38.07 -36.70 -4.10
C GLY D 377 -38.93 -36.99 -2.89
N TRP D 378 -38.49 -37.90 -2.03
CA TRP D 378 -39.14 -38.16 -0.76
C TRP D 378 -38.53 -37.25 0.31
N ARG D 379 -38.82 -37.55 1.58
CA ARG D 379 -38.20 -36.84 2.69
C ARG D 379 -36.71 -37.16 2.74
N PRO D 380 -35.82 -36.17 2.60
CA PRO D 380 -34.39 -36.47 2.48
C PRO D 380 -33.74 -36.93 3.77
N TYR D 381 -33.33 -38.18 3.82
CA TYR D 381 -32.60 -38.70 4.97
C TYR D 381 -31.15 -38.23 4.92
N ILE D 382 -30.71 -37.57 5.98
CA ILE D 382 -29.35 -37.06 6.09
C ILE D 382 -28.50 -38.10 6.81
N PRO D 383 -27.32 -38.45 6.30
CA PRO D 383 -26.48 -39.43 7.00
C PRO D 383 -25.94 -38.87 8.30
N ASP D 384 -26.02 -39.69 9.36
CA ASP D 384 -25.53 -39.29 10.66
C ASP D 384 -24.00 -39.29 10.66
N PHE D 385 -23.41 -38.11 10.84
CA PHE D 385 -21.99 -38.03 11.08
C PHE D 385 -21.65 -38.12 12.55
N LYS D 386 -22.66 -38.10 13.43
CA LYS D 386 -22.42 -38.39 14.84
C LYS D 386 -22.06 -39.85 15.05
N LEU D 387 -22.51 -40.74 14.17
CA LEU D 387 -22.09 -42.13 14.16
C LEU D 387 -20.80 -42.34 13.38
N ALA D 388 -20.34 -41.34 12.65
CA ALA D 388 -19.10 -41.45 11.89
C ALA D 388 -17.91 -40.85 12.62
N PHE D 389 -18.12 -39.79 13.40
CA PHE D 389 -17.05 -39.13 14.13
C PHE D 389 -17.45 -38.99 15.59
N GLU D 390 -16.47 -38.61 16.41
CA GLU D 390 -16.72 -38.25 17.79
C GLU D 390 -16.30 -36.83 18.11
N HIS D 391 -15.48 -36.19 17.28
CA HIS D 391 -14.98 -34.86 17.55
C HIS D 391 -15.04 -34.03 16.28
N PHE D 392 -15.64 -32.85 16.36
CA PHE D 392 -15.83 -31.96 15.22
C PHE D 392 -15.11 -30.65 15.47
N CYS D 393 -14.27 -30.26 14.52
CA CYS D 393 -13.58 -28.97 14.57
C CYS D 393 -14.04 -28.15 13.37
N ILE D 394 -15.18 -27.49 13.51
CA ILE D 394 -15.67 -26.58 12.49
C ILE D 394 -14.86 -25.29 12.56
N HIS D 395 -14.51 -24.74 11.41
CA HIS D 395 -13.71 -23.52 11.35
C HIS D 395 -14.49 -22.35 11.93
N ALA D 396 -13.85 -21.61 12.83
CA ALA D 396 -14.51 -20.55 13.58
C ALA D 396 -14.50 -19.25 12.78
N GLY D 397 -15.22 -19.27 11.67
CA GLY D 397 -15.33 -18.10 10.83
C GLY D 397 -16.23 -17.05 11.44
N GLY D 398 -17.47 -17.44 11.71
CA GLY D 398 -18.40 -16.58 12.42
C GLY D 398 -19.37 -17.44 13.19
N ARG D 399 -20.23 -16.79 13.96
CA ARG D 399 -21.24 -17.53 14.71
C ARG D 399 -22.33 -18.07 13.80
N ALA D 400 -22.61 -17.38 12.69
CA ALA D 400 -23.71 -17.77 11.83
C ALA D 400 -23.40 -18.97 10.95
N VAL D 401 -22.16 -19.46 10.95
CA VAL D 401 -21.85 -20.69 10.23
C VAL D 401 -21.98 -21.90 11.13
N ILE D 402 -21.65 -21.74 12.41
CA ILE D 402 -21.64 -22.88 13.33
C ILE D 402 -23.06 -23.28 13.71
N ASP D 403 -23.97 -22.30 13.85
CA ASP D 403 -25.32 -22.63 14.27
C ASP D 403 -26.17 -23.24 13.15
N GLU D 404 -25.80 -23.02 11.90
CA GLU D 404 -26.52 -23.66 10.79
C GLU D 404 -25.94 -25.02 10.45
N LEU D 405 -24.64 -25.21 10.69
CA LEU D 405 -24.07 -26.55 10.57
C LEU D 405 -24.49 -27.45 11.71
N GLN D 406 -24.85 -26.86 12.85
CA GLN D 406 -25.54 -27.61 13.89
C GLN D 406 -26.96 -27.96 13.48
N LYS D 407 -27.55 -27.16 12.59
CA LYS D 407 -28.92 -27.42 12.14
C LYS D 407 -28.97 -28.52 11.09
N ASN D 408 -28.04 -28.50 10.12
CA ASN D 408 -28.03 -29.50 9.06
C ASN D 408 -27.60 -30.86 9.61
N LEU D 409 -26.39 -30.93 10.15
CA LEU D 409 -25.80 -32.18 10.60
C LEU D 409 -26.36 -32.66 11.93
N GLN D 410 -27.23 -31.87 12.57
CA GLN D 410 -27.93 -32.24 13.82
C GLN D 410 -26.96 -32.56 14.95
N LEU D 411 -25.86 -31.82 15.01
CA LEU D 411 -24.86 -32.04 16.04
C LEU D 411 -25.38 -31.58 17.40
N SER D 412 -24.86 -32.21 18.45
CA SER D 412 -25.16 -31.80 19.80
C SER D 412 -24.39 -30.52 20.13
N PRO D 413 -24.79 -29.80 21.18
CA PRO D 413 -23.96 -28.67 21.64
C PRO D 413 -22.62 -29.09 22.20
N ARG D 414 -22.44 -30.36 22.57
CA ARG D 414 -21.12 -30.84 22.96
C ARG D 414 -20.19 -30.97 21.75
N HIS D 415 -20.76 -31.24 20.58
CA HIS D 415 -19.93 -31.42 19.38
C HIS D 415 -19.44 -30.09 18.83
N VAL D 416 -20.26 -29.04 18.91
CA VAL D 416 -19.89 -27.73 18.40
C VAL D 416 -19.34 -26.87 19.53
N GLU D 417 -18.95 -27.51 20.63
CA GLU D 417 -18.42 -26.76 21.76
C GLU D 417 -17.01 -26.27 21.50
N ALA D 418 -16.23 -26.99 20.69
CA ALA D 418 -14.86 -26.59 20.41
C ALA D 418 -14.81 -25.32 19.57
N SER D 419 -15.65 -25.24 18.54
CA SER D 419 -15.64 -24.10 17.64
C SER D 419 -16.23 -22.86 18.30
N ARG D 420 -17.27 -23.02 19.12
CA ARG D 420 -17.87 -21.88 19.80
C ARG D 420 -16.92 -21.30 20.85
N MET D 421 -16.24 -22.14 21.60
CA MET D 421 -15.30 -21.66 22.60
C MET D 421 -13.98 -21.20 21.99
N THR D 422 -13.61 -21.66 20.80
CA THR D 422 -12.46 -21.08 20.12
C THR D 422 -12.81 -19.71 19.54
N LEU D 423 -14.02 -19.56 19.00
CA LEU D 423 -14.48 -18.25 18.55
C LEU D 423 -14.65 -17.29 19.73
N HIS D 424 -15.03 -17.81 20.89
CA HIS D 424 -15.22 -16.95 22.06
C HIS D 424 -13.89 -16.56 22.68
N ARG D 425 -12.96 -17.50 22.81
CA ARG D 425 -11.70 -17.19 23.46
C ARG D 425 -10.74 -16.47 22.51
N PHE D 426 -10.45 -17.07 21.37
CA PHE D 426 -9.43 -16.55 20.48
C PHE D 426 -9.97 -15.77 19.28
N GLY D 427 -11.24 -15.93 18.94
CA GLY D 427 -11.80 -15.25 17.80
C GLY D 427 -11.52 -15.98 16.49
N ASN D 428 -11.94 -15.37 15.40
CA ASN D 428 -11.65 -15.92 14.07
C ASN D 428 -10.18 -15.66 13.78
N THR D 429 -9.31 -16.58 14.19
CA THR D 429 -7.88 -16.32 14.21
C THR D 429 -7.30 -16.28 12.81
N SER D 430 -7.34 -17.40 12.12
CA SER D 430 -6.46 -17.61 10.98
C SER D 430 -7.03 -18.74 10.15
N SER D 431 -6.19 -19.30 9.27
CA SER D 431 -6.40 -20.64 8.75
C SER D 431 -6.16 -21.72 9.79
N SER D 432 -5.62 -21.38 10.97
CA SER D 432 -5.28 -22.32 12.01
C SER D 432 -6.21 -22.25 13.21
N SER D 433 -7.49 -21.98 12.99
CA SER D 433 -8.45 -22.07 14.08
C SER D 433 -8.80 -23.51 14.42
N LEU D 434 -8.61 -24.42 13.47
CA LEU D 434 -8.83 -25.84 13.72
C LEU D 434 -7.85 -26.40 14.73
N TRP D 435 -6.64 -25.84 14.79
CA TRP D 435 -5.68 -26.34 15.75
C TRP D 435 -5.96 -25.84 17.16
N TYR D 436 -6.53 -24.64 17.30
CA TYR D 436 -7.01 -24.22 18.61
C TYR D 436 -8.23 -25.02 19.03
N GLU D 437 -9.09 -25.42 18.09
CA GLU D 437 -10.21 -26.29 18.43
C GLU D 437 -9.73 -27.67 18.87
N LEU D 438 -8.72 -28.19 18.19
CA LEU D 438 -8.14 -29.48 18.56
C LEU D 438 -7.47 -29.40 19.93
N ALA D 439 -6.84 -28.27 20.22
CA ALA D 439 -6.26 -28.07 21.56
C ALA D 439 -7.34 -27.92 22.61
N TYR D 440 -8.53 -27.42 22.24
CA TYR D 440 -9.64 -27.39 23.19
C TYR D 440 -10.10 -28.79 23.51
N ILE D 441 -10.39 -29.60 22.49
CA ILE D 441 -10.87 -30.96 22.76
C ILE D 441 -9.78 -31.91 23.23
N GLU D 442 -8.52 -31.48 23.22
CA GLU D 442 -7.48 -32.21 23.94
C GLU D 442 -7.41 -31.78 25.40
N ALA D 443 -7.46 -30.47 25.65
CA ALA D 443 -7.22 -29.93 26.97
C ALA D 443 -8.34 -30.25 27.95
N LYS D 444 -9.55 -30.56 27.46
CA LYS D 444 -10.62 -31.01 28.33
C LYS D 444 -10.50 -32.48 28.69
N GLY D 445 -9.58 -33.21 28.07
CA GLY D 445 -9.42 -34.62 28.33
C GLY D 445 -10.39 -35.51 27.58
N ARG D 446 -11.13 -34.97 26.62
CA ARG D 446 -12.13 -35.73 25.88
C ARG D 446 -11.55 -36.46 24.68
N MET D 447 -10.25 -36.39 24.47
CA MET D 447 -9.60 -37.04 23.33
C MET D 447 -9.05 -38.38 23.80
N ARG D 448 -9.81 -39.44 23.58
CA ARG D 448 -9.38 -40.78 23.96
C ARG D 448 -8.61 -41.42 22.82
N ARG D 449 -8.31 -42.71 22.94
CA ARG D 449 -7.61 -43.44 21.90
C ARG D 449 -8.59 -43.98 20.87
N GLY D 450 -8.24 -43.85 19.60
CA GLY D 450 -9.12 -44.31 18.55
C GLY D 450 -10.33 -43.44 18.32
N ASP D 451 -10.24 -42.16 18.65
CA ASP D 451 -11.30 -41.21 18.37
C ASP D 451 -11.05 -40.53 17.03
N ARG D 452 -12.12 -40.24 16.31
CA ARG D 452 -12.04 -39.70 14.96
C ARG D 452 -12.42 -38.22 14.99
N VAL D 453 -11.53 -37.39 14.43
CA VAL D 453 -11.67 -35.94 14.47
C VAL D 453 -11.96 -35.43 13.07
N TRP D 454 -12.95 -34.54 12.94
CA TRP D 454 -13.28 -33.92 11.68
C TRP D 454 -12.92 -32.44 11.73
N GLN D 455 -12.14 -31.98 10.77
CA GLN D 455 -11.67 -30.60 10.70
C GLN D 455 -12.16 -29.96 9.41
N ILE D 456 -13.28 -29.24 9.49
CA ILE D 456 -13.87 -28.56 8.33
C ILE D 456 -13.32 -27.16 8.24
N GLY D 457 -12.80 -26.80 7.07
CA GLY D 457 -12.24 -25.46 6.89
C GLY D 457 -12.56 -24.84 5.55
N PHE D 458 -13.10 -23.62 5.57
CA PHE D 458 -13.56 -22.92 4.38
C PHE D 458 -12.90 -21.55 4.31
N GLY D 459 -12.71 -21.04 3.10
CA GLY D 459 -11.93 -19.82 2.89
C GLY D 459 -12.33 -19.05 1.66
N SER D 460 -11.33 -18.54 0.94
CA SER D 460 -11.52 -17.59 -0.15
C SER D 460 -11.17 -18.24 -1.48
N GLY D 461 -11.93 -17.87 -2.52
CA GLY D 461 -12.13 -18.72 -3.68
C GLY D 461 -13.10 -19.82 -3.44
N PHE D 462 -13.66 -19.88 -2.23
CA PHE D 462 -14.36 -20.98 -1.59
C PHE D 462 -13.80 -22.35 -1.88
N LYS D 463 -12.51 -22.51 -1.63
CA LYS D 463 -11.97 -23.80 -1.30
C LYS D 463 -12.49 -24.20 0.07
N CYS D 464 -13.11 -25.37 0.17
CA CYS D 464 -13.66 -25.87 1.43
C CYS D 464 -13.02 -27.21 1.72
N ASN D 465 -11.85 -27.20 2.34
CA ASN D 465 -11.10 -28.41 2.61
C ASN D 465 -11.54 -29.03 3.93
N SER D 466 -11.43 -30.36 4.00
CA SER D 466 -11.73 -31.09 5.23
C SER D 466 -10.62 -32.09 5.48
N ALA D 467 -10.54 -32.56 6.72
CA ALA D 467 -9.51 -33.51 7.11
C ALA D 467 -10.03 -34.40 8.23
N VAL D 468 -9.65 -35.67 8.18
CA VAL D 468 -10.08 -36.66 9.15
C VAL D 468 -8.84 -37.24 9.82
N TRP D 469 -8.81 -37.18 11.14
CA TRP D 469 -7.73 -37.75 11.92
C TRP D 469 -8.25 -38.91 12.76
N LYS D 470 -7.31 -39.66 13.32
CA LYS D 470 -7.63 -40.75 14.26
C LYS D 470 -6.58 -40.74 15.35
N CYS D 471 -7.02 -40.73 16.60
CA CYS D 471 -6.09 -40.60 17.72
C CYS D 471 -5.41 -41.92 18.02
N LEU D 472 -4.09 -41.85 18.24
CA LEU D 472 -3.28 -43.04 18.50
C LEU D 472 -2.99 -43.28 19.97
N ARG D 473 -2.87 -42.22 20.77
CA ARG D 473 -2.70 -42.37 22.21
C ARG D 473 -3.52 -41.31 22.92
N SER D 474 -4.11 -41.70 24.05
CA SER D 474 -4.97 -40.80 24.80
C SER D 474 -4.17 -39.65 25.40
N ILE D 475 -4.72 -38.44 25.29
CA ILE D 475 -4.03 -37.23 25.69
C ILE D 475 -4.40 -36.88 27.11
N LYS D 476 -3.40 -36.61 27.95
CA LYS D 476 -3.63 -36.26 29.33
C LYS D 476 -4.15 -34.83 29.45
N THR D 477 -4.70 -34.51 30.62
CA THR D 477 -5.41 -33.24 30.81
C THR D 477 -4.47 -32.03 30.91
N PRO D 478 -3.30 -32.08 31.64
CA PRO D 478 -2.35 -30.97 31.47
C PRO D 478 -1.57 -31.13 30.17
N THR D 479 -1.88 -30.27 29.20
CA THR D 479 -1.37 -30.41 27.85
C THR D 479 -0.41 -29.27 27.48
N ASN D 480 -0.23 -28.30 28.39
CA ASN D 480 0.55 -27.07 28.26
C ASN D 480 0.43 -26.38 26.91
N GLY D 481 -0.78 -26.32 26.37
CA GLY D 481 -1.03 -25.69 25.09
C GLY D 481 -1.42 -24.23 25.22
N PRO D 482 -2.42 -23.81 24.46
CA PRO D 482 -2.89 -22.42 24.55
C PRO D 482 -4.12 -22.21 25.43
N TRP D 483 -4.56 -23.23 26.17
CA TRP D 483 -5.81 -23.15 26.89
C TRP D 483 -5.67 -23.27 28.40
N ASP D 484 -4.45 -23.34 28.93
CA ASP D 484 -4.22 -23.90 30.27
C ASP D 484 -4.80 -23.03 31.38
N ASP D 485 -4.63 -21.72 31.29
CA ASP D 485 -5.12 -20.85 32.37
C ASP D 485 -6.63 -20.66 32.34
N CYS D 486 -7.30 -20.99 31.22
CA CYS D 486 -8.72 -20.69 31.11
C CYS D 486 -9.56 -21.92 30.80
N ILE D 487 -9.00 -23.13 30.90
CA ILE D 487 -9.77 -24.32 30.56
C ILE D 487 -10.68 -24.74 31.70
N HIS D 488 -10.49 -24.21 32.90
CA HIS D 488 -11.37 -24.50 34.02
C HIS D 488 -12.52 -23.52 34.14
N ARG D 489 -12.64 -22.58 33.20
CA ARG D 489 -13.74 -21.62 33.18
C ARG D 489 -14.56 -21.76 31.90
N TYR D 490 -14.35 -22.85 31.17
CA TYR D 490 -14.97 -23.09 29.88
C TYR D 490 -15.65 -24.44 29.88
N PRO D 491 -16.82 -24.59 29.24
CA PRO D 491 -17.54 -23.61 28.40
C PRO D 491 -18.37 -22.59 29.16
N VAL D 492 -18.53 -21.42 28.56
CA VAL D 492 -19.34 -20.33 29.12
C VAL D 492 -20.61 -20.21 28.30
N ASP D 493 -21.66 -19.71 28.92
CA ASP D 493 -22.85 -19.34 28.17
C ASP D 493 -22.55 -18.14 27.29
N VAL D 494 -22.55 -18.36 25.98
CA VAL D 494 -22.28 -17.33 24.99
C VAL D 494 -23.62 -16.76 24.56
N PRO D 495 -23.95 -15.51 24.92
CA PRO D 495 -25.29 -14.99 24.63
C PRO D 495 -25.47 -14.61 23.17
N GLU D 496 -26.70 -14.27 22.79
CA GLU D 496 -26.98 -13.84 21.43
C GLU D 496 -26.44 -12.45 21.14
N VAL D 497 -26.75 -11.48 22.00
CA VAL D 497 -26.28 -10.10 21.86
C VAL D 497 -25.51 -9.74 23.12
N VAL D 498 -24.38 -9.05 22.96
CA VAL D 498 -23.69 -8.46 24.10
C VAL D 498 -24.46 -7.23 24.54
N LYS D 499 -24.83 -7.21 25.83
CA LYS D 499 -25.72 -6.17 26.36
C LYS D 499 -24.96 -4.85 26.48
N LEU D 500 -24.96 -4.10 25.39
CA LEU D 500 -24.43 -2.75 25.37
C LEU D 500 -25.13 -1.98 24.24
#